data_5IT1
#
_entry.id   5IT1
#
_cell.length_a   123.0230
_cell.length_b   122.9410
_cell.length_c   193.2870
_cell.angle_alpha   90.0000
_cell.angle_beta   90.0280
_cell.angle_gamma   90.0000
#
_symmetry.space_group_name_H-M   'C 1 2 1'
#
loop_
_entity.id
_entity.type
_entity.pdbx_description
1 polymer 'Putative cytochrome P450'
2 non-polymer 'PROTOPORPHYRIN IX CONTAINING FE'
3 non-polymer "4,4'-PROPANE-2,2-DIYLDIPHENOL"
4 water water
#
_entity_poly.entity_id   1
_entity_poly.type   'polypeptide(L)'
_entity_poly.pdbx_seq_one_letter_code
;MSQPTAGAPAAPKARSCPFLPPDGIADIRAAAPVTRATFTSGHEAWLVTGYEQVRAVLRDPSFSVGVPHALHTQDGVVTQ
KPGRGSLLWQDAPEHTDDRKLLAKEFTVRRMQALRPNIQRIVDEHLDAIEARGGPVDLVKTFANPVPSMVISDLFGVPAE
RRAEFQEIAEAMMRVDQDAAATEAAGMRLGGLLYQLVQERRANPGDDLISALITTEDPDGVIDDMFLMNAAGTLLIAAHD
TTACMIGLGTALLLDRPDQLALLQKDPSLIGNAVEELLRYLTIGQFGAERVATQDGEIGGVRIAKGEQVVTHLLSADFDP
AFVEDPERFDITRRPAPHLAFGFGAHQCIGQQLARIELQIVFGTLFRRFPTLRLAKPVEELRFRNDMVFYGVHELPVTW
;
_entity_poly.pdbx_strand_id   A,B,C,D
#
loop_
_chem_comp.id
_chem_comp.type
_chem_comp.name
_chem_comp.formula
2OH non-polymer 4,4'-PROPANE-2,2-DIYLDIPHENOL 'C15 H16 O2'
HEM non-polymer 'PROTOPORPHYRIN IX CONTAINING FE' 'C34 H32 Fe N4 O4'
#
# COMPACT_ATOMS: atom_id res chain seq x y z
N THR A 5 -3.82 19.75 -57.26
CA THR A 5 -2.89 20.93 -57.16
C THR A 5 -1.56 20.46 -56.51
N ALA A 6 -0.73 21.43 -56.15
CA ALA A 6 0.48 21.17 -55.41
C ALA A 6 0.34 21.40 -53.88
N GLY A 7 -0.91 21.41 -53.39
CA GLY A 7 -1.24 21.67 -51.97
C GLY A 7 -0.66 20.60 -51.06
N ALA A 8 -0.32 20.98 -49.82
CA ALA A 8 0.15 19.99 -48.86
C ALA A 8 -1.00 19.04 -48.56
N PRO A 9 -0.69 17.82 -48.11
CA PRO A 9 -1.78 16.89 -47.83
C PRO A 9 -2.71 17.36 -46.71
N ALA A 10 -3.94 16.89 -46.79
CA ALA A 10 -4.99 17.17 -45.88
C ALA A 10 -4.55 16.84 -44.47
N ALA A 11 -4.95 17.67 -43.52
CA ALA A 11 -4.59 17.41 -42.12
C ALA A 11 -5.37 16.20 -41.73
N PRO A 12 -4.73 15.22 -41.11
CA PRO A 12 -5.47 14.02 -40.63
C PRO A 12 -6.63 14.32 -39.68
N LYS A 13 -7.78 13.69 -39.92
CA LYS A 13 -9.01 13.82 -39.16
C LYS A 13 -9.71 12.50 -38.89
N ALA A 14 -9.63 11.52 -39.78
CA ALA A 14 -10.31 10.24 -39.50
C ALA A 14 -9.73 9.44 -38.30
N ARG A 15 -10.66 8.88 -37.53
CA ARG A 15 -10.37 8.08 -36.35
C ARG A 15 -10.99 6.69 -36.55
N SER A 16 -10.17 5.67 -36.61
CA SER A 16 -10.73 4.30 -36.58
C SER A 16 -11.17 3.93 -35.16
N CYS A 17 -10.56 4.55 -34.17
CA CYS A 17 -10.85 4.39 -32.72
C CYS A 17 -11.31 5.74 -32.11
N PRO A 18 -12.52 5.79 -31.59
CA PRO A 18 -13.17 7.02 -31.26
C PRO A 18 -12.64 7.76 -30.00
N PHE A 19 -11.86 7.10 -29.15
CA PHE A 19 -11.20 7.73 -27.98
C PHE A 19 -9.74 7.99 -28.25
N LEU A 20 -9.31 7.82 -29.49
CA LEU A 20 -7.92 8.12 -29.84
C LEU A 20 -7.85 9.22 -30.90
N PRO A 21 -6.73 9.94 -31.00
CA PRO A 21 -6.57 10.91 -32.08
C PRO A 21 -6.70 10.29 -33.47
N PRO A 22 -6.84 11.15 -34.48
CA PRO A 22 -6.85 10.59 -35.85
C PRO A 22 -5.61 9.83 -36.11
N ASP A 23 -5.83 8.68 -36.74
CA ASP A 23 -4.81 7.67 -37.14
C ASP A 23 -3.58 8.26 -37.77
N GLY A 24 -3.73 9.21 -38.68
CA GLY A 24 -2.52 9.79 -39.34
C GLY A 24 -1.55 10.63 -38.50
N ILE A 25 -1.98 11.09 -37.32
CA ILE A 25 -1.21 12.09 -36.60
C ILE A 25 0.11 11.56 -36.18
N ALA A 26 0.10 10.36 -35.63
CA ALA A 26 1.35 9.80 -35.05
C ALA A 26 2.56 9.80 -35.97
N ASP A 27 2.31 9.30 -37.19
CA ASP A 27 3.34 9.23 -38.24
C ASP A 27 3.86 10.62 -38.63
N ILE A 28 2.94 11.59 -38.76
CA ILE A 28 3.39 12.97 -38.96
C ILE A 28 4.19 13.54 -37.83
N ARG A 29 3.64 13.39 -36.60
CA ARG A 29 4.26 14.01 -35.43
C ARG A 29 5.70 13.48 -35.29
N ALA A 30 5.84 12.18 -35.45
CA ALA A 30 7.14 11.54 -35.30
C ALA A 30 8.14 12.01 -36.35
N ALA A 31 7.73 12.04 -37.63
CA ALA A 31 8.65 12.42 -38.68
C ALA A 31 8.79 13.95 -38.82
N ALA A 32 7.66 14.66 -38.65
CA ALA A 32 7.64 16.10 -38.96
C ALA A 32 6.74 16.94 -38.05
N PRO A 33 7.19 17.24 -36.87
CA PRO A 33 6.29 17.85 -35.86
C PRO A 33 5.85 19.30 -36.22
N VAL A 34 6.51 19.90 -37.20
CA VAL A 34 6.12 21.13 -37.88
C VAL A 34 6.09 20.80 -39.40
N THR A 35 4.93 20.80 -40.03
CA THR A 35 4.82 20.51 -41.44
C THR A 35 3.72 21.34 -42.09
N ARG A 36 3.45 21.21 -43.41
CA ARG A 36 2.27 21.90 -43.98
C ARG A 36 1.20 20.94 -44.25
N ALA A 37 -0.02 21.46 -44.21
CA ALA A 37 -1.23 20.68 -44.45
C ALA A 37 -2.33 21.56 -44.97
N THR A 38 -3.40 20.94 -45.43
CA THR A 38 -4.46 21.64 -46.01
C THR A 38 -5.61 21.35 -45.14
N PHE A 39 -6.35 22.40 -44.82
CA PHE A 39 -7.40 22.29 -43.81
C PHE A 39 -8.76 22.30 -44.47
N THR A 40 -9.79 22.18 -43.68
CA THR A 40 -11.17 22.08 -44.15
C THR A 40 -11.57 23.17 -45.17
N SER A 41 -11.03 24.38 -45.03
CA SER A 41 -11.35 25.53 -45.87
C SER A 41 -10.70 25.45 -47.30
N GLY A 42 -9.76 24.54 -47.49
CA GLY A 42 -8.98 24.41 -48.73
C GLY A 42 -7.68 25.15 -48.49
N HIS A 43 -7.57 25.96 -47.46
CA HIS A 43 -6.29 26.67 -47.30
C HIS A 43 -5.24 25.79 -46.69
N GLU A 44 -4.01 26.16 -46.92
CA GLU A 44 -2.88 25.45 -46.46
C GLU A 44 -2.27 26.29 -45.34
N ALA A 45 -1.77 25.64 -44.30
CA ALA A 45 -1.08 26.36 -43.22
C ALA A 45 -0.13 25.47 -42.50
N TRP A 46 0.67 26.02 -41.61
CA TRP A 46 1.55 25.18 -40.84
C TRP A 46 0.74 24.37 -39.84
N LEU A 47 1.18 23.15 -39.62
CA LEU A 47 0.50 22.21 -38.75
C LEU A 47 1.61 21.80 -37.82
N VAL A 48 1.41 22.16 -36.55
CA VAL A 48 2.36 21.84 -35.49
C VAL A 48 1.75 20.79 -34.61
N THR A 49 2.40 19.61 -34.56
CA THR A 49 1.90 18.47 -33.85
C THR A 49 2.71 18.01 -32.64
N GLY A 50 3.95 18.43 -32.48
CA GLY A 50 4.72 17.92 -31.35
C GLY A 50 4.56 18.80 -30.14
N TYR A 51 4.66 18.20 -28.94
CA TYR A 51 4.41 18.92 -27.70
C TYR A 51 5.29 20.05 -27.55
N GLU A 52 6.57 19.83 -27.65
CA GLU A 52 7.45 20.95 -27.42
C GLU A 52 7.25 22.13 -28.39
N GLN A 53 6.98 21.83 -29.66
CA GLN A 53 6.84 22.91 -30.66
C GLN A 53 5.47 23.64 -30.45
N VAL A 54 4.42 22.92 -30.10
CA VAL A 54 3.15 23.58 -29.77
C VAL A 54 3.37 24.55 -28.61
N ARG A 55 4.04 24.11 -27.57
CA ARG A 55 4.35 25.06 -26.52
C ARG A 55 5.22 26.22 -26.91
N ALA A 56 6.22 25.98 -27.73
CA ALA A 56 7.00 27.12 -28.26
C ALA A 56 6.12 28.10 -29.06
N VAL A 57 5.17 27.60 -29.83
CA VAL A 57 4.38 28.61 -30.58
C VAL A 57 3.52 29.41 -29.59
N LEU A 58 2.84 28.72 -28.69
CA LEU A 58 1.91 29.36 -27.83
C LEU A 58 2.48 30.29 -26.82
N ARG A 59 3.73 30.15 -26.45
CA ARG A 59 4.32 31.05 -25.48
C ARG A 59 4.93 32.22 -26.15
N ASP A 60 5.02 32.26 -27.48
CA ASP A 60 5.72 33.34 -28.14
C ASP A 60 4.70 34.49 -28.28
N PRO A 61 4.94 35.61 -27.57
CA PRO A 61 3.95 36.70 -27.56
C PRO A 61 3.77 37.40 -28.92
N SER A 62 4.60 37.12 -29.92
CA SER A 62 4.39 37.75 -31.26
C SER A 62 3.37 37.08 -32.18
N PHE A 63 2.92 35.88 -31.88
CA PHE A 63 1.80 35.30 -32.64
C PHE A 63 0.48 36.04 -32.36
N SER A 64 -0.39 36.12 -33.36
CA SER A 64 -1.60 36.87 -33.18
C SER A 64 -2.73 35.92 -33.32
N VAL A 65 -3.83 36.23 -32.64
CA VAL A 65 -5.01 35.43 -32.75
C VAL A 65 -5.91 36.05 -33.81
N GLY A 66 -5.56 37.23 -34.29
CA GLY A 66 -6.29 37.80 -35.44
C GLY A 66 -5.92 37.14 -36.79
N VAL A 67 -6.49 35.99 -37.12
CA VAL A 67 -5.98 35.25 -38.29
C VAL A 67 -6.63 35.58 -39.65
N PRO A 68 -5.92 35.36 -40.77
CA PRO A 68 -6.52 35.70 -42.06
C PRO A 68 -7.62 34.71 -42.50
N HIS A 69 -7.52 33.44 -42.17
CA HIS A 69 -8.61 32.53 -42.47
C HIS A 69 -9.06 31.71 -41.30
N ALA A 70 -10.30 31.27 -41.43
CA ALA A 70 -10.94 30.35 -40.60
C ALA A 70 -10.83 28.95 -41.21
N LEU A 71 -9.72 28.29 -40.90
CA LEU A 71 -9.36 27.05 -41.54
C LEU A 71 -10.28 25.89 -41.30
N HIS A 72 -11.02 25.86 -40.19
CA HIS A 72 -11.83 24.71 -39.88
C HIS A 72 -13.27 24.86 -40.37
N THR A 73 -13.58 25.92 -41.11
CA THR A 73 -14.88 26.08 -41.71
C THR A 73 -14.79 25.78 -43.22
N GLN A 74 -15.93 25.50 -43.83
CA GLN A 74 -16.03 25.21 -45.29
C GLN A 74 -15.56 26.38 -46.17
N ASP A 75 -15.98 27.58 -45.84
CA ASP A 75 -15.67 28.71 -46.73
C ASP A 75 -14.42 29.48 -46.34
N GLY A 76 -13.87 29.20 -45.16
CA GLY A 76 -12.67 29.91 -44.69
C GLY A 76 -12.82 31.36 -44.28
N VAL A 77 -14.07 31.83 -44.21
CA VAL A 77 -14.32 33.27 -43.96
C VAL A 77 -14.32 33.55 -42.45
N VAL A 78 -13.48 34.47 -42.02
CA VAL A 78 -13.38 34.87 -40.60
C VAL A 78 -14.52 35.84 -40.34
N THR A 79 -15.46 35.50 -39.50
CA THR A 79 -16.60 36.38 -39.32
C THR A 79 -16.24 37.52 -38.38
N GLN A 80 -17.16 38.44 -38.24
CA GLN A 80 -17.01 39.52 -37.31
C GLN A 80 -17.09 39.06 -35.88
N LYS A 81 -16.30 39.74 -35.07
CA LYS A 81 -16.10 39.30 -33.67
C LYS A 81 -16.50 40.38 -32.69
N PRO A 82 -16.81 40.01 -31.45
CA PRO A 82 -17.06 41.01 -30.43
C PRO A 82 -15.83 41.78 -30.07
N GLY A 83 -16.02 42.86 -29.32
CA GLY A 83 -14.94 43.79 -29.02
C GLY A 83 -14.38 43.58 -27.60
N ARG A 84 -13.81 44.61 -27.05
CA ARG A 84 -13.14 44.60 -25.77
C ARG A 84 -13.83 43.95 -24.66
N GLY A 85 -13.08 43.10 -23.96
CA GLY A 85 -13.65 42.26 -22.91
C GLY A 85 -13.97 40.87 -23.35
N SER A 86 -14.10 40.60 -24.68
CA SER A 86 -14.30 39.23 -25.16
C SER A 86 -13.08 38.31 -25.20
N LEU A 87 -11.88 38.88 -25.22
CA LEU A 87 -10.56 38.26 -25.08
C LEU A 87 -10.12 37.37 -26.26
N LEU A 88 -10.97 36.51 -26.77
CA LEU A 88 -10.49 35.40 -27.59
C LEU A 88 -9.79 35.86 -28.85
N TRP A 89 -10.16 37.02 -29.37
CA TRP A 89 -9.68 37.54 -30.62
C TRP A 89 -8.94 38.81 -30.42
N GLN A 90 -8.53 39.13 -29.20
CA GLN A 90 -7.78 40.34 -28.93
C GLN A 90 -6.30 40.04 -28.86
N ASP A 91 -5.47 40.99 -29.17
CA ASP A 91 -4.05 40.81 -29.03
C ASP A 91 -3.55 41.86 -28.06
N ALA A 92 -2.29 41.80 -27.66
CA ALA A 92 -1.71 42.79 -26.80
C ALA A 92 -1.60 44.11 -27.52
N PRO A 93 -1.57 45.25 -26.77
CA PRO A 93 -1.69 45.37 -25.30
C PRO A 93 -3.10 45.33 -24.76
N GLU A 94 -4.09 45.49 -25.63
CA GLU A 94 -5.43 45.46 -25.11
C GLU A 94 -5.82 44.14 -24.49
N HIS A 95 -5.42 43.02 -25.07
CA HIS A 95 -5.75 41.70 -24.49
C HIS A 95 -5.17 41.59 -23.08
N THR A 96 -3.95 42.09 -22.88
CA THR A 96 -3.26 41.98 -21.62
C THR A 96 -3.99 42.77 -20.52
N ASP A 97 -4.31 44.03 -20.84
CA ASP A 97 -5.07 44.93 -19.98
C ASP A 97 -6.44 44.42 -19.71
N ASP A 98 -7.13 43.95 -20.70
CA ASP A 98 -8.53 43.51 -20.43
C ASP A 98 -8.63 42.19 -19.66
N ARG A 99 -7.67 41.30 -19.89
CA ARG A 99 -7.68 40.06 -19.18
C ARG A 99 -7.33 40.29 -17.69
N LYS A 100 -6.40 41.20 -17.42
CA LYS A 100 -5.93 41.48 -16.04
C LYS A 100 -7.07 42.09 -15.22
N LEU A 101 -7.86 42.94 -15.84
CA LEU A 101 -9.06 43.47 -15.24
C LEU A 101 -10.10 42.41 -14.93
N LEU A 102 -10.32 41.51 -15.86
CA LEU A 102 -11.32 40.45 -15.63
C LEU A 102 -10.79 39.51 -14.54
N ALA A 103 -9.49 39.23 -14.60
CA ALA A 103 -8.90 38.32 -13.64
C ALA A 103 -8.82 38.90 -12.21
N LYS A 104 -9.07 40.19 -12.07
CA LYS A 104 -9.07 40.83 -10.75
C LYS A 104 -10.24 40.38 -9.95
N GLU A 105 -11.36 40.09 -10.62
CA GLU A 105 -12.50 39.61 -9.92
C GLU A 105 -12.78 38.16 -10.21
N PHE A 106 -12.39 37.67 -11.39
CA PHE A 106 -12.56 36.27 -11.70
C PHE A 106 -11.36 35.51 -11.22
N THR A 107 -11.29 35.27 -9.91
CA THR A 107 -10.03 34.74 -9.31
C THR A 107 -10.15 33.30 -9.05
N VAL A 108 -9.02 32.65 -8.84
CA VAL A 108 -9.05 31.25 -8.49
C VAL A 108 -9.82 31.07 -7.14
N ARG A 109 -9.68 32.05 -6.27
CA ARG A 109 -10.36 32.00 -4.98
C ARG A 109 -11.87 32.07 -5.24
N ARG A 110 -12.35 32.98 -6.09
CA ARG A 110 -13.80 32.96 -6.37
C ARG A 110 -14.25 31.62 -7.00
N MET A 111 -13.37 30.97 -7.75
CA MET A 111 -13.76 29.69 -8.38
C MET A 111 -13.84 28.57 -7.34
N GLN A 112 -12.84 28.49 -6.48
CA GLN A 112 -12.93 27.50 -5.36
C GLN A 112 -14.15 27.75 -4.49
N ALA A 113 -14.46 29.00 -4.22
CA ALA A 113 -15.64 29.31 -3.45
C ALA A 113 -16.94 28.76 -4.04
N LEU A 114 -16.98 28.44 -5.33
CA LEU A 114 -18.24 27.95 -5.94
C LEU A 114 -18.47 26.49 -5.71
N ARG A 115 -17.49 25.81 -5.11
CA ARG A 115 -17.66 24.36 -4.85
C ARG A 115 -18.98 23.88 -4.31
N PRO A 116 -19.44 24.44 -3.18
CA PRO A 116 -20.72 24.02 -2.66
C PRO A 116 -21.88 24.26 -3.59
N ASN A 117 -21.85 25.41 -4.28
CA ASN A 117 -22.91 25.71 -5.34
C ASN A 117 -22.96 24.64 -6.43
N ILE A 118 -21.77 24.25 -6.85
CA ILE A 118 -21.65 23.25 -7.89
C ILE A 118 -22.14 21.92 -7.44
N GLN A 119 -21.83 21.62 -6.18
CA GLN A 119 -22.23 20.32 -5.65
C GLN A 119 -23.77 20.25 -5.61
N ARG A 120 -24.40 21.36 -5.21
CA ARG A 120 -25.88 21.42 -5.17
C ARG A 120 -26.42 21.29 -6.56
N ILE A 121 -25.89 22.03 -7.54
CA ILE A 121 -26.39 21.90 -8.91
C ILE A 121 -26.26 20.48 -9.41
N VAL A 122 -25.10 19.87 -9.18
CA VAL A 122 -24.89 18.49 -9.62
C VAL A 122 -25.84 17.47 -8.97
N ASP A 123 -26.01 17.62 -7.66
CA ASP A 123 -26.91 16.76 -6.93
C ASP A 123 -28.36 16.90 -7.34
N GLU A 124 -28.89 18.12 -7.53
CA GLU A 124 -30.26 18.31 -8.04
C GLU A 124 -30.44 17.65 -9.40
N HIS A 125 -29.50 17.78 -10.34
CA HIS A 125 -29.73 17.15 -11.64
C HIS A 125 -29.73 15.63 -11.53
N LEU A 126 -28.86 15.09 -10.68
CA LEU A 126 -28.94 13.63 -10.48
C LEU A 126 -30.17 13.16 -9.67
N ASP A 127 -30.69 13.91 -8.68
CA ASP A 127 -31.94 13.49 -8.03
C ASP A 127 -33.11 13.36 -9.02
N ALA A 128 -33.13 14.25 -10.01
CA ALA A 128 -34.16 14.14 -11.06
C ALA A 128 -33.94 12.94 -11.96
N ILE A 129 -32.68 12.66 -12.29
CA ILE A 129 -32.44 11.51 -13.13
C ILE A 129 -32.85 10.25 -12.34
N GLU A 130 -32.53 10.24 -11.07
CA GLU A 130 -32.79 9.12 -10.20
C GLU A 130 -34.30 8.89 -9.99
N ALA A 131 -35.02 9.95 -9.67
CA ALA A 131 -36.44 9.87 -9.40
C ALA A 131 -37.17 9.21 -10.57
N ARG A 132 -36.72 9.42 -11.79
CA ARG A 132 -37.41 8.80 -12.91
C ARG A 132 -36.71 7.58 -13.54
N GLY A 133 -35.56 7.16 -13.02
CA GLY A 133 -34.96 5.85 -13.40
C GLY A 133 -34.43 5.65 -14.83
N GLY A 134 -33.62 4.61 -15.00
CA GLY A 134 -33.00 4.33 -16.32
C GLY A 134 -33.99 3.90 -17.41
N PRO A 135 -33.60 3.95 -18.69
CA PRO A 135 -32.41 4.61 -19.23
C PRO A 135 -32.71 6.09 -19.43
N VAL A 136 -31.63 6.88 -19.55
CA VAL A 136 -31.73 8.31 -19.81
C VAL A 136 -30.55 8.73 -20.66
N ASP A 137 -30.74 9.79 -21.41
CA ASP A 137 -29.68 10.41 -22.12
C ASP A 137 -28.94 11.34 -21.16
N LEU A 138 -27.70 10.99 -20.81
CA LEU A 138 -26.94 11.79 -19.85
C LEU A 138 -26.61 13.15 -20.44
N VAL A 139 -26.50 13.23 -21.77
CA VAL A 139 -26.12 14.49 -22.41
C VAL A 139 -27.18 15.54 -22.13
N LYS A 140 -28.41 15.17 -22.35
CA LYS A 140 -29.47 16.17 -22.32
C LYS A 140 -29.89 16.45 -20.86
N THR A 141 -29.80 15.46 -19.99
CA THR A 141 -30.31 15.62 -18.64
C THR A 141 -29.24 16.14 -17.66
N PHE A 142 -27.99 16.20 -18.08
CA PHE A 142 -26.95 16.42 -17.11
C PHE A 142 -25.76 17.17 -17.71
N ALA A 143 -25.15 16.61 -18.74
CA ALA A 143 -23.98 17.25 -19.33
C ALA A 143 -24.23 18.68 -19.91
N ASN A 144 -25.36 18.89 -20.58
CA ASN A 144 -25.69 20.23 -21.11
C ASN A 144 -26.13 21.22 -20.04
N PRO A 145 -27.12 20.87 -19.26
CA PRO A 145 -27.57 21.89 -18.31
C PRO A 145 -26.67 22.25 -17.11
N VAL A 146 -25.82 21.36 -16.65
CA VAL A 146 -25.01 21.67 -15.45
C VAL A 146 -24.03 22.84 -15.63
N PRO A 147 -23.29 22.85 -16.73
CA PRO A 147 -22.29 23.91 -16.83
C PRO A 147 -22.85 25.29 -17.03
N SER A 148 -24.03 25.43 -17.62
CA SER A 148 -24.54 26.80 -17.75
C SER A 148 -25.14 27.21 -16.44
N MET A 149 -25.65 26.25 -15.71
CA MET A 149 -26.19 26.58 -14.40
C MET A 149 -25.05 27.02 -13.45
N VAL A 150 -23.85 26.51 -13.65
CA VAL A 150 -22.78 26.90 -12.79
C VAL A 150 -22.51 28.33 -13.07
N ILE A 151 -22.49 28.65 -14.35
CA ILE A 151 -22.17 30.00 -14.74
C ILE A 151 -23.24 30.96 -14.29
N SER A 152 -24.48 30.54 -14.34
CA SER A 152 -25.53 31.43 -13.86
C SER A 152 -25.41 31.76 -12.37
N ASP A 153 -24.91 30.84 -11.58
CA ASP A 153 -24.57 31.12 -10.15
C ASP A 153 -23.38 32.01 -10.11
N LEU A 154 -22.40 31.74 -10.96
CA LEU A 154 -21.28 32.68 -11.05
C LEU A 154 -21.75 34.11 -11.29
N PHE A 155 -22.83 34.25 -12.05
CA PHE A 155 -23.28 35.59 -12.45
C PHE A 155 -24.39 36.11 -11.51
N GLY A 156 -24.66 35.37 -10.43
CA GLY A 156 -25.71 35.75 -9.51
C GLY A 156 -27.14 35.58 -9.97
N VAL A 157 -27.40 34.77 -10.98
CA VAL A 157 -28.76 34.69 -11.46
C VAL A 157 -29.69 34.07 -10.43
N PRO A 158 -30.76 34.80 -10.05
CA PRO A 158 -31.58 34.22 -9.00
C PRO A 158 -32.52 33.16 -9.60
N ALA A 159 -33.08 32.35 -8.71
CA ALA A 159 -33.83 31.14 -9.08
C ALA A 159 -35.03 31.38 -10.00
N GLU A 160 -35.74 32.48 -9.84
CA GLU A 160 -36.89 32.77 -10.69
C GLU A 160 -36.47 33.03 -12.17
N ARG A 161 -35.19 33.35 -12.38
CA ARG A 161 -34.63 33.67 -13.69
C ARG A 161 -33.83 32.55 -14.41
N ARG A 162 -33.62 31.46 -13.73
CA ARG A 162 -32.84 30.34 -14.21
C ARG A 162 -33.41 29.71 -15.45
N ALA A 163 -34.73 29.50 -15.54
CA ALA A 163 -35.26 28.72 -16.65
C ALA A 163 -34.93 29.47 -17.93
N GLU A 164 -35.06 30.78 -17.90
CA GLU A 164 -34.80 31.58 -19.08
C GLU A 164 -33.31 31.62 -19.39
N PHE A 165 -32.44 31.70 -18.38
CA PHE A 165 -30.98 31.71 -18.65
C PHE A 165 -30.59 30.41 -19.33
N GLN A 166 -31.12 29.32 -18.79
CA GLN A 166 -30.77 28.00 -19.29
C GLN A 166 -31.21 27.82 -20.73
N GLU A 167 -32.41 28.32 -21.11
CA GLU A 167 -32.90 28.14 -22.49
C GLU A 167 -32.01 28.91 -23.46
N ILE A 168 -31.69 30.13 -23.09
CA ILE A 168 -30.88 30.95 -23.94
C ILE A 168 -29.49 30.40 -24.04
N ALA A 169 -28.97 29.87 -22.93
CA ALA A 169 -27.58 29.35 -22.99
C ALA A 169 -27.55 28.14 -23.91
N GLU A 170 -28.62 27.39 -23.87
CA GLU A 170 -28.69 26.19 -24.62
C GLU A 170 -28.74 26.47 -26.11
N ALA A 171 -29.55 27.44 -26.53
CA ALA A 171 -29.53 27.87 -27.94
C ALA A 171 -28.15 28.33 -28.37
N MET A 172 -27.44 29.04 -27.51
CA MET A 172 -26.12 29.48 -27.87
C MET A 172 -25.11 28.37 -27.98
N MET A 173 -25.33 27.31 -27.22
CA MET A 173 -24.41 26.18 -27.19
C MET A 173 -24.32 25.44 -28.54
N ARG A 174 -25.43 25.50 -29.27
CA ARG A 174 -25.52 24.96 -30.63
C ARG A 174 -24.81 25.79 -31.69
N VAL A 175 -24.37 26.98 -31.35
CA VAL A 175 -23.71 27.89 -32.28
C VAL A 175 -22.20 27.88 -31.95
N ASP A 176 -21.35 27.94 -32.93
CA ASP A 176 -19.90 28.12 -32.61
C ASP A 176 -19.55 29.47 -32.06
N GLN A 177 -18.57 29.46 -31.15
CA GLN A 177 -18.14 30.67 -30.47
C GLN A 177 -17.77 31.72 -31.53
N ASP A 178 -17.08 31.29 -32.61
CA ASP A 178 -16.64 32.23 -33.69
C ASP A 178 -17.79 32.97 -34.41
N ALA A 179 -18.96 32.34 -34.45
CA ALA A 179 -20.14 32.80 -35.22
C ALA A 179 -21.15 33.53 -34.31
N ALA A 180 -20.88 33.56 -32.98
CA ALA A 180 -21.92 34.04 -31.99
C ALA A 180 -22.38 35.48 -32.27
N ALA A 181 -21.38 36.30 -32.48
CA ALA A 181 -21.56 37.72 -32.69
C ALA A 181 -22.31 38.06 -34.02
N THR A 182 -22.51 37.07 -34.92
CA THR A 182 -23.27 37.28 -36.15
C THR A 182 -24.44 36.25 -36.31
N GLU A 183 -24.90 35.64 -35.23
CA GLU A 183 -26.03 34.72 -35.28
C GLU A 183 -27.21 35.24 -34.48
N ALA A 184 -28.41 34.72 -34.76
CA ALA A 184 -29.56 35.20 -34.04
C ALA A 184 -29.49 34.86 -32.54
N ALA A 185 -28.95 33.70 -32.21
CA ALA A 185 -29.04 33.33 -30.81
C ALA A 185 -28.18 34.31 -30.06
N GLY A 186 -27.14 34.82 -30.72
CA GLY A 186 -26.30 35.86 -30.14
C GLY A 186 -27.04 37.12 -29.74
N MET A 187 -28.03 37.48 -30.52
CA MET A 187 -28.78 38.69 -30.21
C MET A 187 -29.63 38.47 -28.97
N ARG A 188 -30.23 37.30 -28.91
CA ARG A 188 -31.10 36.97 -27.80
C ARG A 188 -30.29 36.92 -26.46
N LEU A 189 -29.09 36.36 -26.51
CA LEU A 189 -28.14 36.42 -25.36
C LEU A 189 -27.68 37.86 -25.03
N GLY A 190 -27.36 38.64 -26.05
CA GLY A 190 -27.06 40.03 -25.84
C GLY A 190 -28.14 40.73 -25.02
N GLY A 191 -29.41 40.48 -25.34
CA GLY A 191 -30.50 41.19 -24.68
C GLY A 191 -30.64 40.75 -23.22
N LEU A 192 -30.48 39.46 -22.97
CA LEU A 192 -30.44 38.92 -21.63
C LEU A 192 -29.28 39.55 -20.87
N LEU A 193 -28.08 39.58 -21.42
CA LEU A 193 -26.95 40.14 -20.67
C LEU A 193 -27.09 41.61 -20.39
N TYR A 194 -27.64 42.35 -21.35
CA TYR A 194 -27.84 43.81 -21.13
C TYR A 194 -28.66 43.97 -19.87
N GLN A 195 -29.70 43.17 -19.77
CA GLN A 195 -30.67 43.29 -18.68
C GLN A 195 -30.05 42.84 -17.33
N LEU A 196 -29.32 41.72 -17.38
CA LEU A 196 -28.59 41.19 -16.23
C LEU A 196 -27.69 42.27 -15.71
N VAL A 197 -26.98 42.92 -16.60
CA VAL A 197 -26.04 43.98 -16.14
C VAL A 197 -26.80 45.11 -15.42
N GLN A 198 -27.98 45.48 -15.92
CA GLN A 198 -28.69 46.60 -15.31
C GLN A 198 -29.20 46.19 -13.90
N GLU A 199 -29.76 44.98 -13.79
CA GLU A 199 -30.18 44.43 -12.51
C GLU A 199 -29.05 44.51 -11.48
N ARG A 200 -27.83 44.17 -11.86
CA ARG A 200 -26.73 44.13 -10.88
C ARG A 200 -26.27 45.50 -10.51
N ARG A 201 -26.37 46.42 -11.45
CA ARG A 201 -26.01 47.79 -11.15
C ARG A 201 -27.04 48.29 -10.15
N ALA A 202 -28.33 48.00 -10.37
CA ALA A 202 -29.38 48.45 -9.48
C ALA A 202 -29.29 47.78 -8.11
N ASN A 203 -29.05 46.46 -8.07
CA ASN A 203 -29.00 45.65 -6.86
C ASN A 203 -27.71 44.84 -6.69
N PRO A 204 -26.58 45.47 -6.34
CA PRO A 204 -25.33 44.71 -6.31
C PRO A 204 -25.36 43.51 -5.37
N GLY A 205 -24.45 42.56 -5.57
CA GLY A 205 -24.46 41.25 -4.97
C GLY A 205 -23.01 40.79 -4.75
N ASP A 206 -22.86 39.54 -4.35
CA ASP A 206 -21.57 38.87 -4.12
C ASP A 206 -20.99 38.27 -5.40
N ASP A 207 -21.72 38.37 -6.51
CA ASP A 207 -21.38 37.63 -7.75
C ASP A 207 -20.28 38.34 -8.56
N LEU A 208 -19.83 37.68 -9.64
CA LEU A 208 -18.80 38.24 -10.51
C LEU A 208 -19.18 39.55 -11.21
N ILE A 209 -20.42 39.68 -11.69
CA ILE A 209 -20.78 40.83 -12.50
C ILE A 209 -20.83 42.07 -11.61
N SER A 210 -21.46 41.94 -10.45
CA SER A 210 -21.39 42.99 -9.40
C SER A 210 -19.95 43.40 -9.09
N ALA A 211 -19.04 42.43 -8.93
CA ALA A 211 -17.63 42.83 -8.62
C ALA A 211 -16.97 43.56 -9.75
N LEU A 212 -17.22 43.14 -10.99
CA LEU A 212 -16.62 43.86 -12.13
C LEU A 212 -17.19 45.25 -12.17
N ILE A 213 -18.50 45.36 -11.92
CA ILE A 213 -19.10 46.70 -11.90
C ILE A 213 -18.34 47.69 -11.03
N THR A 214 -17.86 47.27 -9.89
CA THR A 214 -17.22 48.20 -8.96
C THR A 214 -15.71 47.97 -8.84
N THR A 215 -15.10 47.23 -9.75
CA THR A 215 -13.67 47.05 -9.65
C THR A 215 -12.93 48.35 -10.00
N GLU A 216 -11.64 48.36 -9.65
CA GLU A 216 -10.79 49.54 -9.74
C GLU A 216 -10.48 49.60 -11.20
N ASP A 217 -10.80 50.73 -11.81
CA ASP A 217 -10.75 50.84 -13.27
C ASP A 217 -9.93 52.05 -13.74
N PRO A 218 -8.63 52.07 -13.45
CA PRO A 218 -7.87 53.32 -13.67
C PRO A 218 -8.00 53.90 -15.08
N ASP A 219 -7.90 53.06 -16.11
CA ASP A 219 -8.03 53.54 -17.50
C ASP A 219 -9.47 53.80 -18.01
N GLY A 220 -10.49 53.57 -17.19
CA GLY A 220 -11.88 53.84 -17.57
C GLY A 220 -12.40 52.96 -18.70
N VAL A 221 -12.23 51.64 -18.60
CA VAL A 221 -12.49 50.73 -19.72
C VAL A 221 -13.81 50.02 -19.56
N ILE A 222 -14.24 49.88 -18.32
CA ILE A 222 -15.41 49.10 -17.96
C ILE A 222 -16.67 49.92 -18.19
N ASP A 223 -17.42 49.55 -19.23
CA ASP A 223 -18.75 50.10 -19.46
C ASP A 223 -19.65 48.89 -19.70
N ASP A 224 -20.90 49.10 -20.03
CA ASP A 224 -21.84 47.99 -20.19
C ASP A 224 -21.45 46.99 -21.28
N MET A 225 -20.93 47.50 -22.38
CA MET A 225 -20.53 46.67 -23.52
C MET A 225 -19.37 45.76 -23.10
N PHE A 226 -18.40 46.30 -22.35
CA PHE A 226 -17.29 45.50 -21.87
C PHE A 226 -17.76 44.39 -21.00
N LEU A 227 -18.72 44.70 -20.13
CA LEU A 227 -19.26 43.72 -19.23
C LEU A 227 -20.06 42.64 -19.95
N MET A 228 -20.80 43.03 -20.97
CA MET A 228 -21.61 42.06 -21.74
C MET A 228 -20.69 41.15 -22.51
N ASN A 229 -19.62 41.72 -23.03
CA ASN A 229 -18.64 40.94 -23.79
C ASN A 229 -17.90 39.96 -22.91
N ALA A 230 -17.61 40.34 -21.68
CA ALA A 230 -16.88 39.47 -20.78
C ALA A 230 -17.80 38.41 -20.33
N ALA A 231 -19.02 38.73 -20.01
CA ALA A 231 -19.91 37.70 -19.47
C ALA A 231 -20.28 36.75 -20.55
N GLY A 232 -20.53 37.30 -21.70
CA GLY A 232 -20.86 36.45 -22.83
C GLY A 232 -19.78 35.49 -23.14
N THR A 233 -18.55 35.99 -23.13
CA THR A 233 -17.46 35.14 -23.50
C THR A 233 -17.28 34.05 -22.41
N LEU A 234 -17.40 34.38 -21.11
CA LEU A 234 -17.29 33.39 -20.11
C LEU A 234 -18.32 32.33 -20.36
N LEU A 235 -19.56 32.70 -20.54
CA LEU A 235 -20.58 31.64 -20.72
C LEU A 235 -20.37 30.74 -21.87
N ILE A 236 -20.16 31.35 -23.04
CA ILE A 236 -20.00 30.52 -24.24
C ILE A 236 -18.75 29.68 -24.17
N ALA A 237 -17.59 30.21 -23.74
CA ALA A 237 -16.39 29.38 -23.55
C ALA A 237 -16.52 28.21 -22.53
N ALA A 238 -17.36 28.36 -21.52
CA ALA A 238 -17.51 27.38 -20.47
C ALA A 238 -18.54 26.28 -20.75
N HIS A 239 -19.52 26.55 -21.57
CA HIS A 239 -20.70 25.67 -21.62
C HIS A 239 -20.45 24.48 -22.51
N ASP A 240 -20.24 24.71 -23.81
CA ASP A 240 -20.09 23.58 -24.75
C ASP A 240 -18.90 22.68 -24.39
N THR A 241 -17.78 23.30 -24.01
CA THR A 241 -16.58 22.57 -23.72
C THR A 241 -16.73 21.67 -22.49
N THR A 242 -17.19 22.22 -21.36
CA THR A 242 -17.41 21.43 -20.18
C THR A 242 -18.51 20.42 -20.45
N ALA A 243 -19.64 20.77 -21.08
CA ALA A 243 -20.59 19.69 -21.45
C ALA A 243 -19.93 18.60 -22.28
N CYS A 244 -19.09 18.93 -23.25
CA CYS A 244 -18.50 17.85 -24.03
C CYS A 244 -17.66 16.94 -23.15
N MET A 245 -16.89 17.50 -22.22
CA MET A 245 -16.01 16.67 -21.39
C MET A 245 -16.80 15.78 -20.44
N ILE A 246 -17.91 16.27 -19.91
CA ILE A 246 -18.79 15.44 -19.09
C ILE A 246 -19.30 14.20 -19.84
N GLY A 247 -19.83 14.42 -21.04
CA GLY A 247 -20.36 13.32 -21.85
C GLY A 247 -19.27 12.38 -22.34
N LEU A 248 -18.16 12.94 -22.78
CA LEU A 248 -17.09 12.11 -23.33
C LEU A 248 -16.26 11.38 -22.25
N GLY A 249 -16.00 12.07 -21.16
CA GLY A 249 -15.40 11.42 -19.99
C GLY A 249 -16.25 10.33 -19.41
N THR A 250 -17.55 10.57 -19.27
CA THR A 250 -18.40 9.54 -18.81
C THR A 250 -18.31 8.31 -19.73
N ALA A 251 -18.48 8.51 -21.05
CA ALA A 251 -18.40 7.39 -22.00
C ALA A 251 -17.08 6.64 -21.92
N LEU A 252 -15.96 7.34 -21.81
CA LEU A 252 -14.67 6.69 -21.77
C LEU A 252 -14.56 5.88 -20.47
N LEU A 253 -14.94 6.46 -19.33
CA LEU A 253 -14.86 5.73 -18.10
C LEU A 253 -15.73 4.51 -18.13
N LEU A 254 -16.94 4.63 -18.64
CA LEU A 254 -17.80 3.48 -18.84
C LEU A 254 -17.22 2.44 -19.79
N ASP A 255 -16.24 2.82 -20.61
CA ASP A 255 -15.65 1.87 -21.55
C ASP A 255 -14.32 1.41 -21.03
N ARG A 256 -13.93 1.78 -19.81
CA ARG A 256 -12.67 1.33 -19.24
C ARG A 256 -12.85 0.91 -17.77
N PRO A 257 -13.57 -0.19 -17.55
CA PRO A 257 -13.98 -0.54 -16.18
C PRO A 257 -12.81 -0.68 -15.26
N ASP A 258 -11.64 -1.00 -15.77
CA ASP A 258 -10.44 -1.09 -14.93
C ASP A 258 -10.02 0.23 -14.33
N GLN A 259 -10.13 1.31 -15.09
CA GLN A 259 -9.78 2.64 -14.56
C GLN A 259 -10.89 3.13 -13.69
N LEU A 260 -12.12 2.85 -14.08
CA LEU A 260 -13.22 3.17 -13.24
C LEU A 260 -13.12 2.44 -11.87
N ALA A 261 -12.83 1.14 -11.89
CA ALA A 261 -12.73 0.39 -10.66
C ALA A 261 -11.63 0.95 -9.77
N LEU A 262 -10.55 1.47 -10.35
CA LEU A 262 -9.52 2.10 -9.51
C LEU A 262 -10.05 3.34 -8.73
N LEU A 263 -10.82 4.15 -9.44
CA LEU A 263 -11.44 5.31 -8.86
C LEU A 263 -12.48 4.97 -7.78
N GLN A 264 -13.22 3.90 -7.98
CA GLN A 264 -14.19 3.47 -6.99
C GLN A 264 -13.47 2.93 -5.76
N LYS A 265 -12.37 2.22 -5.94
CA LYS A 265 -11.59 1.75 -4.77
C LYS A 265 -10.88 2.88 -4.00
N ASP A 266 -10.26 3.82 -4.73
CA ASP A 266 -9.62 5.00 -4.11
C ASP A 266 -10.14 6.34 -4.71
N PRO A 267 -11.23 6.86 -4.13
CA PRO A 267 -11.83 8.06 -4.64
C PRO A 267 -10.98 9.26 -4.54
N SER A 268 -9.85 9.23 -3.79
CA SER A 268 -8.99 10.36 -3.76
C SER A 268 -8.23 10.53 -5.04
N LEU A 269 -8.31 9.55 -5.95
CA LEU A 269 -7.70 9.68 -7.28
C LEU A 269 -8.48 10.68 -8.18
N ILE A 270 -9.60 11.24 -7.71
CA ILE A 270 -10.44 12.10 -8.57
C ILE A 270 -9.70 13.23 -9.26
N GLY A 271 -8.92 13.98 -8.52
CA GLY A 271 -7.95 14.93 -9.11
C GLY A 271 -7.16 14.43 -10.31
N ASN A 272 -6.45 13.34 -10.11
CA ASN A 272 -5.53 12.77 -11.06
C ASN A 272 -6.28 12.22 -12.27
N ALA A 273 -7.42 11.62 -12.02
CA ALA A 273 -8.30 11.15 -13.03
C ALA A 273 -8.81 12.27 -13.93
N VAL A 274 -9.20 13.39 -13.36
CA VAL A 274 -9.64 14.51 -14.13
C VAL A 274 -8.53 15.01 -14.98
N GLU A 275 -7.31 15.11 -14.45
CA GLU A 275 -6.20 15.47 -15.31
C GLU A 275 -5.93 14.52 -16.45
N GLU A 276 -6.00 13.21 -16.23
CA GLU A 276 -5.83 12.28 -17.29
C GLU A 276 -7.03 12.28 -18.24
N LEU A 277 -8.25 12.43 -17.77
CA LEU A 277 -9.33 12.63 -18.73
C LEU A 277 -9.14 13.82 -19.70
N LEU A 278 -8.69 14.96 -19.19
CA LEU A 278 -8.45 16.15 -20.01
C LEU A 278 -7.35 15.87 -21.06
N ARG A 279 -6.24 15.27 -20.63
CA ARG A 279 -5.17 14.96 -21.52
C ARG A 279 -5.68 13.99 -22.58
N TYR A 280 -6.20 12.87 -22.11
CA TYR A 280 -6.56 11.83 -23.01
C TYR A 280 -7.59 12.31 -24.01
N LEU A 281 -8.51 13.14 -23.58
CA LEU A 281 -9.64 13.47 -24.50
C LEU A 281 -9.49 14.76 -25.37
N THR A 282 -8.49 15.61 -25.08
CA THR A 282 -8.29 17.01 -25.52
C THR A 282 -9.28 17.49 -26.58
N ILE A 283 -10.40 18.01 -26.09
CA ILE A 283 -11.60 18.10 -26.90
C ILE A 283 -11.55 19.09 -28.06
N GLY A 284 -10.61 20.01 -28.05
CA GLY A 284 -10.46 21.02 -29.12
C GLY A 284 -9.73 20.37 -30.29
N GLN A 285 -10.51 19.63 -31.08
CA GLN A 285 -9.95 18.54 -31.88
C GLN A 285 -9.12 18.93 -33.07
N PHE A 286 -9.49 20.01 -33.72
CA PHE A 286 -8.87 20.35 -35.02
C PHE A 286 -7.66 21.23 -34.93
N GLY A 287 -7.45 21.86 -33.75
CA GLY A 287 -6.22 22.61 -33.50
C GLY A 287 -6.49 24.12 -33.33
N ALA A 288 -5.78 24.80 -32.42
CA ALA A 288 -5.90 26.23 -32.27
C ALA A 288 -5.18 27.04 -33.38
N GLU A 289 -5.76 28.18 -33.77
CA GLU A 289 -5.18 29.05 -34.84
C GLU A 289 -4.48 30.30 -34.39
N ARG A 290 -3.30 30.54 -34.97
CA ARG A 290 -2.50 31.76 -34.80
C ARG A 290 -1.93 32.26 -36.14
N VAL A 291 -1.49 33.51 -36.22
CA VAL A 291 -0.76 34.01 -37.38
C VAL A 291 0.47 34.67 -36.90
N ALA A 292 1.55 34.41 -37.57
CA ALA A 292 2.84 35.06 -37.22
C ALA A 292 2.78 36.52 -37.62
N THR A 293 3.36 37.38 -36.78
CA THR A 293 3.49 38.80 -37.01
C THR A 293 4.93 39.19 -37.24
N GLN A 294 5.87 38.30 -37.01
CA GLN A 294 7.23 38.54 -37.47
C GLN A 294 7.85 37.23 -37.94
N ASP A 295 8.99 37.32 -38.62
CA ASP A 295 9.69 36.13 -39.02
C ASP A 295 10.16 35.40 -37.77
N GLY A 296 10.12 34.08 -37.77
CA GLY A 296 10.62 33.23 -36.67
C GLY A 296 10.91 31.77 -37.06
N GLU A 297 11.09 30.94 -36.05
CA GLU A 297 11.61 29.59 -36.21
C GLU A 297 11.00 28.68 -35.18
N ILE A 298 10.43 27.57 -35.60
CA ILE A 298 9.83 26.65 -34.65
C ILE A 298 10.39 25.27 -35.02
N GLY A 299 11.12 24.61 -34.14
CA GLY A 299 11.60 23.21 -34.46
C GLY A 299 12.49 23.15 -35.70
N GLY A 300 13.34 24.18 -35.82
CA GLY A 300 14.26 24.40 -36.96
C GLY A 300 13.64 24.73 -38.34
N VAL A 301 12.32 24.96 -38.38
CA VAL A 301 11.58 25.34 -39.58
C VAL A 301 11.28 26.85 -39.54
N ARG A 302 11.56 27.56 -40.61
CA ARG A 302 11.34 29.00 -40.65
C ARG A 302 9.88 29.30 -40.91
N ILE A 303 9.36 30.24 -40.15
CA ILE A 303 7.95 30.66 -40.23
C ILE A 303 8.00 32.11 -40.60
N ALA A 304 7.19 32.47 -41.57
CA ALA A 304 7.31 33.77 -42.07
C ALA A 304 6.19 34.63 -41.54
N LYS A 305 6.47 35.93 -41.48
CA LYS A 305 5.45 36.98 -41.31
C LYS A 305 4.22 36.73 -42.16
N GLY A 306 3.04 36.63 -41.53
CA GLY A 306 1.75 36.47 -42.23
C GLY A 306 1.32 35.06 -42.42
N GLU A 307 2.16 34.11 -42.04
CA GLU A 307 1.77 32.72 -42.11
C GLU A 307 0.96 32.22 -40.97
N GLN A 308 -0.11 31.50 -41.27
CA GLN A 308 -1.00 30.96 -40.30
C GLN A 308 -0.46 29.63 -39.77
N VAL A 309 -0.72 29.35 -38.50
CA VAL A 309 -0.22 28.15 -37.80
C VAL A 309 -1.34 27.47 -37.03
N VAL A 310 -1.44 26.16 -37.11
CA VAL A 310 -2.42 25.45 -36.39
C VAL A 310 -1.70 24.57 -35.38
N THR A 311 -1.85 24.88 -34.09
CA THR A 311 -1.27 24.07 -32.99
C THR A 311 -2.26 23.02 -32.56
N HIS A 312 -1.90 21.76 -32.87
CA HIS A 312 -2.77 20.61 -32.69
C HIS A 312 -2.64 20.05 -31.25
N LEU A 313 -3.55 20.50 -30.37
CA LEU A 313 -3.40 20.28 -28.93
C LEU A 313 -3.56 18.80 -28.64
N LEU A 314 -4.53 18.14 -29.30
CA LEU A 314 -4.71 16.71 -29.16
C LEU A 314 -3.44 15.92 -29.51
N SER A 315 -2.93 16.06 -30.73
CA SER A 315 -1.70 15.42 -31.08
C SER A 315 -0.63 15.69 -30.04
N ALA A 316 -0.52 16.88 -29.54
CA ALA A 316 0.60 17.16 -28.63
C ALA A 316 0.44 16.46 -27.26
N ASP A 317 -0.78 16.20 -26.90
CA ASP A 317 -1.09 15.51 -25.63
C ASP A 317 -0.88 14.02 -25.75
N PHE A 318 -0.68 13.53 -26.98
CA PHE A 318 -0.35 12.16 -27.20
C PHE A 318 1.06 11.99 -27.63
N ASP A 319 1.91 12.99 -27.45
CA ASP A 319 3.26 12.90 -27.95
C ASP A 319 4.10 12.06 -26.97
N PRO A 320 4.76 10.99 -27.48
CA PRO A 320 5.57 10.21 -26.52
C PRO A 320 6.74 10.95 -25.93
N ALA A 321 7.11 12.14 -26.36
CA ALA A 321 8.20 12.79 -25.63
C ALA A 321 7.68 13.56 -24.42
N PHE A 322 6.36 13.55 -24.25
CA PHE A 322 5.67 14.33 -23.24
C PHE A 322 5.42 13.38 -22.09
N VAL A 323 4.68 12.30 -22.33
CA VAL A 323 4.45 11.27 -21.33
C VAL A 323 4.75 9.86 -21.92
N GLU A 324 5.06 8.89 -21.05
CA GLU A 324 5.33 7.50 -21.48
C GLU A 324 3.99 6.87 -21.86
N ASP A 325 3.98 6.10 -22.94
CA ASP A 325 2.86 5.26 -23.30
C ASP A 325 1.52 6.05 -23.42
N PRO A 326 1.57 7.13 -24.20
CA PRO A 326 0.46 8.08 -24.30
C PRO A 326 -0.89 7.49 -24.66
N GLU A 327 -0.92 6.39 -25.42
CA GLU A 327 -2.23 5.81 -25.77
C GLU A 327 -2.86 5.04 -24.63
N ARG A 328 -2.12 4.88 -23.55
CA ARG A 328 -2.72 4.23 -22.38
C ARG A 328 -3.44 5.27 -21.48
N PHE A 329 -4.74 5.10 -21.29
CA PHE A 329 -5.51 5.84 -20.30
C PHE A 329 -5.23 5.31 -18.88
N ASP A 330 -4.59 6.11 -18.07
CA ASP A 330 -4.11 5.64 -16.75
C ASP A 330 -4.28 6.76 -15.76
N ILE A 331 -5.33 6.68 -14.98
CA ILE A 331 -5.62 7.69 -14.00
C ILE A 331 -4.70 7.73 -12.83
N THR A 332 -3.74 6.84 -12.74
CA THR A 332 -2.76 6.93 -11.67
C THR A 332 -1.53 7.65 -12.10
N ARG A 333 -1.45 8.18 -13.33
CA ARG A 333 -0.25 9.02 -13.63
C ARG A 333 -0.20 10.22 -12.70
N ARG A 334 1.02 10.66 -12.40
CA ARG A 334 1.24 11.95 -11.79
C ARG A 334 0.97 12.97 -12.85
N PRO A 335 0.08 13.93 -12.59
CA PRO A 335 -0.29 14.91 -13.64
C PRO A 335 0.94 15.64 -14.19
N ALA A 336 1.08 15.61 -15.50
CA ALA A 336 2.03 16.43 -16.22
C ALA A 336 1.19 17.53 -16.96
N PRO A 337 1.85 18.62 -17.34
CA PRO A 337 1.15 19.78 -17.92
C PRO A 337 0.69 19.60 -19.37
N HIS A 338 -0.47 19.01 -19.53
CA HIS A 338 -1.08 18.84 -20.79
C HIS A 338 -1.57 20.19 -21.39
N LEU A 339 -2.12 20.14 -22.59
CA LEU A 339 -2.44 21.34 -23.35
C LEU A 339 -3.91 21.45 -23.59
N ALA A 340 -4.73 20.69 -22.87
CA ALA A 340 -6.17 20.77 -23.09
C ALA A 340 -6.80 22.11 -22.81
N PHE A 341 -6.08 22.93 -22.06
CA PHE A 341 -6.50 24.28 -21.75
C PHE A 341 -5.64 25.26 -22.49
N GLY A 342 -4.85 24.83 -23.46
CA GLY A 342 -3.90 25.74 -24.10
C GLY A 342 -2.69 26.11 -23.26
N PHE A 343 -1.98 27.16 -23.67
CA PHE A 343 -0.74 27.58 -23.06
C PHE A 343 -0.50 29.02 -23.41
N GLY A 344 0.38 29.65 -22.66
CA GLY A 344 0.67 31.07 -22.86
C GLY A 344 -0.43 32.05 -22.49
N ALA A 345 -0.37 33.23 -23.08
CA ALA A 345 -1.19 34.36 -22.70
C ALA A 345 -2.66 34.18 -22.86
N HIS A 346 -3.07 33.33 -23.78
CA HIS A 346 -4.50 33.08 -24.05
C HIS A 346 -5.02 31.79 -23.44
N GLN A 347 -4.17 31.10 -22.71
CA GLN A 347 -4.61 29.93 -21.89
C GLN A 347 -5.96 30.10 -21.22
N CYS A 348 -6.77 29.03 -21.10
CA CYS A 348 -8.09 29.05 -20.57
C CYS A 348 -8.09 29.82 -19.24
N ILE A 349 -8.95 30.84 -19.09
CA ILE A 349 -9.02 31.65 -17.88
C ILE A 349 -9.83 30.95 -16.80
N GLY A 350 -10.64 29.99 -17.21
CA GLY A 350 -11.59 29.28 -16.36
C GLY A 350 -11.12 27.87 -16.02
N GLN A 351 -9.84 27.61 -16.29
CA GLN A 351 -9.19 26.27 -16.10
C GLN A 351 -9.60 25.70 -14.70
N GLN A 352 -9.40 26.51 -13.68
CA GLN A 352 -9.60 26.02 -12.28
C GLN A 352 -11.03 25.71 -12.03
N LEU A 353 -11.91 26.57 -12.51
CA LEU A 353 -13.35 26.25 -12.41
C LEU A 353 -13.74 25.03 -13.19
N ALA A 354 -13.19 24.83 -14.40
CA ALA A 354 -13.55 23.64 -15.15
C ALA A 354 -13.08 22.35 -14.44
N ARG A 355 -11.87 22.37 -13.88
CA ARG A 355 -11.39 21.26 -13.08
C ARG A 355 -12.29 20.95 -11.88
N ILE A 356 -12.67 21.96 -11.11
CA ILE A 356 -13.66 21.78 -10.06
C ILE A 356 -14.96 21.17 -10.56
N GLU A 357 -15.52 21.69 -11.64
CA GLU A 357 -16.77 21.13 -12.15
C GLU A 357 -16.60 19.66 -12.49
N LEU A 358 -15.51 19.31 -13.13
CA LEU A 358 -15.34 17.94 -13.56
C LEU A 358 -15.05 17.04 -12.28
N GLN A 359 -14.21 17.51 -11.39
CA GLN A 359 -13.96 16.70 -10.16
C GLN A 359 -15.26 16.40 -9.46
N ILE A 360 -16.11 17.39 -9.33
CA ILE A 360 -17.42 17.17 -8.66
C ILE A 360 -18.36 16.33 -9.42
N VAL A 361 -18.49 16.57 -10.74
CA VAL A 361 -19.34 15.74 -11.60
C VAL A 361 -18.89 14.29 -11.56
N PHE A 362 -17.61 13.97 -11.79
CA PHE A 362 -17.25 12.54 -11.79
C PHE A 362 -17.15 11.90 -10.37
N GLY A 363 -16.66 12.62 -9.40
CA GLY A 363 -16.72 12.16 -7.97
C GLY A 363 -18.13 11.76 -7.58
N THR A 364 -19.08 12.66 -7.80
CA THR A 364 -20.45 12.40 -7.44
C THR A 364 -21.18 11.41 -8.32
N LEU A 365 -20.97 11.45 -9.63
CA LEU A 365 -21.73 10.53 -10.49
C LEU A 365 -21.39 9.09 -10.13
N PHE A 366 -20.11 8.79 -10.01
CA PHE A 366 -19.73 7.42 -9.72
C PHE A 366 -19.93 7.00 -8.24
N ARG A 367 -19.88 7.93 -7.31
CA ARG A 367 -20.23 7.60 -5.94
C ARG A 367 -21.75 7.33 -5.85
N ARG A 368 -22.63 8.08 -6.48
CA ARG A 368 -24.08 7.79 -6.34
C ARG A 368 -24.64 6.67 -7.22
N PHE A 369 -23.93 6.38 -8.31
CA PHE A 369 -24.36 5.42 -9.34
C PHE A 369 -23.20 4.46 -9.69
N PRO A 370 -22.74 3.68 -8.69
CA PRO A 370 -21.72 2.66 -8.95
C PRO A 370 -22.11 1.60 -10.01
N THR A 371 -23.41 1.38 -10.24
CA THR A 371 -23.81 0.37 -11.24
C THR A 371 -24.01 0.99 -12.63
N LEU A 372 -23.67 2.27 -12.77
CA LEU A 372 -23.93 2.98 -14.04
C LEU A 372 -23.36 2.23 -15.23
N ARG A 373 -24.10 2.14 -16.33
CA ARG A 373 -23.55 1.53 -17.51
C ARG A 373 -24.24 2.03 -18.78
N LEU A 374 -23.59 1.80 -19.92
CA LEU A 374 -24.19 2.18 -21.20
C LEU A 374 -25.42 1.33 -21.46
N ALA A 375 -26.44 1.92 -22.06
CA ALA A 375 -27.61 1.18 -22.48
C ALA A 375 -27.51 0.83 -23.99
N LYS A 376 -26.38 1.19 -24.59
CA LYS A 376 -26.03 0.78 -25.94
C LYS A 376 -24.52 0.78 -26.13
N PRO A 377 -24.02 -0.16 -26.93
CA PRO A 377 -22.58 -0.32 -27.16
C PRO A 377 -21.90 0.90 -27.73
N VAL A 378 -20.63 1.04 -27.37
CA VAL A 378 -19.80 2.18 -27.81
C VAL A 378 -19.71 2.35 -29.36
N GLU A 379 -20.05 1.32 -30.12
CA GLU A 379 -19.99 1.41 -31.59
C GLU A 379 -21.30 1.91 -32.18
N GLU A 380 -22.38 1.81 -31.41
CA GLU A 380 -23.63 2.50 -31.71
C GLU A 380 -23.64 3.98 -31.24
N LEU A 381 -22.73 4.41 -30.37
CA LEU A 381 -22.70 5.83 -29.98
C LEU A 381 -22.41 6.70 -31.19
N ARG A 382 -22.93 7.90 -31.21
CA ARG A 382 -22.59 8.80 -32.32
C ARG A 382 -21.69 9.91 -31.79
N PHE A 383 -20.46 9.96 -32.30
CA PHE A 383 -19.48 10.95 -31.85
C PHE A 383 -19.61 12.25 -32.62
N ARG A 384 -19.12 13.35 -32.04
CA ARG A 384 -19.13 14.68 -32.66
C ARG A 384 -17.98 14.87 -33.61
N ASN A 385 -17.96 14.04 -34.65
CA ASN A 385 -16.81 14.07 -35.55
C ASN A 385 -16.58 15.37 -36.28
N ASP A 386 -17.64 16.10 -36.62
CA ASP A 386 -17.41 17.36 -37.39
C ASP A 386 -17.46 18.66 -36.55
N MET A 387 -17.70 18.55 -35.26
CA MET A 387 -17.81 19.77 -34.45
C MET A 387 -16.46 20.33 -33.93
N VAL A 388 -16.41 21.63 -33.61
CA VAL A 388 -15.20 22.26 -33.10
C VAL A 388 -14.74 21.44 -31.80
N PHE A 389 -15.70 21.12 -30.97
CA PHE A 389 -15.44 20.34 -29.76
C PHE A 389 -16.05 18.96 -29.91
N TYR A 390 -15.15 18.01 -29.84
CA TYR A 390 -15.43 16.58 -29.86
C TYR A 390 -16.13 16.13 -28.61
N GLY A 391 -16.84 15.00 -28.71
CA GLY A 391 -17.73 14.53 -27.63
C GLY A 391 -18.71 13.53 -28.21
N VAL A 392 -19.81 13.29 -27.53
CA VAL A 392 -20.89 12.43 -28.00
C VAL A 392 -22.18 13.22 -28.17
N HIS A 393 -22.95 12.93 -29.23
CA HIS A 393 -24.22 13.63 -29.47
C HIS A 393 -25.21 13.21 -28.41
N GLU A 394 -25.13 11.96 -27.98
CA GLU A 394 -26.07 11.38 -27.03
C GLU A 394 -25.35 10.28 -26.24
N LEU A 395 -25.73 10.08 -24.98
CA LEU A 395 -25.12 9.08 -24.12
C LEU A 395 -26.17 8.42 -23.26
N PRO A 396 -26.85 7.39 -23.82
CA PRO A 396 -27.88 6.65 -23.10
C PRO A 396 -27.27 5.78 -22.01
N VAL A 397 -27.72 5.96 -20.79
CA VAL A 397 -27.16 5.23 -19.69
C VAL A 397 -28.22 4.61 -18.78
N THR A 398 -27.87 3.52 -18.11
CA THR A 398 -28.74 3.02 -17.06
C THR A 398 -28.01 2.50 -15.86
N TRP A 399 -28.80 1.99 -14.91
CA TRP A 399 -28.33 1.47 -13.65
C TRP A 399 -29.43 0.56 -12.96
N THR B 5 1.14 25.88 -12.88
CA THR B 5 1.20 24.50 -12.32
C THR B 5 -0.13 23.72 -12.38
N ALA B 6 -1.28 24.40 -12.25
CA ALA B 6 -2.63 23.75 -12.15
C ALA B 6 -3.06 23.31 -10.72
N GLY B 7 -2.10 23.14 -9.80
CA GLY B 7 -2.39 22.89 -8.37
C GLY B 7 -3.05 24.07 -7.67
N ALA B 8 -3.80 23.79 -6.60
CA ALA B 8 -4.39 24.84 -5.75
C ALA B 8 -3.34 25.84 -5.21
N PRO B 9 -3.77 27.08 -4.95
CA PRO B 9 -2.81 28.04 -4.40
C PRO B 9 -2.25 27.63 -3.04
N ALA B 10 -1.05 28.12 -2.76
CA ALA B 10 -0.35 27.92 -1.54
C ALA B 10 -1.18 28.40 -0.35
N ALA B 11 -1.19 27.63 0.73
CA ALA B 11 -1.87 28.05 1.96
C ALA B 11 -1.20 29.30 2.44
N PRO B 12 -2.00 30.33 2.76
CA PRO B 12 -1.41 31.55 3.29
C PRO B 12 -0.53 31.31 4.53
N LYS B 13 0.63 31.98 4.60
CA LYS B 13 1.62 31.86 5.69
C LYS B 13 2.23 33.19 6.11
N ALA B 14 2.43 34.14 5.18
CA ALA B 14 3.06 35.42 5.54
C ALA B 14 2.21 36.30 6.50
N ARG B 15 2.90 36.91 7.45
CA ARG B 15 2.29 37.76 8.43
C ARG B 15 2.89 39.15 8.31
N SER B 16 2.10 40.14 7.92
CA SER B 16 2.57 41.52 8.01
C SER B 16 2.55 42.02 9.45
N CYS B 17 1.66 41.49 10.30
CA CYS B 17 1.61 41.78 11.78
C CYS B 17 1.93 40.53 12.63
N PRO B 18 2.96 40.57 13.45
CA PRO B 18 3.45 39.33 14.05
C PRO B 18 2.53 38.68 15.11
N PHE B 19 1.53 39.40 15.64
CA PHE B 19 0.57 38.83 16.59
C PHE B 19 -0.74 38.47 15.92
N LEU B 20 -0.79 38.53 14.60
CA LEU B 20 -2.05 38.15 13.92
C LEU B 20 -1.86 37.03 12.94
N PRO B 21 -2.94 36.32 12.57
CA PRO B 21 -2.75 35.24 11.58
C PRO B 21 -2.25 35.73 10.23
N PRO B 22 -1.79 34.81 9.36
CA PRO B 22 -1.41 35.27 8.02
C PRO B 22 -2.53 36.04 7.34
N ASP B 23 -2.08 37.09 6.66
CA ASP B 23 -2.91 38.08 5.96
C ASP B 23 -3.97 37.46 5.07
N GLY B 24 -3.67 36.38 4.38
CA GLY B 24 -4.68 35.81 3.43
C GLY B 24 -5.82 34.97 3.97
N ILE B 25 -5.68 34.50 5.21
CA ILE B 25 -6.63 33.56 5.77
C ILE B 25 -8.02 34.18 5.74
N ALA B 26 -8.10 35.43 6.17
CA ALA B 26 -9.45 36.06 6.30
C ALA B 26 -10.29 35.94 5.04
N ASP B 27 -9.70 36.29 3.90
CA ASP B 27 -10.50 36.24 2.62
C ASP B 27 -10.92 34.82 2.26
N ILE B 28 -9.99 33.90 2.49
CA ILE B 28 -10.31 32.50 2.21
C ILE B 28 -11.39 32.04 3.11
N ARG B 29 -11.21 32.29 4.44
CA ARG B 29 -12.16 31.81 5.44
C ARG B 29 -13.59 32.31 5.12
N ALA B 30 -13.69 33.59 4.77
CA ALA B 30 -14.98 34.21 4.52
C ALA B 30 -15.68 33.63 3.27
N ALA B 31 -14.92 33.45 2.19
CA ALA B 31 -15.46 32.96 0.93
C ALA B 31 -15.54 31.45 0.86
N ALA B 32 -14.49 30.77 1.37
CA ALA B 32 -14.41 29.33 1.23
C ALA B 32 -13.79 28.61 2.45
N PRO B 33 -14.58 28.41 3.50
CA PRO B 33 -14.05 27.88 4.77
C PRO B 33 -13.54 26.43 4.64
N VAL B 34 -13.93 25.73 3.55
CA VAL B 34 -13.33 24.46 3.05
C VAL B 34 -12.89 24.68 1.60
N THR B 35 -11.58 24.68 1.32
CA THR B 35 -11.05 24.91 0.00
C THR B 35 -9.85 24.00 -0.22
N ARG B 36 -9.23 23.96 -1.43
CA ARG B 36 -7.97 23.22 -1.56
C ARG B 36 -6.84 24.15 -1.53
N ALA B 37 -5.69 23.64 -1.14
CA ALA B 37 -4.47 24.43 -1.09
C ALA B 37 -3.29 23.57 -1.19
N THR B 38 -2.14 24.20 -1.35
CA THR B 38 -0.94 23.48 -1.52
C THR B 38 -0.08 23.84 -0.37
N PHE B 39 0.58 22.83 0.19
CA PHE B 39 1.29 22.99 1.41
C PHE B 39 2.81 22.98 1.21
N THR B 40 3.54 23.20 2.26
CA THR B 40 5.01 23.25 2.23
C THR B 40 5.68 22.11 1.47
N SER B 41 5.10 20.92 1.52
CA SER B 41 5.66 19.75 0.87
C SER B 41 5.39 19.70 -0.65
N GLY B 42 4.58 20.61 -1.16
CA GLY B 42 4.17 20.61 -2.58
C GLY B 42 2.89 19.82 -2.72
N HIS B 43 2.50 19.01 -1.74
CA HIS B 43 1.19 18.37 -1.92
C HIS B 43 0.04 19.31 -1.66
N GLU B 44 -1.07 18.90 -2.22
CA GLU B 44 -2.29 19.62 -2.19
C GLU B 44 -3.24 18.86 -1.28
N ALA B 45 -3.97 19.57 -0.43
CA ALA B 45 -4.96 18.91 0.46
C ALA B 45 -6.10 19.85 0.80
N TRP B 46 -7.13 19.38 1.46
CA TRP B 46 -8.15 20.28 1.93
C TRP B 46 -7.63 21.18 3.07
N LEU B 47 -8.05 22.44 2.99
CA LEU B 47 -7.67 23.48 3.90
C LEU B 47 -8.99 23.93 4.49
N VAL B 48 -9.16 23.58 5.77
CA VAL B 48 -10.34 23.96 6.54
C VAL B 48 -10.04 25.10 7.51
N THR B 49 -10.71 26.26 7.30
CA THR B 49 -10.41 27.50 7.98
C THR B 49 -11.50 28.08 8.87
N GLY B 50 -12.74 27.66 8.67
CA GLY B 50 -13.81 28.15 9.50
C GLY B 50 -14.01 27.35 10.77
N TYR B 51 -14.37 28.03 11.86
CA TYR B 51 -14.56 27.39 13.18
C TYR B 51 -15.49 26.24 13.15
N GLU B 52 -16.67 26.43 12.62
CA GLU B 52 -17.61 25.36 12.63
C GLU B 52 -17.16 24.12 11.87
N GLN B 53 -16.54 24.35 10.73
CA GLN B 53 -16.10 23.24 9.93
C GLN B 53 -14.85 22.54 10.56
N VAL B 54 -13.94 23.27 11.20
CA VAL B 54 -12.83 22.62 11.88
C VAL B 54 -13.36 21.75 12.99
N ARG B 55 -14.37 22.23 13.72
CA ARG B 55 -14.96 21.42 14.74
C ARG B 55 -15.70 20.23 14.21
N ALA B 56 -16.36 20.35 13.06
CA ALA B 56 -16.98 19.18 12.44
C ALA B 56 -15.91 18.17 12.01
N VAL B 57 -14.75 18.61 11.54
CA VAL B 57 -13.77 17.58 11.15
C VAL B 57 -13.24 16.90 12.43
N LEU B 58 -12.92 17.66 13.47
CA LEU B 58 -12.24 17.08 14.57
C LEU B 58 -13.10 16.17 15.42
N ARG B 59 -14.41 16.34 15.39
CA ARG B 59 -15.29 15.53 16.20
C ARG B 59 -15.68 14.28 15.47
N ASP B 60 -15.40 14.19 14.16
CA ASP B 60 -15.83 13.02 13.40
C ASP B 60 -14.84 11.89 13.65
N PRO B 61 -15.29 10.84 14.38
CA PRO B 61 -14.33 9.76 14.70
C PRO B 61 -13.83 8.93 13.53
N SER B 62 -14.35 9.11 12.30
CA SER B 62 -13.78 8.39 11.14
C SER B 62 -12.48 8.99 10.59
N PHE B 63 -12.10 10.21 10.94
CA PHE B 63 -10.86 10.77 10.40
C PHE B 63 -9.66 10.09 11.08
N SER B 64 -8.54 9.96 10.41
CA SER B 64 -7.47 9.27 11.04
C SER B 64 -6.34 10.21 11.18
N VAL B 65 -5.46 9.90 12.11
CA VAL B 65 -4.26 10.67 12.27
C VAL B 65 -3.06 10.02 11.61
N GLY B 66 -3.26 8.82 11.07
CA GLY B 66 -2.20 8.19 10.27
C GLY B 66 -2.22 8.72 8.82
N VAL B 67 -1.62 9.87 8.58
CA VAL B 67 -1.78 10.52 7.28
C VAL B 67 -0.78 10.05 6.22
N PRO B 68 -1.13 10.15 4.94
CA PRO B 68 -0.16 9.74 3.90
C PRO B 68 1.01 10.69 3.72
N HIS B 69 0.85 11.97 3.92
CA HIS B 69 1.97 12.88 3.87
C HIS B 69 2.09 13.80 5.07
N ALA B 70 3.31 14.29 5.23
CA ALA B 70 3.70 15.27 6.15
C ALA B 70 3.75 16.64 5.44
N LEU B 71 2.58 17.25 5.31
CA LEU B 71 2.43 18.45 4.55
C LEU B 71 3.28 19.59 4.99
N HIS B 72 3.62 19.73 6.27
CA HIS B 72 4.38 20.90 6.70
C HIS B 72 5.90 20.76 6.68
N THR B 73 6.43 19.68 6.11
CA THR B 73 7.87 19.53 5.90
C THR B 73 8.21 19.73 4.40
N GLN B 74 9.49 19.99 4.10
CA GLN B 74 9.97 20.20 2.73
C GLN B 74 9.76 18.98 1.89
N ASP B 75 10.20 17.85 2.40
CA ASP B 75 10.11 16.64 1.58
C ASP B 75 8.79 15.88 1.67
N GLY B 76 7.98 16.13 2.69
CA GLY B 76 6.65 15.48 2.70
C GLY B 76 6.63 14.06 3.21
N VAL B 77 7.76 13.58 3.70
CA VAL B 77 7.89 12.17 4.07
C VAL B 77 7.48 11.94 5.53
N VAL B 78 6.52 11.06 5.76
CA VAL B 78 6.02 10.76 7.09
C VAL B 78 7.00 9.82 7.76
N THR B 79 7.58 10.22 8.85
CA THR B 79 8.64 9.41 9.46
C THR B 79 8.06 8.33 10.33
N GLN B 80 8.95 7.50 10.81
CA GLN B 80 8.60 6.46 11.71
C GLN B 80 8.15 7.00 13.08
N LYS B 81 7.10 6.39 13.62
CA LYS B 81 6.51 6.93 14.90
C LYS B 81 6.63 5.95 16.02
N PRO B 82 6.56 6.44 17.29
CA PRO B 82 6.56 5.50 18.41
C PRO B 82 5.29 4.72 18.45
N GLY B 83 5.23 3.69 19.30
CA GLY B 83 4.09 2.75 19.29
C GLY B 83 3.14 3.06 20.48
N ARG B 84 2.48 2.06 20.98
CA ARG B 84 1.41 2.20 21.90
C ARG B 84 1.78 2.92 23.14
N GLY B 85 0.88 3.81 23.54
CA GLY B 85 1.13 4.72 24.66
C GLY B 85 1.61 6.11 24.26
N SER B 86 2.04 6.29 23.00
CA SER B 86 2.40 7.62 22.51
C SER B 86 1.25 8.49 22.04
N LEU B 87 0.12 7.86 21.73
CA LEU B 87 -1.16 8.48 21.43
C LEU B 87 -1.23 9.25 20.11
N LEU B 88 -0.27 10.09 19.83
CA LEU B 88 -0.53 11.21 18.87
C LEU B 88 -0.84 10.64 17.51
N TRP B 89 -0.32 9.45 17.19
CA TRP B 89 -0.45 8.86 15.86
C TRP B 89 -1.20 7.57 15.94
N GLN B 90 -1.94 7.28 17.02
CA GLN B 90 -2.73 6.04 17.05
C GLN B 90 -4.17 6.34 16.70
N ASP B 91 -4.84 5.39 16.16
CA ASP B 91 -6.27 5.53 15.91
C ASP B 91 -7.06 4.60 16.81
N ALA B 92 -8.37 4.75 16.89
CA ALA B 92 -9.25 3.83 17.58
C ALA B 92 -9.18 2.44 16.95
N PRO B 93 -9.40 1.34 17.74
CA PRO B 93 -9.67 1.30 19.19
C PRO B 93 -8.44 1.37 20.09
N GLU B 94 -7.24 1.25 19.54
CA GLU B 94 -6.11 1.30 20.44
C GLU B 94 -5.89 2.65 21.07
N HIS B 95 -6.14 3.73 20.32
CA HIS B 95 -5.97 5.05 20.84
C HIS B 95 -6.92 5.27 22.03
N THR B 96 -8.19 4.84 21.90
CA THR B 96 -9.22 5.00 22.90
C THR B 96 -8.83 4.26 24.17
N ASP B 97 -8.38 3.03 24.03
CA ASP B 97 -7.94 2.23 25.19
C ASP B 97 -6.65 2.73 25.82
N ASP B 98 -5.65 3.12 25.05
CA ASP B 98 -4.39 3.60 25.66
C ASP B 98 -4.53 4.95 26.34
N ARG B 99 -5.43 5.77 25.81
CA ARG B 99 -5.65 7.07 26.34
C ARG B 99 -6.40 6.97 27.67
N LYS B 100 -7.43 6.14 27.70
CA LYS B 100 -8.20 5.88 28.94
C LYS B 100 -7.29 5.37 30.06
N LEU B 101 -6.33 4.50 29.74
CA LEU B 101 -5.42 3.99 30.74
C LEU B 101 -4.50 5.10 31.29
N LEU B 102 -4.03 5.95 30.40
CA LEU B 102 -3.14 7.02 30.86
C LEU B 102 -3.95 8.04 31.65
N ALA B 103 -5.17 8.26 31.23
CA ALA B 103 -6.01 9.23 31.88
C ALA B 103 -6.52 8.79 33.29
N LYS B 104 -6.44 7.52 33.61
CA LYS B 104 -6.82 7.06 34.92
C LYS B 104 -5.85 7.54 36.00
N GLU B 105 -4.59 7.76 35.67
CA GLU B 105 -3.63 8.30 36.60
C GLU B 105 -3.25 9.71 36.32
N PHE B 106 -3.24 10.09 35.04
CA PHE B 106 -2.99 11.49 34.67
C PHE B 106 -4.29 12.24 34.69
N THR B 107 -4.74 12.55 35.92
CA THR B 107 -6.12 13.14 36.10
C THR B 107 -6.05 14.60 36.26
N VAL B 108 -7.19 15.25 36.07
CA VAL B 108 -7.31 16.65 36.37
C VAL B 108 -6.96 16.93 37.85
N ARG B 109 -7.33 16.02 38.72
CA ARG B 109 -7.02 16.17 40.13
C ARG B 109 -5.48 16.13 40.33
N ARG B 110 -4.75 15.22 39.68
CA ARG B 110 -3.29 15.24 39.82
C ARG B 110 -2.67 16.53 39.29
N MET B 111 -3.27 17.08 38.24
CA MET B 111 -2.73 18.30 37.65
C MET B 111 -2.96 19.45 38.66
N GLN B 112 -4.19 19.59 39.12
CA GLN B 112 -4.45 20.65 40.15
C GLN B 112 -3.53 20.48 41.36
N ALA B 113 -3.37 19.26 41.85
CA ALA B 113 -2.41 19.03 42.97
C ALA B 113 -1.01 19.56 42.76
N LEU B 114 -0.63 19.85 41.52
CA LEU B 114 0.76 20.25 41.26
C LEU B 114 0.97 21.74 41.39
N ARG B 115 -0.12 22.47 41.60
CA ARG B 115 -0.01 23.92 41.82
C ARG B 115 1.10 24.45 42.73
N PRO B 116 1.21 23.96 43.97
CA PRO B 116 2.28 24.49 44.81
C PRO B 116 3.68 24.20 44.24
N ASN B 117 3.81 23.04 43.62
CA ASN B 117 5.11 22.65 42.95
C ASN B 117 5.48 23.63 41.84
N ILE B 118 4.48 23.93 41.03
CA ILE B 118 4.67 24.87 39.95
C ILE B 118 5.01 26.25 40.45
N GLN B 119 4.28 26.67 41.50
CA GLN B 119 4.52 27.98 42.06
C GLN B 119 6.01 28.05 42.52
N ARG B 120 6.48 26.98 43.16
CA ARG B 120 7.90 26.98 43.60
C ARG B 120 8.87 27.00 42.44
N ILE B 121 8.64 26.19 41.41
CA ILE B 121 9.57 26.20 40.25
C ILE B 121 9.59 27.59 39.65
N VAL B 122 8.41 28.18 39.50
CA VAL B 122 8.34 29.52 38.93
C VAL B 122 9.03 30.59 39.80
N ASP B 123 8.76 30.53 41.10
CA ASP B 123 9.46 31.44 42.02
C ASP B 123 10.98 31.30 42.04
N GLU B 124 11.52 30.07 42.10
CA GLU B 124 13.00 29.85 41.99
C GLU B 124 13.61 30.46 40.71
N HIS B 125 12.98 30.26 39.54
CA HIS B 125 13.60 30.82 38.32
C HIS B 125 13.58 32.33 38.31
N LEU B 126 12.50 32.93 38.80
CA LEU B 126 12.51 34.37 38.92
C LEU B 126 13.45 34.88 40.01
N ASP B 127 13.62 34.20 41.17
CA ASP B 127 14.66 34.65 42.14
C ASP B 127 16.04 34.70 41.49
N ALA B 128 16.37 33.73 40.63
CA ALA B 128 17.66 33.77 39.94
C ALA B 128 17.76 34.97 39.00
N ILE B 129 16.69 35.27 38.29
CA ILE B 129 16.75 36.39 37.39
C ILE B 129 16.84 37.71 38.15
N GLU B 130 16.12 37.81 39.25
CA GLU B 130 16.10 39.00 40.07
C GLU B 130 17.51 39.24 40.66
N ALA B 131 18.07 38.23 41.31
CA ALA B 131 19.42 38.33 41.87
C ALA B 131 20.39 38.90 40.86
N ARG B 132 20.34 38.46 39.60
CA ARG B 132 21.35 38.96 38.65
C ARG B 132 20.95 40.25 37.90
N GLY B 133 19.67 40.61 37.90
CA GLY B 133 19.23 41.90 37.32
C GLY B 133 19.20 42.03 35.80
N GLY B 134 18.47 43.06 35.35
CA GLY B 134 18.24 43.29 33.92
C GLY B 134 19.44 43.75 33.11
N PRO B 135 19.45 43.50 31.80
CA PRO B 135 18.49 42.74 31.01
C PRO B 135 18.78 41.25 31.04
N VAL B 136 17.78 40.46 30.63
CA VAL B 136 17.95 39.03 30.48
C VAL B 136 17.09 38.56 29.32
N ASP B 137 17.43 37.39 28.79
CA ASP B 137 16.55 36.71 27.87
C ASP B 137 15.56 35.82 28.64
N LEU B 138 14.31 36.22 28.60
CA LEU B 138 13.28 35.48 29.33
C LEU B 138 13.10 34.09 28.78
N VAL B 139 13.40 33.90 27.49
CA VAL B 139 13.21 32.60 26.88
C VAL B 139 14.15 31.58 27.48
N LYS B 140 15.42 31.87 27.54
CA LYS B 140 16.40 30.88 28.07
C LYS B 140 16.31 30.71 29.56
N THR B 141 16.02 31.79 30.27
CA THR B 141 16.12 31.79 31.71
C THR B 141 14.82 31.37 32.37
N PHE B 142 13.75 31.22 31.60
CA PHE B 142 12.46 31.06 32.24
C PHE B 142 11.51 30.25 31.36
N ALA B 143 11.26 30.72 30.15
CA ALA B 143 10.29 30.03 29.29
C ALA B 143 10.62 28.57 28.94
N ASN B 144 11.88 28.30 28.65
CA ASN B 144 12.30 26.94 28.32
C ASN B 144 12.46 26.05 29.55
N PRO B 145 13.16 26.52 30.58
CA PRO B 145 13.39 25.58 31.67
C PRO B 145 12.18 25.28 32.55
N VAL B 146 11.28 26.22 32.74
CA VAL B 146 10.12 25.96 33.62
C VAL B 146 9.24 24.73 33.21
N PRO B 147 8.83 24.62 31.93
CA PRO B 147 7.84 23.57 31.69
C PRO B 147 8.42 22.20 31.77
N SER B 148 9.73 22.03 31.57
CA SER B 148 10.25 20.66 31.69
C SER B 148 10.46 20.36 33.17
N MET B 149 10.75 21.36 33.97
CA MET B 149 10.89 21.09 35.41
C MET B 149 9.51 20.73 36.01
N VAL B 150 8.45 21.28 35.43
CA VAL B 150 7.13 20.88 35.89
C VAL B 150 6.94 19.45 35.63
N ILE B 151 7.34 19.04 34.42
CA ILE B 151 7.11 17.69 34.08
C ILE B 151 8.03 16.77 34.89
N SER B 152 9.20 17.23 35.20
CA SER B 152 10.11 16.42 35.98
C SER B 152 9.53 16.14 37.40
N ASP B 153 8.74 17.08 37.94
CA ASP B 153 8.03 16.88 39.24
C ASP B 153 6.87 15.99 39.01
N LEU B 154 6.11 16.21 37.93
CA LEU B 154 5.10 15.21 37.59
C LEU B 154 5.69 13.76 37.60
N PHE B 155 6.93 13.61 37.14
CA PHE B 155 7.51 12.26 37.01
C PHE B 155 8.29 11.84 38.26
N GLY B 156 8.29 12.66 39.30
CA GLY B 156 9.00 12.30 40.55
C GLY B 156 10.49 12.45 40.49
N VAL B 157 10.99 13.24 39.58
CA VAL B 157 12.43 13.28 39.47
C VAL B 157 13.02 13.99 40.68
N PRO B 158 13.98 13.37 41.38
CA PRO B 158 14.42 14.03 42.58
C PRO B 158 15.46 15.09 42.24
N ALA B 159 15.79 15.90 43.22
CA ALA B 159 16.59 17.10 43.02
C ALA B 159 18.00 16.80 42.50
N GLU B 160 18.59 15.69 42.90
CA GLU B 160 19.93 15.35 42.39
C GLU B 160 19.95 14.95 40.89
N ARG B 161 18.78 14.62 40.33
CA ARG B 161 18.70 14.15 38.95
C ARG B 161 18.12 15.20 37.96
N ARG B 162 17.78 16.38 38.48
CA ARG B 162 17.16 17.45 37.72
C ARG B 162 18.06 18.01 36.65
N ALA B 163 19.34 18.25 36.95
CA ALA B 163 20.17 18.98 35.98
C ALA B 163 20.20 18.15 34.69
N GLU B 164 20.35 16.84 34.81
CA GLU B 164 20.42 15.98 33.65
C GLU B 164 19.05 15.86 32.95
N PHE B 165 17.95 15.76 33.71
CA PHE B 165 16.63 15.73 33.08
C PHE B 165 16.46 16.97 32.23
N GLN B 166 16.81 18.11 32.79
CA GLN B 166 16.62 19.39 32.12
C GLN B 166 17.47 19.49 30.86
N GLU B 167 18.70 18.96 30.91
CA GLU B 167 19.62 19.04 29.74
C GLU B 167 19.05 18.18 28.60
N ILE B 168 18.62 16.99 28.95
CA ILE B 168 18.08 16.12 27.95
C ILE B 168 16.77 16.65 27.41
N ALA B 169 15.95 17.28 28.24
CA ALA B 169 14.64 17.74 27.70
C ALA B 169 14.90 18.88 26.74
N GLU B 170 15.88 19.69 27.09
CA GLU B 170 16.23 20.82 26.31
C GLU B 170 16.68 20.41 24.91
N ALA B 171 17.53 19.41 24.80
CA ALA B 171 17.95 18.94 23.47
C ALA B 171 16.76 18.39 22.68
N MET B 172 15.84 17.70 23.34
CA MET B 172 14.64 17.29 22.63
C MET B 172 13.73 18.42 22.17
N MET B 173 13.75 19.51 22.92
CA MET B 173 12.85 20.60 22.63
C MET B 173 13.10 21.19 21.24
N ARG B 174 14.35 21.07 20.81
CA ARG B 174 14.79 21.53 19.49
C ARG B 174 14.40 20.67 18.31
N VAL B 175 13.88 19.49 18.56
CA VAL B 175 13.57 18.52 17.53
C VAL B 175 12.04 18.48 17.47
N ASP B 176 11.51 18.36 16.30
CA ASP B 176 10.04 18.18 16.19
C ASP B 176 9.56 16.88 16.76
N GLN B 177 8.36 16.95 17.34
CA GLN B 177 7.77 15.75 17.92
C GLN B 177 7.68 14.64 16.85
N ASP B 178 7.31 15.01 15.61
CA ASP B 178 7.18 14.00 14.51
C ASP B 178 8.46 13.22 14.24
N ALA B 179 9.59 13.90 14.43
CA ALA B 179 10.91 13.37 14.13
C ALA B 179 11.58 12.69 15.35
N ALA B 180 10.98 12.79 16.54
CA ALA B 180 11.70 12.41 17.79
C ALA B 180 12.17 10.97 17.80
N ALA B 181 11.28 10.08 17.35
CA ALA B 181 11.54 8.63 17.32
C ALA B 181 12.67 8.23 16.31
N THR B 182 13.07 9.15 15.44
CA THR B 182 14.13 8.88 14.46
C THR B 182 15.31 9.90 14.58
N GLU B 183 15.50 10.56 15.72
CA GLU B 183 16.63 11.52 15.88
C GLU B 183 17.46 11.07 17.04
N ALA B 184 18.70 11.51 17.08
CA ALA B 184 19.60 11.05 18.12
C ALA B 184 19.17 11.51 19.51
N ALA B 185 18.56 12.67 19.57
CA ALA B 185 18.27 13.23 20.87
C ALA B 185 17.21 12.31 21.46
N GLY B 186 16.37 11.73 20.60
CA GLY B 186 15.36 10.76 21.05
C GLY B 186 15.95 9.54 21.74
N MET B 187 17.10 9.10 21.29
CA MET B 187 17.74 7.91 21.88
C MET B 187 18.21 8.27 23.27
N ARG B 188 18.77 9.45 23.41
CA ARG B 188 19.27 9.86 24.71
C ARG B 188 18.10 9.97 25.72
N LEU B 189 16.96 10.48 25.27
CA LEU B 189 15.75 10.52 26.14
C LEU B 189 15.22 9.12 26.45
N GLY B 190 15.17 8.25 25.45
CA GLY B 190 14.79 6.90 25.71
C GLY B 190 15.65 6.24 26.80
N GLY B 191 16.97 6.49 26.80
CA GLY B 191 17.85 5.91 27.83
C GLY B 191 17.51 6.45 29.22
N LEU B 192 17.36 7.77 29.33
CA LEU B 192 16.93 8.42 30.58
C LEU B 192 15.59 7.81 31.05
N LEU B 193 14.61 7.71 30.17
CA LEU B 193 13.30 7.23 30.57
C LEU B 193 13.40 5.77 30.97
N TYR B 194 14.21 4.97 30.28
CA TYR B 194 14.27 3.53 30.65
C TYR B 194 14.69 3.47 32.10
N GLN B 195 15.67 4.26 32.47
CA GLN B 195 16.27 4.17 33.80
C GLN B 195 15.31 4.72 34.89
N LEU B 196 14.65 5.83 34.58
CA LEU B 196 13.60 6.40 35.40
C LEU B 196 12.60 5.34 35.66
N VAL B 197 12.13 4.71 34.62
CA VAL B 197 11.12 3.68 34.87
C VAL B 197 11.66 2.62 35.83
N GLN B 198 12.94 2.25 35.74
CA GLN B 198 13.43 1.19 36.65
C GLN B 198 13.51 1.72 38.07
N GLU B 199 14.05 2.94 38.27
CA GLU B 199 14.08 3.59 39.59
C GLU B 199 12.69 3.54 40.23
N ARG B 200 11.63 3.81 39.48
CA ARG B 200 10.30 3.91 40.12
C ARG B 200 9.75 2.57 40.46
N ARG B 201 10.11 1.58 39.64
CA ARG B 201 9.63 0.25 39.87
C ARG B 201 10.24 -0.22 41.19
N ALA B 202 11.54 0.05 41.38
CA ALA B 202 12.27 -0.30 42.56
C ALA B 202 11.90 0.54 43.79
N ASN B 203 11.63 1.84 43.63
CA ASN B 203 11.22 2.72 44.75
C ASN B 203 9.95 3.52 44.46
N PRO B 204 8.77 2.88 44.53
CA PRO B 204 7.59 3.63 44.11
C PRO B 204 7.38 4.92 44.94
N GLY B 205 6.68 5.90 44.35
CA GLY B 205 6.40 7.21 44.95
C GLY B 205 4.96 7.58 44.67
N ASP B 206 4.61 8.85 44.87
CA ASP B 206 3.30 9.44 44.57
C ASP B 206 3.23 10.08 43.19
N ASP B 207 4.29 9.96 42.39
CA ASP B 207 4.35 10.60 41.04
C ASP B 207 3.53 9.80 40.03
N LEU B 208 3.43 10.30 38.78
CA LEU B 208 2.57 9.66 37.77
C LEU B 208 3.10 8.32 37.29
N ILE B 209 4.41 8.18 37.24
CA ILE B 209 4.99 6.98 36.63
C ILE B 209 4.81 5.82 37.59
N SER B 210 5.11 6.07 38.88
CA SER B 210 4.69 5.08 39.94
C SER B 210 3.24 4.70 39.83
N ALA B 211 2.36 5.68 39.62
CA ALA B 211 0.95 5.28 39.56
C ALA B 211 0.64 4.46 38.34
N LEU B 212 1.30 4.76 37.21
CA LEU B 212 0.96 3.99 36.00
C LEU B 212 1.45 2.57 36.19
N ILE B 213 2.59 2.44 36.85
CA ILE B 213 3.17 1.12 37.11
C ILE B 213 2.16 0.21 37.78
N THR B 214 1.40 0.71 38.73
CA THR B 214 0.50 -0.11 39.53
C THR B 214 -0.98 0.03 39.17
N THR B 215 -1.31 0.62 38.04
CA THR B 215 -2.70 0.87 37.72
C THR B 215 -3.37 -0.41 37.27
N GLU B 216 -4.70 -0.40 37.33
CA GLU B 216 -5.51 -1.54 36.94
C GLU B 216 -5.31 -1.66 35.49
N ASP B 217 -4.74 -2.78 35.08
CA ASP B 217 -4.42 -2.97 33.70
C ASP B 217 -5.05 -4.28 33.23
N PRO B 218 -6.38 -4.27 33.03
CA PRO B 218 -7.08 -5.53 32.76
C PRO B 218 -6.66 -6.26 31.47
N ASP B 219 -6.15 -5.57 30.48
CA ASP B 219 -5.76 -6.24 29.22
C ASP B 219 -4.25 -6.46 29.00
N GLY B 220 -3.47 -6.28 30.05
CA GLY B 220 -2.05 -6.61 30.03
C GLY B 220 -1.27 -5.76 29.06
N VAL B 221 -1.53 -4.45 29.02
CA VAL B 221 -0.94 -3.56 28.02
C VAL B 221 0.25 -2.76 28.56
N ILE B 222 0.31 -2.52 29.86
CA ILE B 222 1.32 -1.69 30.47
C ILE B 222 2.57 -2.52 30.59
N ASP B 223 3.61 -2.22 29.82
CA ASP B 223 4.94 -2.77 30.08
C ASP B 223 5.92 -1.61 29.99
N ASP B 224 7.21 -1.86 30.10
CA ASP B 224 8.17 -0.76 30.14
C ASP B 224 8.12 0.17 28.92
N MET B 225 7.89 -0.42 27.74
CA MET B 225 7.88 0.34 26.51
C MET B 225 6.63 1.23 26.47
N PHE B 226 5.49 0.72 26.94
CA PHE B 226 4.32 1.58 27.01
C PHE B 226 4.52 2.78 27.93
N LEU B 227 5.12 2.54 29.06
CA LEU B 227 5.44 3.62 29.98
C LEU B 227 6.41 4.66 29.42
N MET B 228 7.41 4.20 28.67
CA MET B 228 8.41 5.11 28.09
C MET B 228 7.77 5.94 27.00
N ASN B 229 6.89 5.33 26.25
CA ASN B 229 6.19 6.04 25.20
C ASN B 229 5.23 7.06 25.78
N ALA B 230 4.56 6.76 26.88
CA ALA B 230 3.65 7.71 27.49
C ALA B 230 4.44 8.82 28.12
N ALA B 231 5.51 8.50 28.76
CA ALA B 231 6.25 9.57 29.43
C ALA B 231 6.95 10.46 28.49
N GLY B 232 7.49 9.85 27.46
CA GLY B 232 8.08 10.59 26.40
C GLY B 232 7.09 11.50 25.74
N THR B 233 5.88 11.03 25.37
CA THR B 233 5.03 11.99 24.67
C THR B 233 4.53 13.06 25.59
N LEU B 234 4.31 12.78 26.88
CA LEU B 234 3.93 13.80 27.77
C LEU B 234 4.99 14.84 27.76
N LEU B 235 6.23 14.47 27.96
CA LEU B 235 7.26 15.51 28.03
C LEU B 235 7.35 16.36 26.77
N ILE B 236 7.51 15.67 25.65
CA ILE B 236 7.72 16.37 24.43
C ILE B 236 6.54 17.24 24.07
N ALA B 237 5.29 16.73 24.22
CA ALA B 237 4.08 17.55 23.92
C ALA B 237 3.88 18.76 24.85
N ALA B 238 4.39 18.66 26.08
CA ALA B 238 4.31 19.72 27.04
C ALA B 238 5.37 20.80 26.94
N HIS B 239 6.55 20.49 26.48
CA HIS B 239 7.68 21.36 26.80
C HIS B 239 7.75 22.51 25.82
N ASP B 240 7.91 22.21 24.53
CA ASP B 240 8.01 23.28 23.50
C ASP B 240 6.78 24.16 23.42
N THR B 241 5.58 23.57 23.45
CA THR B 241 4.34 24.33 23.37
C THR B 241 4.15 25.31 24.52
N THR B 242 4.29 24.85 25.77
CA THR B 242 4.17 25.75 26.88
C THR B 242 5.27 26.76 26.86
N ALA B 243 6.54 26.39 26.64
CA ALA B 243 7.54 27.43 26.49
C ALA B 243 7.17 28.46 25.43
N CYS B 244 6.64 28.04 24.27
CA CYS B 244 6.32 29.06 23.25
C CYS B 244 5.25 30.02 23.81
N MET B 245 4.26 29.51 24.52
CA MET B 245 3.21 30.37 25.02
C MET B 245 3.73 31.32 26.09
N ILE B 246 4.70 30.92 26.91
CA ILE B 246 5.24 31.82 27.92
C ILE B 246 5.93 33.01 27.24
N GLY B 247 6.81 32.73 26.29
CA GLY B 247 7.51 33.77 25.56
C GLY B 247 6.60 34.66 24.73
N LEU B 248 5.70 34.05 24.00
CA LEU B 248 4.84 34.83 23.11
C LEU B 248 3.77 35.61 23.88
N GLY B 249 3.25 34.99 24.90
CA GLY B 249 2.29 35.62 25.78
C GLY B 249 2.90 36.83 26.42
N THR B 250 4.10 36.66 26.95
CA THR B 250 4.80 37.74 27.57
C THR B 250 5.02 38.86 26.58
N ALA B 251 5.48 38.54 25.38
CA ALA B 251 5.72 39.58 24.35
C ALA B 251 4.45 40.32 23.98
N LEU B 252 3.31 39.62 23.85
CA LEU B 252 2.08 40.28 23.51
C LEU B 252 1.66 41.19 24.65
N LEU B 253 1.74 40.70 25.88
CA LEU B 253 1.35 41.56 26.97
C LEU B 253 2.19 42.79 27.09
N LEU B 254 3.51 42.67 26.96
CA LEU B 254 4.36 43.85 26.95
C LEU B 254 4.07 44.75 25.76
N ASP B 255 3.36 44.30 24.75
CA ASP B 255 3.08 45.16 23.62
C ASP B 255 1.65 45.65 23.68
N ARG B 256 0.95 45.39 24.78
CA ARG B 256 -0.44 45.79 24.93
C ARG B 256 -0.68 46.34 26.35
N PRO B 257 -0.03 47.48 26.68
CA PRO B 257 -0.03 48.00 28.04
C PRO B 257 -1.43 48.15 28.57
N ASP B 258 -2.41 48.43 27.72
CA ASP B 258 -3.81 48.52 28.15
C ASP B 258 -4.34 47.24 28.77
N GLN B 259 -4.04 46.08 28.16
CA GLN B 259 -4.53 44.79 28.67
C GLN B 259 -3.73 44.41 29.85
N LEU B 260 -2.43 44.69 29.82
CA LEU B 260 -1.64 44.43 30.98
C LEU B 260 -2.12 45.27 32.19
N ALA B 261 -2.37 46.55 31.98
CA ALA B 261 -2.91 47.38 33.05
C ALA B 261 -4.20 46.80 33.60
N LEU B 262 -5.08 46.25 32.77
CA LEU B 262 -6.32 45.67 33.34
C LEU B 262 -6.05 44.50 34.31
N LEU B 263 -5.13 43.64 33.91
CA LEU B 263 -4.66 42.56 34.74
C LEU B 263 -3.96 43.00 36.06
N GLN B 264 -3.15 44.04 36.01
CA GLN B 264 -2.52 44.54 37.23
C GLN B 264 -3.57 45.18 38.13
N LYS B 265 -4.56 45.84 37.56
CA LYS B 265 -5.66 46.39 38.35
C LYS B 265 -6.56 45.32 38.98
N ASP B 266 -6.93 44.29 38.21
CA ASP B 266 -7.76 43.18 38.72
C ASP B 266 -7.11 41.80 38.42
N PRO B 267 -6.21 41.37 39.32
CA PRO B 267 -5.47 40.15 39.12
C PRO B 267 -6.34 38.96 39.04
N SER B 268 -7.61 39.04 39.48
CA SER B 268 -8.50 37.92 39.33
C SER B 268 -8.83 37.68 37.87
N LEU B 269 -8.43 38.57 36.98
CA LEU B 269 -8.68 38.33 35.54
C LEU B 269 -7.69 37.30 34.93
N ILE B 270 -6.74 36.80 35.74
CA ILE B 270 -5.70 35.89 35.26
C ILE B 270 -6.23 34.67 34.47
N GLY B 271 -7.28 34.00 34.96
CA GLY B 271 -7.96 32.95 34.23
C GLY B 271 -8.42 33.31 32.81
N ASN B 272 -9.20 34.37 32.73
CA ASN B 272 -9.75 34.91 31.49
C ASN B 272 -8.66 35.37 30.58
N ALA B 273 -7.63 36.00 31.12
CA ALA B 273 -6.49 36.44 30.36
C ALA B 273 -5.77 35.26 29.66
N VAL B 274 -5.55 34.19 30.40
CA VAL B 274 -4.88 33.03 29.87
C VAL B 274 -5.74 32.44 28.75
N GLU B 275 -7.06 32.36 28.92
CA GLU B 275 -7.89 31.87 27.82
C GLU B 275 -7.82 32.76 26.61
N GLU B 276 -7.77 34.08 26.78
CA GLU B 276 -7.68 34.94 25.61
C GLU B 276 -6.31 34.87 25.02
N LEU B 277 -5.24 34.77 25.82
CA LEU B 277 -3.94 34.55 25.21
C LEU B 277 -3.84 33.26 24.35
N LEU B 278 -4.40 32.16 24.81
CA LEU B 278 -4.44 30.94 24.05
C LEU B 278 -5.19 31.11 22.71
N ARG B 279 -6.37 31.72 22.74
CA ARG B 279 -7.13 31.94 21.56
C ARG B 279 -6.34 32.81 20.61
N TYR B 280 -5.91 33.94 21.11
CA TYR B 280 -5.33 34.93 20.28
C TYR B 280 -4.01 34.43 19.71
N LEU B 281 -3.26 33.66 20.46
CA LEU B 281 -1.92 33.26 19.93
C LEU B 281 -1.81 31.94 19.12
N THR B 282 -2.85 31.09 19.20
CA THR B 282 -2.99 29.67 18.78
C THR B 282 -1.75 29.12 18.12
N ILE B 283 -0.83 28.63 18.95
CA ILE B 283 0.55 28.49 18.53
C ILE B 283 0.89 27.42 17.47
N GLY B 284 0.08 26.40 17.36
CA GLY B 284 0.22 25.32 16.32
C GLY B 284 -0.25 25.90 14.98
N GLN B 285 0.70 26.58 14.34
CA GLN B 285 0.36 27.62 13.36
C GLN B 285 -0.08 27.15 11.98
N PHE B 286 0.47 26.04 11.54
CA PHE B 286 0.28 25.59 10.13
C PHE B 286 -0.91 24.73 9.90
N GLY B 287 -1.45 24.17 10.99
CA GLY B 287 -2.73 23.43 10.97
C GLY B 287 -2.53 21.95 11.33
N ALA B 288 -3.49 21.34 12.00
CA ALA B 288 -3.42 19.92 12.33
C ALA B 288 -3.85 19.02 11.15
N GLU B 289 -3.19 17.86 11.04
CA GLU B 289 -3.46 16.92 9.91
C GLU B 289 -4.27 15.69 10.23
N ARG B 290 -5.22 15.39 9.33
CA ARG B 290 -6.09 14.20 9.39
C ARG B 290 -6.24 13.59 7.97
N VAL B 291 -6.68 12.36 7.86
CA VAL B 291 -7.02 11.79 6.56
C VAL B 291 -8.33 11.12 6.68
N ALA B 292 -9.17 11.29 5.67
CA ALA B 292 -10.46 10.61 5.67
C ALA B 292 -10.35 9.11 5.43
N THR B 293 -11.21 8.33 6.09
CA THR B 293 -11.28 6.88 5.95
C THR B 293 -12.59 6.45 5.32
N GLN B 294 -13.54 7.36 5.17
CA GLN B 294 -14.74 7.08 4.37
C GLN B 294 -15.20 8.39 3.69
N ASP B 295 -16.11 8.27 2.76
CA ASP B 295 -16.57 9.45 2.02
C ASP B 295 -17.40 10.25 2.99
N GLY B 296 -17.37 11.56 2.91
CA GLY B 296 -18.21 12.42 3.74
C GLY B 296 -18.34 13.84 3.19
N GLU B 297 -18.83 14.74 4.05
CA GLU B 297 -19.19 16.08 3.68
C GLU B 297 -18.84 17.03 4.81
N ILE B 298 -18.16 18.12 4.51
CA ILE B 298 -17.88 19.17 5.48
C ILE B 298 -18.24 20.52 4.82
N GLY B 299 -19.14 21.30 5.41
CA GLY B 299 -19.52 22.64 4.84
C GLY B 299 -20.04 22.56 3.40
N GLY B 300 -20.74 21.46 3.11
CA GLY B 300 -21.37 21.19 1.80
C GLY B 300 -20.40 20.76 0.69
N VAL B 301 -19.13 20.49 1.04
CA VAL B 301 -18.10 20.05 0.13
C VAL B 301 -17.85 18.57 0.38
N ARG B 302 -17.78 17.74 -0.66
CA ARG B 302 -17.60 16.32 -0.49
C ARG B 302 -16.13 16.01 -0.30
N ILE B 303 -15.85 15.15 0.66
CA ILE B 303 -14.46 14.77 1.00
C ILE B 303 -14.42 13.31 0.70
N ALA B 304 -13.39 12.90 -0.01
CA ALA B 304 -13.35 11.56 -0.41
C ALA B 304 -12.46 10.74 0.52
N LYS B 305 -12.81 9.46 0.66
CA LYS B 305 -11.90 8.49 1.23
C LYS B 305 -10.48 8.65 0.74
N GLY B 306 -9.55 8.84 1.68
CA GLY B 306 -8.15 8.88 1.37
C GLY B 306 -7.64 10.28 1.15
N GLU B 307 -8.52 11.26 1.22
CA GLU B 307 -8.02 12.64 1.10
C GLU B 307 -7.57 13.25 2.40
N GLN B 308 -6.45 13.95 2.40
CA GLN B 308 -5.92 14.58 3.57
C GLN B 308 -6.65 15.93 3.82
N VAL B 309 -6.84 16.25 5.11
CA VAL B 309 -7.44 17.48 5.58
C VAL B 309 -6.58 18.21 6.57
N VAL B 310 -6.38 19.52 6.37
CA VAL B 310 -5.64 20.30 7.29
C VAL B 310 -6.62 21.25 7.98
N THR B 311 -6.76 21.11 9.31
CA THR B 311 -7.62 22.02 10.15
C THR B 311 -6.79 23.11 10.75
N HIS B 312 -7.06 24.35 10.28
CA HIS B 312 -6.24 25.52 10.58
C HIS B 312 -6.82 26.16 11.90
N LEU B 313 -6.22 25.78 13.03
CA LEU B 313 -6.74 26.09 14.36
C LEU B 313 -6.69 27.57 14.56
N LEU B 314 -5.58 28.17 14.17
CA LEU B 314 -5.40 29.61 14.25
C LEU B 314 -6.45 30.42 13.52
N SER B 315 -6.64 30.13 12.24
CA SER B 315 -7.72 30.70 11.49
C SER B 315 -9.06 30.54 12.15
N ALA B 316 -9.34 29.37 12.66
CA ALA B 316 -10.65 29.09 13.20
C ALA B 316 -10.90 29.92 14.49
N ASP B 317 -9.85 30.20 15.21
CA ASP B 317 -9.93 30.99 16.45
C ASP B 317 -10.05 32.46 16.14
N PHE B 318 -9.81 32.88 14.87
CA PHE B 318 -10.09 34.23 14.51
C PHE B 318 -11.34 34.37 13.68
N ASP B 319 -12.19 33.36 13.68
CA ASP B 319 -13.38 33.39 12.85
C ASP B 319 -14.46 34.35 13.45
N PRO B 320 -14.88 35.38 12.68
CA PRO B 320 -15.90 36.22 13.28
C PRO B 320 -17.22 35.53 13.55
N ALA B 321 -17.48 34.31 13.12
CA ALA B 321 -18.69 33.68 13.60
C ALA B 321 -18.49 33.00 14.99
N PHE B 322 -17.26 33.02 15.52
CA PHE B 322 -16.92 32.34 16.76
C PHE B 322 -17.01 33.39 17.86
N VAL B 323 -16.23 34.45 17.74
CA VAL B 323 -16.28 35.58 18.65
C VAL B 323 -16.36 36.90 17.90
N GLU B 324 -16.93 37.90 18.56
CA GLU B 324 -17.10 39.22 17.97
C GLU B 324 -15.75 39.90 17.99
N ASP B 325 -15.44 40.58 16.90
CA ASP B 325 -14.25 41.37 16.81
C ASP B 325 -12.91 40.58 17.10
N PRO B 326 -12.75 39.44 16.40
CA PRO B 326 -11.67 38.48 16.68
C PRO B 326 -10.28 39.08 16.74
N GLU B 327 -10.03 40.13 15.98
CA GLU B 327 -8.69 40.69 15.97
C GLU B 327 -8.38 41.53 17.17
N ARG B 328 -9.38 41.76 18.00
CA ARG B 328 -9.13 42.55 19.18
C ARG B 328 -8.74 41.61 20.33
N PHE B 329 -7.58 41.82 20.90
CA PHE B 329 -7.13 41.15 22.12
C PHE B 329 -7.78 41.82 23.36
N ASP B 330 -8.62 41.08 24.03
CA ASP B 330 -9.46 41.58 25.14
C ASP B 330 -9.53 40.53 26.22
N ILE B 331 -8.74 40.70 27.26
CA ILE B 331 -8.75 39.76 28.37
C ILE B 331 -9.98 39.76 29.20
N THR B 332 -10.90 40.66 28.92
CA THR B 332 -12.13 40.73 29.68
C THR B 332 -13.19 39.91 29.00
N ARG B 333 -12.94 39.34 27.82
CA ARG B 333 -13.99 38.46 27.26
C ARG B 333 -14.32 37.34 28.23
N ARG B 334 -15.57 36.96 28.16
CA ARG B 334 -16.00 35.68 28.73
C ARG B 334 -15.41 34.57 27.87
N PRO B 335 -14.73 33.62 28.49
CA PRO B 335 -14.04 32.62 27.62
C PRO B 335 -15.02 31.77 26.78
N ALA B 336 -14.76 31.65 25.50
CA ALA B 336 -15.54 30.77 24.65
C ALA B 336 -14.59 29.61 24.24
N PRO B 337 -15.14 28.50 23.75
CA PRO B 337 -14.34 27.30 23.42
C PRO B 337 -13.47 27.39 22.20
N HIS B 338 -12.28 27.91 22.41
CA HIS B 338 -11.30 28.05 21.37
C HIS B 338 -10.66 26.68 21.06
N LEU B 339 -9.77 26.62 20.06
CA LEU B 339 -9.22 25.40 19.49
C LEU B 339 -7.75 25.33 19.71
N ALA B 340 -7.21 26.15 20.58
CA ALA B 340 -5.78 26.11 20.85
C ALA B 340 -5.24 24.75 21.32
N PHE B 341 -6.13 23.95 21.91
CA PHE B 341 -5.84 22.60 22.40
C PHE B 341 -6.50 21.57 21.54
N GLY B 342 -7.01 21.96 20.38
CA GLY B 342 -7.71 20.99 19.54
C GLY B 342 -9.11 20.71 20.00
N PHE B 343 -9.66 19.58 19.58
CA PHE B 343 -11.04 19.20 19.79
C PHE B 343 -11.15 17.73 19.46
N GLY B 344 -12.21 17.10 19.94
CA GLY B 344 -12.47 15.67 19.71
C GLY B 344 -11.57 14.74 20.47
N ALA B 345 -11.42 13.51 19.99
CA ALA B 345 -10.75 12.42 20.73
C ALA B 345 -9.30 12.63 20.97
N HIS B 346 -8.66 13.42 20.11
CA HIS B 346 -7.19 13.73 20.23
C HIS B 346 -6.83 15.04 20.91
N GLN B 347 -7.86 15.78 21.25
CA GLN B 347 -7.69 16.98 22.13
C GLN B 347 -6.60 16.88 23.19
N CYS B 348 -5.88 17.96 23.45
CA CYS B 348 -4.77 17.99 24.35
C CYS B 348 -5.14 17.32 25.67
N ILE B 349 -4.38 16.32 26.08
CA ILE B 349 -4.67 15.64 27.34
C ILE B 349 -4.15 16.43 28.57
N GLY B 350 -3.23 17.35 28.35
CA GLY B 350 -2.59 18.11 29.46
C GLY B 350 -3.05 19.54 29.58
N GLN B 351 -4.16 19.80 28.89
CA GLN B 351 -4.82 21.11 28.79
C GLN B 351 -4.87 21.80 30.16
N GLN B 352 -5.41 21.09 31.14
CA GLN B 352 -5.61 21.66 32.48
C GLN B 352 -4.29 21.98 33.12
N LEU B 353 -3.28 21.12 32.95
CA LEU B 353 -1.94 21.44 33.47
C LEU B 353 -1.34 22.62 32.76
N ALA B 354 -1.55 22.75 31.44
CA ALA B 354 -1.01 23.87 30.73
C ALA B 354 -1.62 25.17 31.18
N ARG B 355 -2.94 25.18 31.35
CA ARG B 355 -3.64 26.40 31.87
C ARG B 355 -3.10 26.81 33.27
N ILE B 356 -2.95 25.85 34.17
CA ILE B 356 -2.32 26.12 35.46
C ILE B 356 -0.94 26.68 35.31
N GLU B 357 -0.11 26.14 34.41
CA GLU B 357 1.27 26.64 34.38
C GLU B 357 1.21 28.09 33.88
N LEU B 358 0.36 28.33 32.91
CA LEU B 358 0.37 29.68 32.33
C LEU B 358 -0.28 30.67 33.38
N GLN B 359 -1.31 30.24 34.06
CA GLN B 359 -1.91 31.11 35.11
C GLN B 359 -0.88 31.49 36.15
N ILE B 360 -0.08 30.55 36.58
CA ILE B 360 0.98 30.85 37.55
C ILE B 360 2.10 31.67 37.00
N VAL B 361 2.57 31.36 35.80
CA VAL B 361 3.66 32.11 35.18
C VAL B 361 3.24 33.53 35.05
N PHE B 362 2.09 33.80 34.44
CA PHE B 362 1.81 35.21 34.18
C PHE B 362 1.33 35.98 35.43
N GLY B 363 0.47 35.36 36.20
CA GLY B 363 0.07 35.92 37.53
C GLY B 363 1.30 36.33 38.32
N THR B 364 2.24 35.40 38.48
CA THR B 364 3.44 35.68 39.27
C THR B 364 4.46 36.58 38.56
N LEU B 365 4.62 36.47 37.26
CA LEU B 365 5.60 37.32 36.62
C LEU B 365 5.21 38.78 36.76
N PHE B 366 3.95 39.10 36.48
CA PHE B 366 3.53 40.51 36.54
C PHE B 366 3.29 41.05 37.96
N ARG B 367 2.96 40.20 38.92
CA ARG B 367 2.88 40.63 40.30
C ARG B 367 4.31 40.97 40.79
N ARG B 368 5.32 40.14 40.53
CA ARG B 368 6.70 40.45 41.04
C ARG B 368 7.50 41.47 40.24
N PHE B 369 7.16 41.66 38.98
CA PHE B 369 7.89 42.54 38.08
C PHE B 369 6.90 43.48 37.35
N PRO B 370 6.17 44.29 38.13
CA PRO B 370 5.26 45.28 37.53
C PRO B 370 5.94 46.25 36.58
N THR B 371 7.24 46.56 36.73
CA THR B 371 7.89 47.48 35.77
C THR B 371 8.43 46.78 34.51
N LEU B 372 8.19 45.46 34.39
CA LEU B 372 8.82 44.67 33.30
C LEU B 372 8.60 45.34 31.95
N ARG B 373 9.61 45.36 31.11
CA ARG B 373 9.39 45.85 29.75
C ARG B 373 10.43 45.27 28.81
N LEU B 374 10.12 45.37 27.53
CA LEU B 374 10.99 44.91 26.46
C LEU B 374 12.24 45.73 26.56
N ALA B 375 13.40 45.11 26.33
CA ALA B 375 14.65 45.84 26.27
C ALA B 375 15.09 46.07 24.82
N LYS B 376 14.28 45.61 23.86
CA LYS B 376 14.38 46.01 22.45
C LYS B 376 12.96 45.90 21.87
N PRO B 377 12.61 46.74 20.90
CA PRO B 377 11.25 46.88 20.34
C PRO B 377 10.78 45.70 19.54
N VAL B 378 9.47 45.56 19.43
CA VAL B 378 8.85 44.34 18.86
C VAL B 378 9.15 44.13 17.36
N GLU B 379 9.54 45.20 16.68
CA GLU B 379 9.89 45.06 15.27
C GLU B 379 11.30 44.47 15.13
N GLU B 380 12.11 44.54 16.18
CA GLU B 380 13.39 43.84 16.26
C GLU B 380 13.28 42.39 16.82
N LEU B 381 12.16 42.00 17.40
CA LEU B 381 12.06 40.64 17.90
C LEU B 381 12.16 39.67 16.75
N ARG B 382 12.80 38.52 16.96
CA ARG B 382 12.75 37.47 15.94
C ARG B 382 11.69 36.41 16.32
N PHE B 383 10.68 36.27 15.45
CA PHE B 383 9.59 35.32 15.61
C PHE B 383 9.89 33.99 14.96
N ARG B 384 9.20 32.94 15.42
CA ARG B 384 9.41 31.57 14.94
C ARG B 384 8.59 31.29 13.72
N ASN B 385 8.85 32.06 12.68
CA ASN B 385 8.06 31.99 11.44
C ASN B 385 8.01 30.62 10.78
N ASP B 386 9.09 29.86 10.90
CA ASP B 386 9.10 28.56 10.17
C ASP B 386 8.89 27.34 11.08
N MET B 387 8.82 27.53 12.40
CA MET B 387 8.72 26.38 13.29
C MET B 387 7.29 25.79 13.40
N VAL B 388 7.16 24.53 13.81
CA VAL B 388 5.83 23.95 13.99
C VAL B 388 5.02 24.85 15.03
N PHE B 389 5.68 25.26 16.10
CA PHE B 389 5.03 26.09 17.10
C PHE B 389 5.64 27.46 17.06
N TYR B 390 4.75 28.40 16.83
CA TYR B 390 5.07 29.81 16.74
C TYR B 390 5.42 30.39 18.09
N GLY B 391 6.13 31.50 18.08
CA GLY B 391 6.72 32.03 19.31
C GLY B 391 7.78 33.04 18.95
N VAL B 392 8.65 33.34 19.88
CA VAL B 392 9.78 34.23 19.69
C VAL B 392 11.06 33.45 20.01
N HIS B 393 12.14 33.71 19.26
CA HIS B 393 13.39 32.99 19.46
C HIS B 393 14.03 33.49 20.72
N GLU B 394 13.88 34.78 20.99
CA GLU B 394 14.53 35.40 22.13
C GLU B 394 13.61 36.49 22.65
N LEU B 395 13.64 36.79 23.95
CA LEU B 395 12.82 37.86 24.51
C LEU B 395 13.62 38.64 25.55
N PRO B 396 14.37 39.64 25.09
CA PRO B 396 15.18 40.39 26.04
C PRO B 396 14.28 41.32 26.82
N VAL B 397 14.33 41.22 28.16
CA VAL B 397 13.47 42.04 28.98
C VAL B 397 14.27 42.71 30.07
N THR B 398 13.79 43.87 30.54
CA THR B 398 14.33 44.45 31.76
C THR B 398 13.28 45.03 32.69
N TRP B 399 13.80 45.54 33.83
CA TRP B 399 12.99 46.21 34.84
C TRP B 399 13.87 47.15 35.76
N THR C 5 -7.24 -27.42 4.69
CA THR C 5 -6.70 -28.07 3.45
C THR C 5 -5.86 -27.04 2.65
N ALA C 6 -6.53 -26.29 1.75
CA ALA C 6 -5.92 -25.48 0.65
C ALA C 6 -4.38 -25.19 0.62
N GLY C 7 -3.81 -24.74 1.76
CA GLY C 7 -2.41 -24.29 1.87
C GLY C 7 -1.30 -25.34 1.73
N ALA C 8 -0.15 -24.93 1.25
CA ALA C 8 1.01 -25.81 1.18
C ALA C 8 1.35 -26.41 2.53
N PRO C 9 1.95 -27.60 2.51
CA PRO C 9 2.31 -28.17 3.80
C PRO C 9 3.34 -27.33 4.57
N ALA C 10 3.31 -27.49 5.87
CA ALA C 10 4.20 -26.85 6.78
C ALA C 10 5.67 -27.14 6.47
N ALA C 11 6.48 -26.09 6.56
CA ALA C 11 7.93 -26.22 6.38
C ALA C 11 8.43 -27.12 7.49
N PRO C 12 9.21 -28.16 7.15
CA PRO C 12 9.79 -29.06 8.14
C PRO C 12 10.65 -28.37 9.20
N LYS C 13 10.44 -28.71 10.46
CA LYS C 13 11.10 -28.13 11.62
C LYS C 13 11.62 -29.15 12.62
N ALA C 14 10.89 -30.25 12.77
CA ALA C 14 11.21 -31.25 13.80
C ALA C 14 12.52 -31.98 13.54
N ARG C 15 13.30 -32.14 14.60
CA ARG C 15 14.59 -32.81 14.56
C ARG C 15 14.56 -34.02 15.50
N SER C 16 14.66 -35.20 14.93
CA SER C 16 14.87 -36.39 15.79
C SER C 16 16.33 -36.49 16.25
N CYS C 17 17.27 -35.92 15.48
CA CYS C 17 18.70 -35.80 15.87
C CYS C 17 19.14 -34.31 16.05
N PRO C 18 19.55 -33.91 17.24
CA PRO C 18 19.73 -32.53 17.53
C PRO C 18 20.93 -31.81 16.80
N PHE C 19 21.82 -32.54 16.12
CA PHE C 19 22.91 -31.95 15.33
C PHE C 19 22.65 -32.07 13.85
N LEU C 20 21.49 -32.57 13.47
CA LEU C 20 21.15 -32.64 12.05
C LEU C 20 19.95 -31.76 11.73
N PRO C 21 19.78 -31.41 10.46
CA PRO C 21 18.60 -30.62 10.07
C PRO C 21 17.29 -31.37 10.29
N PRO C 22 16.16 -30.63 10.26
CA PRO C 22 14.86 -31.32 10.29
C PRO C 22 14.80 -32.44 9.29
N ASP C 23 14.38 -33.59 9.83
CA ASP C 23 14.08 -34.86 9.17
C ASP C 23 13.39 -34.71 7.84
N GLY C 24 12.44 -33.81 7.72
CA GLY C 24 11.75 -33.72 6.41
C GLY C 24 12.47 -33.05 5.24
N ILE C 25 13.52 -32.28 5.54
CA ILE C 25 14.15 -31.43 4.51
C ILE C 25 14.68 -32.24 3.37
N ALA C 26 15.37 -33.32 3.70
CA ALA C 26 16.04 -34.13 2.68
C ALA C 26 15.16 -34.54 1.55
N ASP C 27 14.00 -35.11 1.89
CA ASP C 27 13.04 -35.52 0.83
C ASP C 27 12.54 -34.36 -0.02
N ILE C 28 12.24 -33.25 0.64
CA ILE C 28 11.80 -32.09 -0.15
C ILE C 28 12.89 -31.61 -1.05
N ARG C 29 14.12 -31.49 -0.47
CA ARG C 29 15.23 -30.90 -1.21
C ARG C 29 15.49 -31.70 -2.47
N ALA C 30 15.46 -33.04 -2.31
CA ALA C 30 15.78 -33.94 -3.41
C ALA C 30 14.72 -33.89 -4.51
N ALA C 31 13.44 -33.86 -4.14
CA ALA C 31 12.38 -33.89 -5.14
C ALA C 31 12.05 -32.50 -5.69
N ALA C 32 12.00 -31.52 -4.77
CA ALA C 32 11.55 -30.17 -5.13
C ALA C 32 12.34 -29.04 -4.44
N PRO C 33 13.53 -28.75 -4.92
CA PRO C 33 14.43 -27.78 -4.24
C PRO C 33 13.85 -26.34 -4.18
N VAL C 34 12.87 -26.03 -5.05
CA VAL C 34 11.93 -24.91 -4.90
C VAL C 34 10.45 -25.41 -4.79
N THR C 35 9.81 -25.19 -3.66
CA THR C 35 8.45 -25.64 -3.47
C THR C 35 7.68 -24.61 -2.66
N ARG C 36 6.36 -24.79 -2.36
CA ARG C 36 5.68 -23.87 -1.41
C ARG C 36 5.54 -24.55 -0.12
N ALA C 37 5.48 -23.75 0.93
CA ALA C 37 5.32 -24.24 2.27
C ALA C 37 4.66 -23.19 3.10
N THR C 38 4.22 -23.59 4.28
CA THR C 38 3.53 -22.68 5.11
C THR C 38 4.38 -22.59 6.30
N PHE C 39 4.53 -21.36 6.77
CA PHE C 39 5.47 -21.05 7.83
C PHE C 39 4.77 -20.78 9.16
N THR C 40 5.57 -20.53 10.17
CA THR C 40 5.09 -20.33 11.54
C THR C 40 3.94 -19.32 11.65
N SER C 41 3.90 -18.29 10.80
CA SER C 41 2.87 -17.25 10.84
C SER C 41 1.52 -17.64 10.18
N GLY C 42 1.51 -18.79 9.52
CA GLY C 42 0.37 -19.30 8.76
C GLY C 42 0.51 -18.87 7.33
N HIS C 43 1.43 -17.96 7.00
CA HIS C 43 1.51 -17.61 5.57
C HIS C 43 2.28 -18.63 4.80
N GLU C 44 2.05 -18.61 3.50
CA GLU C 44 2.62 -19.52 2.60
C GLU C 44 3.63 -18.74 1.79
N ALA C 45 4.78 -19.34 1.52
CA ALA C 45 5.80 -18.67 0.70
C ALA C 45 6.64 -19.68 -0.06
N TRP C 46 7.50 -19.26 -0.96
CA TRP C 46 8.41 -20.20 -1.55
C TRP C 46 9.52 -20.63 -0.56
N LEU C 47 9.82 -21.92 -0.59
CA LEU C 47 10.79 -22.54 0.26
C LEU C 47 11.81 -23.09 -0.71
N VAL C 48 13.02 -22.52 -0.59
CA VAL C 48 14.17 -22.85 -1.42
C VAL C 48 15.16 -23.60 -0.55
N THR C 49 15.35 -24.87 -0.91
CA THR C 49 16.14 -25.78 -0.13
C THR C 49 17.44 -26.28 -0.76
N GLY C 50 17.57 -26.20 -2.08
CA GLY C 50 18.80 -26.68 -2.73
C GLY C 50 19.91 -25.63 -2.80
N TYR C 51 21.17 -26.06 -2.72
CA TYR C 51 22.32 -25.17 -2.70
C TYR C 51 22.38 -24.27 -3.85
N GLU C 52 22.24 -24.80 -5.04
CA GLU C 52 22.40 -23.95 -6.16
C GLU C 52 21.31 -22.90 -6.26
N GLN C 53 20.10 -23.31 -5.97
CA GLN C 53 18.98 -22.40 -6.01
C GLN C 53 19.04 -21.33 -4.86
N VAL C 54 19.45 -21.69 -3.67
CA VAL C 54 19.58 -20.67 -2.64
C VAL C 54 20.59 -19.63 -3.08
N ARG C 55 21.69 -20.07 -3.68
CA ARG C 55 22.67 -19.13 -4.14
C ARG C 55 22.17 -18.32 -5.30
N ALA C 56 21.37 -18.90 -6.19
CA ALA C 56 20.75 -18.09 -7.27
C ALA C 56 19.80 -17.04 -6.71
N VAL C 57 19.07 -17.33 -5.65
CA VAL C 57 18.20 -16.26 -5.09
C VAL C 57 19.11 -15.17 -4.49
N LEU C 58 20.08 -15.54 -3.67
CA LEU C 58 20.81 -14.54 -2.92
C LEU C 58 21.70 -13.67 -3.75
N ARG C 59 22.12 -14.10 -4.93
CA ARG C 59 22.99 -13.29 -5.76
C ARG C 59 22.20 -12.36 -6.66
N ASP C 60 20.89 -12.55 -6.78
CA ASP C 60 20.11 -11.73 -7.70
C ASP C 60 19.75 -10.42 -6.99
N PRO C 61 20.31 -9.30 -7.46
CA PRO C 61 20.09 -8.01 -6.81
C PRO C 61 18.65 -7.46 -6.91
N SER C 62 17.72 -8.10 -7.63
CA SER C 62 16.34 -7.58 -7.64
C SER C 62 15.48 -8.11 -6.46
N PHE C 63 15.94 -9.09 -5.69
CA PHE C 63 15.24 -9.50 -4.46
C PHE C 63 15.35 -8.42 -3.36
N SER C 64 14.34 -8.25 -2.53
CA SER C 64 14.41 -7.23 -1.52
C SER C 64 14.34 -7.84 -0.18
N VAL C 65 14.88 -7.14 0.79
CA VAL C 65 14.83 -7.58 2.18
C VAL C 65 13.70 -6.91 2.92
N GLY C 66 13.08 -5.95 2.26
CA GLY C 66 11.84 -5.37 2.81
C GLY C 66 10.60 -6.26 2.55
N VAL C 67 10.37 -7.24 3.39
CA VAL C 67 9.35 -8.24 3.05
C VAL C 67 7.96 -7.95 3.61
N PRO C 68 6.90 -8.44 2.95
CA PRO C 68 5.56 -8.19 3.46
C PRO C 68 5.21 -8.89 4.80
N HIS C 69 5.70 -10.09 5.07
CA HIS C 69 5.49 -10.67 6.38
C HIS C 69 6.74 -11.23 7.02
N ALA C 70 6.63 -11.38 8.32
CA ALA C 70 7.55 -11.98 9.19
C ALA C 70 7.15 -13.44 9.42
N LEU C 71 7.52 -14.27 8.46
CA LEU C 71 7.12 -15.63 8.44
C LEU C 71 7.48 -16.46 9.65
N HIS C 72 8.57 -16.17 10.36
CA HIS C 72 8.97 -17.02 11.46
C HIS C 72 8.40 -16.62 12.81
N THR C 73 7.53 -15.61 12.85
CA THR C 73 6.89 -15.20 14.08
C THR C 73 5.43 -15.72 14.06
N GLN C 74 4.82 -15.75 15.25
CA GLN C 74 3.45 -16.22 15.47
C GLN C 74 2.40 -15.37 14.70
N ASP C 75 2.58 -14.05 14.77
CA ASP C 75 1.57 -13.18 14.16
C ASP C 75 1.89 -12.66 12.77
N GLY C 76 3.13 -12.86 12.30
CA GLY C 76 3.46 -12.48 10.93
C GLY C 76 3.65 -11.02 10.71
N VAL C 77 3.66 -10.25 11.79
CA VAL C 77 3.72 -8.78 11.66
C VAL C 77 5.17 -8.29 11.61
N VAL C 78 5.51 -7.58 10.55
CA VAL C 78 6.83 -6.99 10.35
C VAL C 78 6.97 -5.74 11.21
N THR C 79 7.78 -5.77 12.24
CA THR C 79 7.84 -4.63 13.12
C THR C 79 8.61 -3.53 12.49
N GLN C 80 8.65 -2.40 13.14
CA GLN C 80 9.40 -1.38 12.48
C GLN C 80 10.89 -1.43 12.83
N LYS C 81 11.65 -0.93 11.86
CA LYS C 81 13.12 -1.22 11.82
C LYS C 81 13.94 0.05 11.97
N PRO C 82 15.21 -0.08 12.37
CA PRO C 82 16.01 1.14 12.36
C PRO C 82 16.33 1.59 10.98
N GLY C 83 16.99 2.74 10.89
CA GLY C 83 17.14 3.49 9.62
C GLY C 83 18.56 3.27 9.06
N ARG C 84 19.05 4.21 8.30
CA ARG C 84 20.31 4.14 7.59
C ARG C 84 21.50 3.84 8.46
N GLY C 85 22.32 2.90 7.98
CA GLY C 85 23.43 2.40 8.78
C GLY C 85 23.19 1.10 9.49
N SER C 86 21.92 0.69 9.60
CA SER C 86 21.61 -0.62 10.18
C SER C 86 21.68 -1.78 9.22
N LEU C 87 21.64 -1.50 7.92
CA LEU C 87 21.89 -2.44 6.86
C LEU C 87 20.85 -3.56 6.60
N LEU C 88 20.48 -4.26 7.65
CA LEU C 88 19.80 -5.57 7.48
C LEU C 88 18.52 -5.45 6.71
N TRP C 89 17.89 -4.29 6.73
CA TRP C 89 16.58 -4.14 6.15
C TRP C 89 16.63 -3.06 5.13
N GLN C 90 17.80 -2.71 4.59
CA GLN C 90 17.89 -1.69 3.55
C GLN C 90 18.11 -2.36 2.22
N ASP C 91 17.67 -1.72 1.18
CA ASP C 91 17.92 -2.23 -0.18
C ASP C 91 18.77 -1.20 -0.93
N ALA C 92 19.27 -1.58 -2.09
CA ALA C 92 19.96 -0.71 -2.97
C ALA C 92 19.06 0.44 -3.41
N PRO C 93 19.62 1.65 -3.70
CA PRO C 93 21.04 2.03 -3.58
C PRO C 93 21.51 2.41 -2.20
N GLU C 94 20.60 2.66 -1.27
CA GLU C 94 21.08 3.09 0.01
C GLU C 94 21.87 2.01 0.74
N HIS C 95 21.52 0.74 0.55
CA HIS C 95 22.19 -0.31 1.26
C HIS C 95 23.63 -0.38 0.77
N THR C 96 23.83 -0.24 -0.57
CA THR C 96 25.10 -0.33 -1.23
C THR C 96 26.06 0.73 -0.69
N ASP C 97 25.58 1.97 -0.67
CA ASP C 97 26.35 3.11 -0.18
C ASP C 97 26.59 3.07 1.30
N ASP C 98 25.64 2.70 2.11
CA ASP C 98 25.89 2.70 3.55
C ASP C 98 26.84 1.57 3.99
N ARG C 99 26.79 0.46 3.26
CA ARG C 99 27.66 -0.64 3.56
C ARG C 99 29.12 -0.36 3.19
N LYS C 100 29.31 0.23 2.02
CA LYS C 100 30.64 0.70 1.52
C LYS C 100 31.29 1.61 2.52
N LEU C 101 30.52 2.55 3.04
CA LEU C 101 30.99 3.44 4.08
C LEU C 101 31.45 2.72 5.34
N LEU C 102 30.63 1.80 5.83
CA LEU C 102 30.98 1.07 7.04
C LEU C 102 32.18 0.18 6.74
N ALA C 103 32.22 -0.38 5.55
CA ALA C 103 33.27 -1.31 5.20
C ALA C 103 34.66 -0.63 5.01
N LYS C 104 34.67 0.67 4.79
CA LYS C 104 35.87 1.48 4.66
C LYS C 104 36.66 1.50 5.96
N GLU C 105 36.00 1.47 7.11
CA GLU C 105 36.66 1.38 8.40
C GLU C 105 36.57 0.03 9.07
N PHE C 106 35.49 -0.70 8.82
CA PHE C 106 35.36 -2.05 9.37
C PHE C 106 35.94 -3.03 8.39
N THR C 107 37.28 -3.12 8.38
CA THR C 107 37.99 -3.83 7.29
C THR C 107 38.42 -5.15 7.76
N VAL C 108 38.77 -6.03 6.84
CA VAL C 108 39.33 -7.31 7.24
C VAL C 108 40.65 -7.12 8.02
N ARG C 109 41.38 -6.10 7.67
CA ARG C 109 42.62 -5.77 8.35
C ARG C 109 42.33 -5.37 9.78
N ARG C 110 41.36 -4.49 10.02
CA ARG C 110 40.98 -4.23 11.42
C ARG C 110 40.57 -5.48 12.20
N MET C 111 39.92 -6.42 11.53
CA MET C 111 39.41 -7.59 12.26
C MET C 111 40.62 -8.46 12.61
N GLN C 112 41.48 -8.74 11.64
CA GLN C 112 42.74 -9.54 11.93
C GLN C 112 43.55 -8.88 13.04
N ALA C 113 43.65 -7.57 12.99
CA ALA C 113 44.31 -6.82 14.08
C ALA C 113 43.80 -7.06 15.50
N LEU C 114 42.58 -7.58 15.67
CA LEU C 114 41.98 -7.80 17.01
C LEU C 114 42.33 -9.14 17.62
N ARG C 115 43.04 -9.97 16.86
CA ARG C 115 43.50 -11.26 17.38
C ARG C 115 44.05 -11.32 18.82
N PRO C 116 45.07 -10.53 19.13
CA PRO C 116 45.61 -10.56 20.48
C PRO C 116 44.61 -10.09 21.51
N ASN C 117 43.75 -9.15 21.12
CA ASN C 117 42.65 -8.73 22.06
C ASN C 117 41.71 -9.89 22.39
N ILE C 118 41.38 -10.61 21.35
CA ILE C 118 40.47 -11.72 21.53
C ILE C 118 41.11 -12.82 22.34
N GLN C 119 42.39 -13.04 22.06
CA GLN C 119 43.10 -14.07 22.79
C GLN C 119 43.08 -13.72 24.26
N ARG C 120 43.28 -12.45 24.58
CA ARG C 120 43.26 -12.03 26.01
C ARG C 120 41.88 -12.16 26.60
N ILE C 121 40.85 -11.68 25.90
CA ILE C 121 39.49 -11.83 26.42
C ILE C 121 39.19 -13.29 26.68
N VAL C 122 39.55 -14.12 25.70
CA VAL C 122 39.32 -15.56 25.88
C VAL C 122 40.10 -16.21 27.03
N ASP C 123 41.37 -15.87 27.10
CA ASP C 123 42.19 -16.36 28.20
C ASP C 123 41.68 -15.92 29.58
N GLU C 124 41.28 -14.65 29.74
CA GLU C 124 40.70 -14.12 31.01
C GLU C 124 39.47 -14.92 31.48
N HIS C 125 38.54 -15.25 30.57
CA HIS C 125 37.33 -15.97 30.98
C HIS C 125 37.60 -17.41 31.40
N LEU C 126 38.53 -18.06 30.71
CA LEU C 126 38.93 -19.41 31.12
C LEU C 126 39.74 -19.43 32.40
N ASP C 127 40.61 -18.42 32.65
CA ASP C 127 41.25 -18.31 33.98
C ASP C 127 40.21 -18.29 35.12
N ALA C 128 39.11 -17.55 34.93
CA ALA C 128 38.07 -17.50 35.97
C ALA C 128 37.42 -18.87 36.15
N ILE C 129 37.19 -19.54 35.04
CA ILE C 129 36.58 -20.84 35.12
C ILE C 129 37.54 -21.81 35.77
N GLU C 130 38.81 -21.71 35.43
CA GLU C 130 39.79 -22.68 35.89
C GLU C 130 39.92 -22.57 37.38
N ALA C 131 39.98 -21.34 37.87
CA ALA C 131 40.13 -21.05 39.29
C ALA C 131 38.93 -21.55 40.09
N ARG C 132 37.75 -21.52 39.49
CA ARG C 132 36.57 -22.07 40.18
C ARG C 132 36.49 -23.57 40.13
N GLY C 133 37.00 -24.20 39.07
CA GLY C 133 36.87 -25.67 38.92
C GLY C 133 35.49 -26.15 38.46
N GLY C 134 35.45 -27.40 38.00
CA GLY C 134 34.19 -27.94 37.45
C GLY C 134 33.20 -28.33 38.51
N PRO C 135 31.92 -28.54 38.15
CA PRO C 135 31.30 -28.29 36.85
C PRO C 135 30.90 -26.83 36.69
N VAL C 136 30.75 -26.39 35.45
CA VAL C 136 30.24 -25.08 35.17
C VAL C 136 29.40 -25.07 33.91
N ASP C 137 28.64 -24.01 33.77
CA ASP C 137 27.89 -23.76 32.57
C ASP C 137 28.71 -22.89 31.64
N LEU C 138 29.16 -23.50 30.56
CA LEU C 138 30.00 -22.81 29.58
C LEU C 138 29.24 -21.68 28.88
N VAL C 139 27.92 -21.81 28.74
CA VAL C 139 27.15 -20.81 28.02
C VAL C 139 27.21 -19.52 28.79
N LYS C 140 26.99 -19.62 30.07
CA LYS C 140 26.89 -18.43 30.90
C LYS C 140 28.26 -17.78 31.15
N THR C 141 29.27 -18.62 31.33
CA THR C 141 30.53 -18.15 31.83
C THR C 141 31.47 -17.84 30.68
N PHE C 142 31.10 -18.17 29.46
CA PHE C 142 32.11 -18.06 28.40
C PHE C 142 31.47 -17.75 27.09
N ALA C 143 30.50 -18.56 26.68
CA ALA C 143 29.87 -18.34 25.36
C ALA C 143 29.11 -17.00 25.18
N ASN C 144 28.36 -16.58 26.18
CA ASN C 144 27.67 -15.29 26.11
C ASN C 144 28.57 -14.09 26.34
N PRO C 145 29.43 -14.11 27.36
CA PRO C 145 30.15 -12.85 27.58
C PRO C 145 31.32 -12.58 26.62
N VAL C 146 31.96 -13.60 26.08
CA VAL C 146 33.10 -13.36 25.16
C VAL C 146 32.77 -12.51 23.92
N PRO C 147 31.70 -12.83 23.19
CA PRO C 147 31.54 -12.08 21.92
C PRO C 147 31.16 -10.64 22.11
N SER C 148 30.52 -10.27 23.21
CA SER C 148 30.20 -8.87 23.35
C SER C 148 31.44 -8.14 23.88
N MET C 149 32.31 -8.84 24.56
CA MET C 149 33.53 -8.17 24.98
C MET C 149 34.43 -7.91 23.78
N VAL C 150 34.33 -8.77 22.78
CA VAL C 150 35.15 -8.56 21.60
C VAL C 150 34.67 -7.32 20.95
N ILE C 151 33.35 -7.19 20.90
CA ILE C 151 32.82 -5.99 20.27
C ILE C 151 33.12 -4.74 21.06
N SER C 152 33.08 -4.85 22.38
CA SER C 152 33.40 -3.71 23.22
C SER C 152 34.82 -3.20 23.00
N ASP C 153 35.74 -4.11 22.77
CA ASP C 153 37.11 -3.74 22.29
C ASP C 153 37.08 -3.15 20.90
N LEU C 154 36.36 -3.77 19.98
CA LEU C 154 36.26 -3.13 18.66
C LEU C 154 35.77 -1.66 18.77
N PHE C 155 34.95 -1.36 19.78
CA PHE C 155 34.37 -0.02 19.94
C PHE C 155 35.20 0.88 20.86
N GLY C 156 36.31 0.37 21.38
CA GLY C 156 37.22 1.14 22.23
C GLY C 156 36.70 1.34 23.60
N VAL C 157 35.83 0.48 24.06
CA VAL C 157 35.24 0.72 25.35
C VAL C 157 36.30 0.49 26.44
N PRO C 158 36.53 1.47 27.30
CA PRO C 158 37.64 1.23 28.23
C PRO C 158 37.23 0.32 29.37
N ALA C 159 38.22 -0.12 30.14
CA ALA C 159 38.03 -1.16 31.16
C ALA C 159 37.02 -0.83 32.26
N GLU C 160 36.92 0.43 32.67
CA GLU C 160 35.97 0.79 33.71
C GLU C 160 34.51 0.82 33.25
N ARG C 161 34.28 0.76 31.94
CA ARG C 161 32.92 0.78 31.37
C ARG C 161 32.42 -0.56 30.84
N ARG C 162 33.24 -1.60 30.99
CA ARG C 162 32.97 -2.91 30.47
C ARG C 162 31.77 -3.51 31.12
N ALA C 163 31.66 -3.40 32.44
CA ALA C 163 30.65 -4.17 33.16
C ALA C 163 29.27 -3.74 32.66
N GLU C 164 29.13 -2.45 32.46
CA GLU C 164 27.86 -1.89 32.01
C GLU C 164 27.63 -2.26 30.55
N PHE C 165 28.67 -2.26 29.71
CA PHE C 165 28.49 -2.61 28.29
C PHE C 165 27.99 -4.04 28.25
N GLN C 166 28.63 -4.88 29.04
CA GLN C 166 28.34 -6.29 29.02
C GLN C 166 26.90 -6.54 29.50
N GLU C 167 26.47 -5.84 30.54
CA GLU C 167 25.12 -6.02 31.10
C GLU C 167 24.08 -5.64 30.09
N ILE C 168 24.28 -4.53 29.40
CA ILE C 168 23.31 -4.09 28.43
C ILE C 168 23.33 -4.98 27.19
N ALA C 169 24.50 -5.46 26.82
CA ALA C 169 24.53 -6.30 25.59
C ALA C 169 23.81 -7.60 25.87
N GLU C 170 23.96 -8.07 27.09
CA GLU C 170 23.33 -9.28 27.52
C GLU C 170 21.84 -9.18 27.44
N ALA C 171 21.28 -8.12 27.98
CA ALA C 171 19.83 -7.95 27.89
C ALA C 171 19.35 -7.88 26.44
N MET C 172 20.11 -7.25 25.57
CA MET C 172 19.74 -7.22 24.15
C MET C 172 19.82 -8.59 23.48
N MET C 173 20.72 -9.43 23.98
CA MET C 173 20.94 -10.72 23.37
C MET C 173 19.71 -11.61 23.49
N ARG C 174 18.89 -11.35 24.50
CA ARG C 174 17.65 -12.11 24.68
C ARG C 174 16.51 -11.67 23.75
N VAL C 175 16.67 -10.59 23.01
CA VAL C 175 15.63 -10.00 22.17
C VAL C 175 16.04 -10.33 20.72
N ASP C 176 15.11 -10.67 19.89
CA ASP C 176 15.44 -10.84 18.46
C ASP C 176 15.84 -9.56 17.81
N GLN C 177 16.75 -9.68 16.84
CA GLN C 177 17.26 -8.50 16.14
C GLN C 177 16.08 -7.72 15.46
N ASP C 178 15.11 -8.46 14.90
CA ASP C 178 13.96 -7.84 14.19
C ASP C 178 13.13 -6.89 15.07
N ALA C 179 13.12 -7.24 16.37
CA ALA C 179 12.32 -6.58 17.39
C ALA C 179 13.05 -5.48 18.16
N ALA C 180 14.38 -5.38 18.02
CA ALA C 180 15.25 -4.51 18.90
C ALA C 180 14.80 -3.04 18.94
N ALA C 181 14.51 -2.53 17.74
CA ALA C 181 14.06 -1.13 17.57
C ALA C 181 12.69 -0.80 18.22
N THR C 182 11.97 -1.81 18.69
CA THR C 182 10.66 -1.61 19.31
C THR C 182 10.57 -2.28 20.70
N GLU C 183 11.71 -2.61 21.33
CA GLU C 183 11.70 -3.22 22.69
C GLU C 183 12.41 -2.33 23.67
N ALA C 184 12.12 -2.51 24.96
CA ALA C 184 12.73 -1.62 25.93
C ALA C 184 14.25 -1.78 25.99
N ALA C 185 14.72 -2.98 25.69
CA ALA C 185 16.13 -3.20 25.92
C ALA C 185 16.84 -2.35 24.87
N GLY C 186 16.23 -2.21 23.68
CA GLY C 186 16.79 -1.40 22.60
C GLY C 186 16.96 0.06 22.98
N MET C 187 16.06 0.56 23.80
CA MET C 187 16.20 1.93 24.30
C MET C 187 17.42 2.07 25.22
N ARG C 188 17.64 1.11 26.08
CA ARG C 188 18.75 1.19 27.01
C ARG C 188 20.09 1.13 26.22
N LEU C 189 20.12 0.28 25.21
CA LEU C 189 21.26 0.22 24.26
C LEU C 189 21.40 1.54 23.47
N GLY C 190 20.31 2.13 23.00
CA GLY C 190 20.42 3.38 22.33
C GLY C 190 21.04 4.46 23.22
N GLY C 191 20.69 4.51 24.51
CA GLY C 191 21.23 5.54 25.38
C GLY C 191 22.75 5.35 25.55
N LEU C 192 23.15 4.11 25.81
CA LEU C 192 24.55 3.73 25.88
C LEU C 192 25.30 4.14 24.64
N LEU C 193 24.75 3.84 23.47
CA LEU C 193 25.47 4.14 22.23
C LEU C 193 25.54 5.61 21.98
N TYR C 194 24.48 6.35 22.35
CA TYR C 194 24.52 7.79 22.14
C TYR C 194 25.74 8.33 22.89
N GLN C 195 25.92 7.91 24.11
CA GLN C 195 26.91 8.48 24.99
C GLN C 195 28.33 8.03 24.55
N LEU C 196 28.42 6.79 24.08
CA LEU C 196 29.65 6.23 23.52
C LEU C 196 30.07 7.08 22.35
N VAL C 197 29.13 7.35 21.48
CA VAL C 197 29.48 8.19 20.35
C VAL C 197 29.99 9.56 20.81
N GLN C 198 29.41 10.12 21.86
CA GLN C 198 29.88 11.44 22.32
C GLN C 198 31.29 11.34 22.88
N GLU C 199 31.55 10.35 23.73
CA GLU C 199 32.89 10.12 24.30
C GLU C 199 33.93 10.07 23.18
N ARG C 200 33.63 9.36 22.09
CA ARG C 200 34.64 9.18 21.04
C ARG C 200 34.88 10.43 20.29
N ARG C 201 33.83 11.20 20.07
CA ARG C 201 33.96 12.45 19.34
C ARG C 201 34.86 13.36 20.20
N ALA C 202 34.62 13.43 21.51
CA ALA C 202 35.42 14.27 22.40
C ALA C 202 36.84 13.74 22.56
N ASN C 203 37.03 12.42 22.70
CA ASN C 203 38.39 11.82 22.85
C ASN C 203 38.69 10.71 21.83
N PRO C 204 39.04 11.05 20.60
CA PRO C 204 39.15 10.00 19.59
C PRO C 204 40.25 8.99 19.91
N GLY C 205 40.23 7.84 19.22
CA GLY C 205 41.01 6.65 19.55
C GLY C 205 41.34 5.89 18.27
N ASP C 206 41.85 4.68 18.43
CA ASP C 206 42.24 3.79 17.33
C ASP C 206 41.07 2.83 17.03
N ASP C 207 39.93 2.98 17.69
CA ASP C 207 38.80 2.03 17.56
C ASP C 207 37.93 2.33 16.35
N LEU C 208 36.90 1.49 16.11
CA LEU C 208 36.09 1.58 14.90
C LEU C 208 35.21 2.83 14.90
N ILE C 209 34.70 3.22 16.04
CA ILE C 209 33.73 4.31 16.05
C ILE C 209 34.45 5.65 15.80
N SER C 210 35.59 5.84 16.48
CA SER C 210 36.52 6.96 16.09
C SER C 210 36.84 7.00 14.64
N ALA C 211 37.12 5.84 14.04
CA ALA C 211 37.38 5.91 12.60
C ALA C 211 36.21 6.33 11.79
N LEU C 212 35.01 5.85 12.16
CA LEU C 212 33.84 6.20 11.32
C LEU C 212 33.55 7.66 11.46
N ILE C 213 33.77 8.17 12.68
CA ILE C 213 33.58 9.59 12.93
C ILE C 213 34.26 10.47 11.91
N THR C 214 35.44 10.07 11.48
CA THR C 214 36.29 10.92 10.69
C THR C 214 36.54 10.34 9.32
N THR C 215 35.72 9.39 8.88
CA THR C 215 35.97 8.79 7.58
C THR C 215 35.50 9.79 6.54
N GLU C 216 35.82 9.52 5.27
CA GLU C 216 35.53 10.42 4.16
C GLU C 216 34.08 10.16 3.86
N ASP C 217 33.32 11.22 3.75
CA ASP C 217 31.88 11.08 3.72
C ASP C 217 31.32 12.03 2.68
N PRO C 218 31.47 11.69 1.39
CA PRO C 218 31.27 12.74 0.38
C PRO C 218 29.81 13.13 0.20
N ASP C 219 28.87 12.26 0.55
CA ASP C 219 27.44 12.59 0.48
C ASP C 219 26.83 13.08 1.81
N GLY C 220 27.66 13.37 2.81
CA GLY C 220 27.22 13.89 4.10
C GLY C 220 26.24 12.97 4.81
N VAL C 221 26.51 11.66 4.85
CA VAL C 221 25.57 10.68 5.39
C VAL C 221 25.84 10.38 6.87
N ILE C 222 27.06 10.59 7.31
CA ILE C 222 27.43 10.13 8.62
C ILE C 222 27.00 11.17 9.60
N ASP C 223 25.98 10.90 10.38
CA ASP C 223 25.73 11.67 11.61
C ASP C 223 25.59 10.73 12.81
N ASP C 224 25.23 11.27 13.98
CA ASP C 224 25.16 10.44 15.18
C ASP C 224 24.19 9.23 15.06
N MET C 225 23.04 9.46 14.44
CA MET C 225 22.07 8.37 14.24
C MET C 225 22.67 7.29 13.35
N PHE C 226 23.31 7.67 12.26
CA PHE C 226 23.95 6.65 11.44
C PHE C 226 24.96 5.82 12.23
N LEU C 227 25.78 6.51 13.00
CA LEU C 227 26.76 5.82 13.80
C LEU C 227 26.15 4.90 14.85
N MET C 228 25.04 5.32 15.45
CA MET C 228 24.35 4.50 16.49
C MET C 228 23.70 3.28 15.86
N ASN C 229 23.14 3.47 14.70
CA ASN C 229 22.57 2.36 13.92
C ASN C 229 23.61 1.34 13.46
N ALA C 230 24.78 1.78 13.03
CA ALA C 230 25.84 0.87 12.61
C ALA C 230 26.40 0.16 13.78
N ALA C 231 26.59 0.82 14.90
CA ALA C 231 27.15 0.13 16.04
C ALA C 231 26.20 -0.81 16.66
N GLY C 232 24.97 -0.38 16.75
CA GLY C 232 23.97 -1.29 17.29
C GLY C 232 23.86 -2.54 16.47
N THR C 233 23.85 -2.36 15.15
CA THR C 233 23.62 -3.49 14.28
C THR C 233 24.82 -4.43 14.42
N LEU C 234 26.05 -3.89 14.50
CA LEU C 234 27.20 -4.73 14.66
C LEU C 234 27.08 -5.51 15.92
N LEU C 235 26.78 -4.88 17.02
CA LEU C 235 26.73 -5.62 18.28
C LEU C 235 25.69 -6.69 18.24
N ILE C 236 24.49 -6.28 17.86
CA ILE C 236 23.43 -7.26 17.96
C ILE C 236 23.66 -8.41 17.00
N ALA C 237 24.06 -8.17 15.75
CA ALA C 237 24.31 -9.27 14.77
C ALA C 237 25.48 -10.18 15.17
N ALA C 238 26.41 -9.68 15.97
CA ALA C 238 27.55 -10.42 16.41
C ALA C 238 27.38 -11.23 17.71
N HIS C 239 26.51 -10.84 18.60
CA HIS C 239 26.58 -11.40 19.93
C HIS C 239 25.89 -12.73 20.01
N ASP C 240 24.57 -12.75 19.76
CA ASP C 240 23.83 -14.00 19.88
C ASP C 240 24.32 -15.09 18.96
N THR C 241 24.65 -14.74 17.73
CA THR C 241 25.08 -15.74 16.74
C THR C 241 26.40 -16.40 17.11
N THR C 242 27.42 -15.59 17.39
CA THR C 242 28.67 -16.15 17.84
C THR C 242 28.49 -16.88 19.14
N ALA C 243 27.76 -16.35 20.12
CA ALA C 243 27.57 -17.16 21.33
C ALA C 243 26.92 -18.49 21.00
N CYS C 244 25.94 -18.51 20.12
CA CYS C 244 25.32 -19.79 19.82
C CYS C 244 26.38 -20.73 19.21
N MET C 245 27.22 -20.24 18.31
CA MET C 245 28.21 -21.15 17.72
C MET C 245 29.21 -21.71 18.73
N ILE C 246 29.57 -20.95 19.73
CA ILE C 246 30.53 -21.42 20.72
C ILE C 246 29.93 -22.56 21.53
N GLY C 247 28.69 -22.39 21.97
CA GLY C 247 28.00 -23.38 22.76
C GLY C 247 27.68 -24.62 21.97
N LEU C 248 27.21 -24.45 20.76
CA LEU C 248 26.81 -25.62 19.97
C LEU C 248 28.03 -26.36 19.36
N GLY C 249 29.02 -25.62 18.95
CA GLY C 249 30.28 -26.18 18.52
C GLY C 249 30.91 -27.01 19.60
N THR C 250 30.97 -26.46 20.81
CA THR C 250 31.56 -27.18 21.92
C THR C 250 30.77 -28.49 22.14
N ALA C 251 29.45 -28.40 22.24
CA ALA C 251 28.58 -29.56 22.43
C ALA C 251 28.82 -30.62 21.39
N LEU C 252 28.88 -30.23 20.12
CA LEU C 252 29.10 -31.20 19.05
C LEU C 252 30.51 -31.81 19.16
N LEU C 253 31.53 -31.00 19.42
CA LEU C 253 32.86 -31.58 19.50
C LEU C 253 32.99 -32.55 20.68
N LEU C 254 32.42 -32.22 21.82
CA LEU C 254 32.31 -33.16 22.91
C LEU C 254 31.42 -34.37 22.64
N ASP C 255 30.72 -34.43 21.53
CA ASP C 255 29.92 -35.59 21.22
C ASP C 255 30.52 -36.29 20.05
N ARG C 256 31.69 -35.86 19.59
CA ARG C 256 32.37 -36.51 18.49
C ARG C 256 33.87 -36.63 18.85
N PRO C 257 34.17 -37.46 19.85
CA PRO C 257 35.56 -37.54 20.32
C PRO C 257 36.50 -37.87 19.18
N ASP C 258 36.05 -38.56 18.15
CA ASP C 258 36.89 -38.85 16.98
C ASP C 258 37.40 -37.62 16.29
N GLN C 259 36.52 -36.63 16.07
CA GLN C 259 36.93 -35.39 15.40
C GLN C 259 37.71 -34.52 16.33
N LEU C 260 37.35 -34.51 17.61
CA LEU C 260 38.09 -33.75 18.56
C LEU C 260 39.51 -34.31 18.72
N ALA C 261 39.66 -35.63 18.83
CA ALA C 261 40.99 -36.26 18.79
C ALA C 261 41.83 -35.85 17.56
N LEU C 262 41.23 -35.74 16.39
CA LEU C 262 42.02 -35.27 15.23
C LEU C 262 42.59 -33.84 15.45
N LEU C 263 41.78 -32.97 16.05
CA LEU C 263 42.19 -31.60 16.32
C LEU C 263 43.25 -31.53 17.43
N GLN C 264 43.12 -32.37 18.42
CA GLN C 264 44.10 -32.38 19.47
C GLN C 264 45.40 -32.93 18.90
N LYS C 265 45.32 -33.90 18.00
CA LYS C 265 46.55 -34.43 17.39
C LYS C 265 47.18 -33.44 16.40
N ASP C 266 46.35 -32.79 15.56
CA ASP C 266 46.89 -31.79 14.61
C ASP C 266 46.14 -30.44 14.74
N PRO C 267 46.67 -29.58 15.63
CA PRO C 267 45.98 -28.37 16.02
C PRO C 267 45.93 -27.41 14.91
N SER C 268 46.72 -27.62 13.84
CA SER C 268 46.67 -26.75 12.71
C SER C 268 45.40 -26.98 11.92
N LEU C 269 44.62 -27.98 12.30
CA LEU C 269 43.33 -28.18 11.62
C LEU C 269 42.26 -27.18 12.10
N ILE C 270 42.60 -26.29 13.04
CA ILE C 270 41.65 -25.33 13.60
C ILE C 270 40.84 -24.56 12.55
N GLY C 271 41.49 -24.00 11.55
CA GLY C 271 40.82 -23.37 10.44
C GLY C 271 39.72 -24.21 9.80
N ASN C 272 40.06 -25.43 9.43
CA ASN C 272 39.18 -26.34 8.69
C ASN C 272 38.12 -26.83 9.57
N ALA C 273 38.44 -27.02 10.84
CA ALA C 273 37.47 -27.40 11.81
C ALA C 273 36.37 -26.33 11.94
N VAL C 274 36.75 -25.08 12.05
CA VAL C 274 35.81 -23.99 12.19
C VAL C 274 34.92 -23.90 10.94
N GLU C 275 35.48 -24.04 9.73
CA GLU C 275 34.63 -24.07 8.54
C GLU C 275 33.66 -25.21 8.56
N GLU C 276 34.08 -26.39 9.00
CA GLU C 276 33.16 -27.51 9.06
C GLU C 276 32.16 -27.35 10.19
N LEU C 277 32.54 -26.85 11.38
CA LEU C 277 31.54 -26.47 12.35
C LEU C 277 30.44 -25.48 11.80
N LEU C 278 30.80 -24.41 11.08
CA LEU C 278 29.84 -23.47 10.55
C LEU C 278 28.91 -24.19 9.59
N ARG C 279 29.45 -25.01 8.67
CA ARG C 279 28.62 -25.69 7.69
C ARG C 279 27.66 -26.62 8.37
N TYR C 280 28.21 -27.47 9.24
CA TYR C 280 27.42 -28.49 9.87
C TYR C 280 26.33 -27.91 10.77
N LEU C 281 26.65 -26.84 11.46
CA LEU C 281 25.67 -26.33 12.43
C LEU C 281 24.62 -25.27 11.94
N THR C 282 24.88 -24.65 10.78
CA THR C 282 24.24 -23.43 10.17
C THR C 282 23.10 -22.85 10.98
N ILE C 283 23.48 -22.05 11.99
CA ILE C 283 22.59 -21.79 13.12
C ILE C 283 21.33 -20.96 12.87
N GLY C 284 21.25 -20.27 11.75
CA GLY C 284 20.05 -19.46 11.40
C GLY C 284 19.08 -20.45 10.73
N GLN C 285 18.32 -21.07 11.60
CA GLN C 285 17.75 -22.36 11.33
C GLN C 285 16.51 -22.39 10.45
N PHE C 286 15.71 -21.36 10.53
CA PHE C 286 14.43 -21.33 9.79
C PHE C 286 14.44 -20.81 8.40
N GLY C 287 15.49 -20.06 8.06
CA GLY C 287 15.71 -19.60 6.68
C GLY C 287 15.67 -18.07 6.54
N ALA C 288 16.51 -17.52 5.69
CA ALA C 288 16.55 -16.09 5.43
C ALA C 288 15.36 -15.64 4.52
N GLU C 289 14.81 -14.45 4.76
CA GLU C 289 13.64 -13.96 3.94
C GLU C 289 13.94 -12.88 2.94
N ARG C 290 13.36 -13.04 1.75
CA ARG C 290 13.42 -12.08 0.63
C ARG C 290 12.03 -11.91 -0.06
N VAL C 291 11.83 -10.87 -0.85
CA VAL C 291 10.61 -10.72 -1.65
C VAL C 291 11.05 -10.30 -2.99
N ALA C 292 10.43 -10.89 -3.99
CA ALA C 292 10.73 -10.56 -5.36
C ALA C 292 10.17 -9.22 -5.73
N THR C 293 10.89 -8.47 -6.58
CA THR C 293 10.50 -7.17 -7.04
C THR C 293 10.24 -7.18 -8.51
N GLN C 294 10.57 -8.25 -9.19
CA GLN C 294 10.18 -8.40 -10.57
C GLN C 294 9.95 -9.88 -10.86
N ASP C 295 9.34 -10.18 -11.99
CA ASP C 295 9.07 -11.58 -12.30
C ASP C 295 10.41 -12.23 -12.59
N GLY C 296 10.57 -13.47 -12.18
CA GLY C 296 11.78 -14.25 -12.36
C GLY C 296 11.54 -15.77 -12.36
N GLU C 297 12.65 -16.51 -12.36
CA GLU C 297 12.66 -17.95 -12.45
C GLU C 297 13.81 -18.46 -11.59
N ILE C 298 13.55 -19.44 -10.76
CA ILE C 298 14.57 -20.07 -9.92
C ILE C 298 14.34 -21.58 -10.07
N GLY C 299 15.35 -22.33 -10.50
CA GLY C 299 15.21 -23.83 -10.64
C GLY C 299 14.05 -24.28 -11.55
N GLY C 300 13.79 -23.48 -12.59
CA GLY C 300 12.70 -23.77 -13.55
C GLY C 300 11.31 -23.42 -13.04
N VAL C 301 11.20 -22.87 -11.82
CA VAL C 301 9.91 -22.44 -11.25
C VAL C 301 9.75 -20.94 -11.37
N ARG C 302 8.58 -20.48 -11.78
CA ARG C 302 8.40 -19.06 -11.98
C ARG C 302 8.02 -18.41 -10.66
N ILE C 303 8.59 -17.25 -10.43
CA ILE C 303 8.43 -16.55 -9.14
C ILE C 303 7.89 -15.25 -9.58
N ALA C 304 6.87 -14.79 -8.92
CA ALA C 304 6.22 -13.62 -9.41
C ALA C 304 6.59 -12.43 -8.56
N LYS C 305 6.53 -11.24 -9.17
CA LYS C 305 6.65 -9.99 -8.45
C LYS C 305 5.76 -10.00 -7.25
N GLY C 306 6.34 -9.73 -6.07
CA GLY C 306 5.59 -9.60 -4.81
C GLY C 306 5.55 -10.90 -4.00
N GLU C 307 6.09 -11.98 -4.53
CA GLU C 307 6.15 -13.24 -3.79
C GLU C 307 7.31 -13.35 -2.85
N GLN C 308 7.05 -13.83 -1.66
CA GLN C 308 8.06 -13.97 -0.67
C GLN C 308 8.78 -15.29 -0.90
N VAL C 309 10.09 -15.28 -0.64
CA VAL C 309 10.98 -16.46 -0.71
C VAL C 309 11.75 -16.70 0.58
N VAL C 310 11.79 -17.95 1.06
CA VAL C 310 12.60 -18.31 2.20
C VAL C 310 13.73 -19.23 1.73
N THR C 311 14.98 -18.75 1.88
CA THR C 311 16.21 -19.53 1.56
C THR C 311 16.73 -20.23 2.76
N HIS C 312 16.59 -21.55 2.72
CA HIS C 312 16.87 -22.41 3.85
C HIS C 312 18.41 -22.74 3.83
N LEU C 313 19.18 -21.98 4.59
CA LEU C 313 20.66 -22.01 4.50
C LEU C 313 21.12 -23.35 5.02
N LEU C 314 20.48 -23.81 6.10
CA LEU C 314 20.84 -25.09 6.69
C LEU C 314 20.64 -26.25 5.74
N SER C 315 19.43 -26.43 5.26
CA SER C 315 19.21 -27.33 4.18
C SER C 315 20.24 -27.24 3.08
N ALA C 316 20.59 -26.07 2.65
CA ALA C 316 21.48 -25.98 1.48
C ALA C 316 22.92 -26.42 1.83
N ASP C 317 23.29 -26.31 3.10
CA ASP C 317 24.63 -26.74 3.55
C ASP C 317 24.69 -28.22 3.76
N PHE C 318 23.53 -28.90 3.76
CA PHE C 318 23.52 -30.33 3.72
C PHE C 318 23.16 -30.91 2.38
N ASP C 319 23.20 -30.14 1.33
CA ASP C 319 22.79 -30.64 0.05
C ASP C 319 23.88 -31.56 -0.53
N PRO C 320 23.54 -32.80 -0.93
CA PRO C 320 24.58 -33.66 -1.50
C PRO C 320 25.14 -33.19 -2.82
N ALA C 321 24.59 -32.18 -3.48
CA ALA C 321 25.30 -31.72 -4.67
C ALA C 321 26.37 -30.68 -4.28
N PHE C 322 26.43 -30.32 -3.00
CA PHE C 322 27.34 -29.26 -2.54
C PHE C 322 28.62 -29.97 -2.07
N VAL C 323 28.48 -30.85 -1.09
CA VAL C 323 29.58 -31.63 -0.61
C VAL C 323 29.15 -33.07 -0.53
N GLU C 324 30.15 -33.95 -0.52
CA GLU C 324 29.99 -35.38 -0.55
C GLU C 324 29.67 -35.80 0.87
N ASP C 325 28.67 -36.65 1.03
CA ASP C 325 28.35 -37.25 2.32
C ASP C 325 28.04 -36.19 3.43
N PRO C 326 27.06 -35.31 3.11
CA PRO C 326 26.84 -34.10 3.89
C PRO C 326 26.58 -34.31 5.38
N GLU C 327 26.02 -35.45 5.75
CA GLU C 327 25.70 -35.71 7.16
C GLU C 327 26.85 -36.15 7.99
N ARG C 328 27.98 -36.34 7.38
CA ARG C 328 29.17 -36.71 8.15
C ARG C 328 29.93 -35.40 8.56
N PHE C 329 30.13 -35.18 9.86
CA PHE C 329 30.98 -34.14 10.41
C PHE C 329 32.45 -34.52 10.22
N ASP C 330 33.15 -33.81 9.38
CA ASP C 330 34.52 -34.18 9.04
C ASP C 330 35.36 -32.96 8.92
N ILE C 331 36.10 -32.65 9.98
CA ILE C 331 36.98 -31.51 10.01
C ILE C 331 38.14 -31.54 9.10
N THR C 332 38.34 -32.63 8.40
CA THR C 332 39.46 -32.72 7.50
C THR C 332 39.00 -32.37 6.14
N ARG C 333 37.71 -32.12 5.89
CA ARG C 333 37.33 -31.62 4.53
C ARG C 333 38.10 -30.36 4.13
N ARG C 334 38.38 -30.24 2.84
CA ARG C 334 38.82 -28.98 2.29
C ARG C 334 37.60 -28.06 2.34
N PRO C 335 37.71 -26.88 2.99
CA PRO C 335 36.54 -25.94 3.06
C PRO C 335 35.97 -25.63 1.66
N ALA C 336 34.68 -25.82 1.50
CA ALA C 336 33.94 -25.35 0.35
C ALA C 336 33.06 -24.13 0.81
N PRO C 337 32.50 -23.35 -0.14
CA PRO C 337 31.70 -22.15 0.24
C PRO C 337 30.32 -22.42 0.77
N HIS C 338 30.25 -22.65 2.07
CA HIS C 338 29.01 -22.88 2.70
C HIS C 338 28.20 -21.57 2.83
N LEU C 339 26.98 -21.64 3.37
CA LEU C 339 26.05 -20.49 3.41
C LEU C 339 25.78 -20.07 4.83
N ALA C 340 26.60 -20.50 5.78
CA ALA C 340 26.35 -20.09 7.17
C ALA C 340 26.38 -18.59 7.41
N PHE C 341 27.04 -17.89 6.50
CA PHE C 341 27.13 -16.42 6.52
C PHE C 341 26.33 -15.80 5.41
N GLY C 342 25.46 -16.54 4.76
CA GLY C 342 24.72 -15.99 3.63
C GLY C 342 25.54 -15.86 2.37
N PHE C 343 25.07 -15.05 1.46
CA PHE C 343 25.65 -14.91 0.17
C PHE C 343 25.11 -13.65 -0.44
N GLY C 344 25.76 -13.20 -1.51
CA GLY C 344 25.40 -11.93 -2.15
C GLY C 344 25.59 -10.65 -1.33
N ALA C 345 24.86 -9.59 -1.69
CA ALA C 345 25.09 -8.22 -1.18
C ALA C 345 24.87 -8.06 0.28
N HIS C 346 24.06 -8.92 0.89
CA HIS C 346 23.79 -8.82 2.35
C HIS C 346 24.52 -9.85 3.18
N GLN C 347 25.39 -10.58 2.52
CA GLN C 347 26.32 -11.50 3.27
C GLN C 347 26.95 -10.93 4.54
N CYS C 348 27.20 -11.76 5.56
CA CYS C 348 27.67 -11.32 6.83
C CYS C 348 28.86 -10.40 6.63
N ILE C 349 28.82 -9.21 7.19
CA ILE C 349 29.94 -8.27 7.02
C ILE C 349 31.06 -8.54 8.02
N GLY C 350 30.73 -9.27 9.06
CA GLY C 350 31.70 -9.61 10.14
C GLY C 350 32.21 -11.06 10.12
N GLN C 351 32.05 -11.70 8.96
CA GLN C 351 32.37 -13.12 8.77
C GLN C 351 33.84 -13.34 9.25
N GLN C 352 34.75 -12.52 8.76
CA GLN C 352 36.19 -12.71 9.07
C GLN C 352 36.44 -12.58 10.54
N LEU C 353 35.78 -11.62 11.18
CA LEU C 353 35.89 -11.55 12.67
C LEU C 353 35.26 -12.73 13.39
N ALA C 354 34.14 -13.25 12.89
CA ALA C 354 33.52 -14.38 13.53
C ALA C 354 34.42 -15.62 13.45
N ARG C 355 34.99 -15.86 12.27
CA ARG C 355 35.97 -16.93 12.08
C ARG C 355 37.16 -16.84 13.06
N ILE C 356 37.77 -15.68 13.14
CA ILE C 356 38.81 -15.45 14.12
C ILE C 356 38.35 -15.74 15.53
N GLU C 357 37.17 -15.27 15.95
CA GLU C 357 36.72 -15.54 17.31
C GLU C 357 36.59 -17.02 17.52
N LEU C 358 36.00 -17.71 16.57
CA LEU C 358 35.76 -19.13 16.78
C LEU C 358 37.15 -19.94 16.76
N GLN C 359 38.01 -19.58 15.86
CA GLN C 359 39.36 -20.19 15.84
C GLN C 359 40.07 -20.06 17.14
N ILE C 360 40.04 -18.87 17.71
CA ILE C 360 40.64 -18.68 19.06
C ILE C 360 39.93 -19.37 20.20
N VAL C 361 38.59 -19.30 20.22
CA VAL C 361 37.82 -19.99 21.27
C VAL C 361 38.10 -21.47 21.26
N PHE C 362 38.01 -22.12 20.11
CA PHE C 362 38.12 -23.57 20.09
C PHE C 362 39.59 -24.05 20.18
N GLY C 363 40.48 -23.37 19.48
CA GLY C 363 41.93 -23.61 19.64
C GLY C 363 42.33 -23.54 21.09
N THR C 364 41.96 -22.46 21.76
CA THR C 364 42.37 -22.28 23.16
C THR C 364 41.64 -23.16 24.14
N LEU C 365 40.33 -23.36 23.92
CA LEU C 365 39.59 -24.16 24.86
C LEU C 365 40.11 -25.58 24.94
N PHE C 366 40.31 -26.22 23.79
CA PHE C 366 40.80 -27.61 23.80
C PHE C 366 42.31 -27.76 24.09
N ARG C 367 43.12 -26.76 23.75
CA ARG C 367 44.52 -26.78 24.18
C ARG C 367 44.58 -26.65 25.71
N ARG C 368 43.83 -25.76 26.32
CA ARG C 368 43.88 -25.63 27.81
C ARG C 368 43.12 -26.67 28.63
N PHE C 369 42.09 -27.26 28.05
CA PHE C 369 41.22 -28.21 28.76
C PHE C 369 41.04 -29.48 27.91
N PRO C 370 42.17 -30.23 27.72
CA PRO C 370 42.14 -31.47 26.95
C PRO C 370 41.21 -32.51 27.57
N THR C 371 41.02 -32.49 28.90
CA THR C 371 40.11 -33.46 29.52
C THR C 371 38.66 -33.00 29.54
N LEU C 372 38.32 -31.91 28.85
CA LEU C 372 36.93 -31.38 28.92
C LEU C 372 35.88 -32.40 28.58
N ARG C 373 34.77 -32.41 29.30
CA ARG C 373 33.65 -33.24 28.89
C ARG C 373 32.34 -32.73 29.45
N LEU C 374 31.26 -33.19 28.83
CA LEU C 374 29.93 -32.92 29.31
C LEU C 374 29.79 -33.48 30.70
N ALA C 375 29.06 -32.78 31.55
CA ALA C 375 28.72 -33.28 32.86
C ALA C 375 27.28 -33.84 32.86
N LYS C 376 26.64 -33.85 31.69
CA LYS C 376 25.31 -34.47 31.49
C LYS C 376 25.19 -34.86 30.01
N PRO C 377 24.49 -35.94 29.70
CA PRO C 377 24.52 -36.46 28.29
C PRO C 377 23.72 -35.64 27.31
N VAL C 378 24.04 -35.71 26.02
CA VAL C 378 23.35 -34.83 25.03
C VAL C 378 21.84 -35.05 24.97
N GLU C 379 21.37 -36.16 25.53
CA GLU C 379 19.95 -36.47 25.57
C GLU C 379 19.29 -35.54 26.55
N GLU C 380 20.03 -35.20 27.60
CA GLU C 380 19.59 -34.24 28.61
C GLU C 380 19.86 -32.74 28.26
N LEU C 381 20.64 -32.45 27.24
CA LEU C 381 20.84 -31.05 26.86
C LEU C 381 19.52 -30.46 26.36
N ARG C 382 19.26 -29.20 26.68
CA ARG C 382 18.11 -28.53 26.07
C ARG C 382 18.57 -27.64 24.91
N PHE C 383 18.08 -27.94 23.71
CA PHE C 383 18.42 -27.20 22.51
C PHE C 383 17.48 -26.04 22.30
N ARG C 384 17.94 -25.04 21.53
CA ARG C 384 17.17 -23.81 21.23
C ARG C 384 16.23 -24.01 20.07
N ASN C 385 15.31 -24.96 20.24
CA ASN C 385 14.44 -25.40 19.14
C ASN C 385 13.57 -24.31 18.59
N ASP C 386 13.12 -23.39 19.41
CA ASP C 386 12.21 -22.36 18.84
C ASP C 386 12.88 -21.00 18.57
N MET C 387 14.19 -20.88 18.76
CA MET C 387 14.81 -19.57 18.62
C MET C 387 15.24 -19.27 17.19
N VAL C 388 15.38 -17.98 16.84
CA VAL C 388 15.88 -17.59 15.54
C VAL C 388 17.28 -18.33 15.30
N PHE C 389 18.13 -18.29 16.31
CA PHE C 389 19.42 -18.96 16.24
C PHE C 389 19.44 -20.17 17.14
N TYR C 390 19.68 -21.28 16.46
CA TYR C 390 19.81 -22.57 17.11
C TYR C 390 21.03 -22.66 17.98
N GLY C 391 21.03 -23.60 18.93
CA GLY C 391 22.12 -23.70 19.92
C GLY C 391 21.68 -24.50 21.13
N VAL C 392 22.37 -24.32 22.24
CA VAL C 392 21.97 -24.88 23.51
C VAL C 392 21.72 -23.80 24.56
N HIS C 393 20.71 -24.01 25.39
CA HIS C 393 20.33 -23.04 26.41
C HIS C 393 21.39 -23.04 27.48
N GLU C 394 21.98 -24.22 27.74
CA GLU C 394 22.93 -24.41 28.81
C GLU C 394 23.88 -25.52 28.38
N LEU C 395 25.13 -25.47 28.86
CA LEU C 395 26.13 -26.45 28.57
C LEU C 395 27.03 -26.76 29.75
N PRO C 396 26.56 -27.66 30.63
CA PRO C 396 27.36 -28.01 31.79
C PRO C 396 28.55 -28.88 31.41
N VAL C 397 29.74 -28.44 31.79
CA VAL C 397 30.95 -29.14 31.45
C VAL C 397 31.88 -29.29 32.63
N THR C 398 32.70 -30.33 32.60
CA THR C 398 33.75 -30.42 33.59
C THR C 398 35.06 -30.93 33.04
N TRP C 399 36.04 -31.06 33.97
CA TRP C 399 37.38 -31.51 33.64
C TRP C 399 38.20 -31.98 34.90
N THR D 5 -45.70 -34.72 -12.95
CA THR D 5 -46.63 -34.48 -11.81
C THR D 5 -47.11 -35.86 -11.30
N ALA D 6 -47.44 -36.02 -10.01
CA ALA D 6 -47.36 -34.97 -8.96
C ALA D 6 -45.95 -34.75 -8.35
N GLY D 7 -44.90 -34.90 -9.16
CA GLY D 7 -43.51 -34.72 -8.72
C GLY D 7 -43.09 -33.31 -8.30
N ALA D 8 -42.01 -33.25 -7.55
CA ALA D 8 -41.36 -32.00 -7.23
C ALA D 8 -40.92 -31.27 -8.50
N PRO D 9 -40.83 -29.94 -8.46
CA PRO D 9 -40.38 -29.22 -9.68
C PRO D 9 -38.94 -29.54 -10.14
N ALA D 10 -38.70 -29.39 -11.44
CA ALA D 10 -37.45 -29.59 -12.07
C ALA D 10 -36.40 -28.79 -11.35
N ALA D 11 -35.23 -29.39 -11.09
CA ALA D 11 -34.11 -28.66 -10.49
C ALA D 11 -33.73 -27.59 -11.49
N PRO D 12 -33.48 -26.38 -11.01
CA PRO D 12 -33.11 -25.27 -11.89
C PRO D 12 -31.83 -25.50 -12.69
N LYS D 13 -31.86 -25.20 -13.98
CA LYS D 13 -30.72 -25.40 -14.85
C LYS D 13 -30.44 -24.24 -15.77
N ALA D 14 -31.48 -23.49 -16.14
CA ALA D 14 -31.32 -22.38 -17.06
C ALA D 14 -30.56 -21.17 -16.45
N ARG D 15 -29.66 -20.67 -17.26
CA ARG D 15 -28.79 -19.54 -16.94
C ARG D 15 -29.09 -18.43 -17.94
N SER D 16 -29.55 -17.29 -17.50
CA SER D 16 -29.56 -16.13 -18.38
C SER D 16 -28.20 -15.44 -18.45
N CYS D 17 -27.39 -15.57 -17.39
CA CYS D 17 -25.92 -15.13 -17.42
C CYS D 17 -24.98 -16.36 -17.32
N PRO D 18 -24.14 -16.55 -18.31
CA PRO D 18 -23.31 -17.70 -18.51
C PRO D 18 -22.23 -17.91 -17.45
N PHE D 19 -21.85 -16.89 -16.67
CA PHE D 19 -20.83 -17.03 -15.60
C PHE D 19 -21.47 -17.09 -14.25
N LEU D 20 -22.79 -17.17 -14.20
CA LEU D 20 -23.46 -17.32 -12.90
C LEU D 20 -24.29 -18.59 -12.79
N PRO D 21 -24.62 -19.02 -11.57
CA PRO D 21 -25.48 -20.19 -11.49
C PRO D 21 -26.86 -20.00 -12.11
N PRO D 22 -27.58 -21.12 -12.27
CA PRO D 22 -28.92 -21.03 -12.78
C PRO D 22 -29.71 -20.10 -11.93
N ASP D 23 -30.51 -19.29 -12.61
CA ASP D 23 -31.39 -18.25 -12.04
C ASP D 23 -32.25 -18.76 -10.89
N GLY D 24 -32.83 -19.92 -11.02
CA GLY D 24 -33.72 -20.41 -9.94
C GLY D 24 -33.10 -20.76 -8.61
N ILE D 25 -31.79 -20.92 -8.60
CA ILE D 25 -31.15 -21.52 -7.43
C ILE D 25 -31.30 -20.64 -6.25
N ALA D 26 -30.97 -19.38 -6.43
CA ALA D 26 -30.97 -18.43 -5.28
C ALA D 26 -32.21 -18.48 -4.40
N ASP D 27 -33.37 -18.42 -5.05
CA ASP D 27 -34.65 -18.39 -4.32
C ASP D 27 -34.90 -19.71 -3.58
N ILE D 28 -34.56 -20.80 -4.24
CA ILE D 28 -34.62 -22.09 -3.52
C ILE D 28 -33.69 -22.14 -2.36
N ARG D 29 -32.43 -21.75 -2.60
CA ARG D 29 -31.40 -21.86 -1.57
C ARG D 29 -31.83 -21.06 -0.33
N ALA D 30 -32.32 -19.85 -0.57
CA ALA D 30 -32.71 -18.95 0.51
C ALA D 30 -33.90 -19.49 1.29
N ALA D 31 -34.93 -19.95 0.58
CA ALA D 31 -36.14 -20.46 1.21
C ALA D 31 -35.99 -21.90 1.74
N ALA D 32 -35.38 -22.78 0.91
CA ALA D 32 -35.38 -24.19 1.25
C ALA D 32 -34.07 -24.91 0.91
N PRO D 33 -33.06 -24.77 1.75
CA PRO D 33 -31.68 -25.26 1.38
C PRO D 33 -31.60 -26.80 1.20
N VAL D 34 -32.60 -27.52 1.72
CA VAL D 34 -32.87 -28.94 1.49
C VAL D 34 -34.33 -29.06 1.01
N THR D 35 -34.55 -29.42 -0.25
CA THR D 35 -35.86 -29.55 -0.79
C THR D 35 -35.94 -30.75 -1.74
N ARG D 36 -37.10 -31.05 -2.36
CA ARG D 36 -37.12 -32.12 -3.40
C ARG D 36 -37.18 -31.53 -4.71
N ALA D 37 -36.67 -32.25 -5.69
CA ALA D 37 -36.71 -31.81 -7.07
C ALA D 37 -36.64 -32.96 -8.03
N THR D 38 -36.84 -32.66 -9.29
CA THR D 38 -36.89 -33.70 -10.26
C THR D 38 -35.80 -33.42 -11.17
N PHE D 39 -35.07 -34.47 -11.52
CA PHE D 39 -33.81 -34.34 -12.25
C PHE D 39 -33.95 -34.76 -13.69
N THR D 40 -32.90 -34.59 -14.45
CA THR D 40 -32.88 -34.95 -15.88
C THR D 40 -33.52 -36.32 -16.21
N SER D 41 -33.33 -37.34 -15.36
CA SER D 41 -33.80 -38.68 -15.64
C SER D 41 -35.31 -38.88 -15.38
N GLY D 42 -35.95 -37.88 -14.82
CA GLY D 42 -37.34 -37.93 -14.43
C GLY D 42 -37.45 -38.36 -12.99
N HIS D 43 -36.39 -38.86 -12.36
CA HIS D 43 -36.56 -39.21 -10.96
C HIS D 43 -36.46 -38.01 -10.07
N GLU D 44 -36.98 -38.18 -8.89
CA GLU D 44 -37.05 -37.16 -7.94
C GLU D 44 -36.05 -37.53 -6.86
N ALA D 45 -35.35 -36.52 -6.33
CA ALA D 45 -34.46 -36.75 -5.17
C ALA D 45 -34.32 -35.50 -4.33
N TRP D 46 -33.63 -35.59 -3.21
CA TRP D 46 -33.32 -34.41 -2.44
C TRP D 46 -32.27 -33.54 -3.14
N LEU D 47 -32.50 -32.25 -3.08
CA LEU D 47 -31.67 -31.25 -3.68
C LEU D 47 -31.20 -30.43 -2.52
N VAL D 48 -29.87 -30.51 -2.27
CA VAL D 48 -29.24 -29.74 -1.21
C VAL D 48 -28.42 -28.60 -1.77
N THR D 49 -28.85 -27.37 -1.45
CA THR D 49 -28.30 -26.18 -2.03
C THR D 49 -27.55 -25.23 -1.09
N GLY D 50 -27.72 -25.35 0.20
CA GLY D 50 -27.05 -24.43 1.11
C GLY D 50 -25.66 -24.96 1.45
N TYR D 51 -24.73 -24.04 1.69
CA TYR D 51 -23.36 -24.43 2.01
C TYR D 51 -23.25 -25.29 3.16
N GLU D 52 -23.79 -24.89 4.28
CA GLU D 52 -23.64 -25.68 5.45
C GLU D 52 -24.24 -27.10 5.35
N GLN D 53 -25.39 -27.18 4.72
CA GLN D 53 -26.05 -28.45 4.58
C GLN D 53 -25.25 -29.36 3.57
N VAL D 54 -24.71 -28.83 2.49
CA VAL D 54 -23.92 -29.65 1.55
C VAL D 54 -22.73 -30.22 2.30
N ARG D 55 -22.11 -29.40 3.16
CA ARG D 55 -20.99 -29.92 3.90
C ARG D 55 -21.42 -30.92 4.92
N ALA D 56 -22.58 -30.74 5.50
CA ALA D 56 -23.08 -31.78 6.41
C ALA D 56 -23.31 -33.10 5.65
N VAL D 57 -23.75 -33.03 4.40
CA VAL D 57 -23.99 -34.35 3.75
C VAL D 57 -22.63 -35.01 3.48
N LEU D 58 -21.70 -34.24 2.93
CA LEU D 58 -20.49 -34.80 2.44
C LEU D 58 -19.57 -35.31 3.51
N ARG D 59 -19.68 -34.85 4.73
CA ARG D 59 -18.78 -35.31 5.76
C ARG D 59 -19.35 -36.48 6.45
N ASP D 60 -20.62 -36.81 6.21
CA ASP D 60 -21.26 -37.90 6.98
C ASP D 60 -20.83 -39.21 6.31
N PRO D 61 -20.02 -40.02 7.04
CA PRO D 61 -19.48 -41.24 6.44
C PRO D 61 -20.54 -42.30 6.07
N SER D 62 -21.79 -42.17 6.54
CA SER D 62 -22.85 -43.15 6.18
C SER D 62 -23.47 -42.97 4.80
N PHE D 63 -23.24 -41.86 4.12
CA PHE D 63 -23.81 -41.71 2.77
C PHE D 63 -22.99 -42.60 1.80
N SER D 64 -23.60 -43.15 0.77
CA SER D 64 -22.87 -43.99 -0.12
C SER D 64 -22.79 -43.36 -1.46
N VAL D 65 -21.76 -43.73 -2.21
CA VAL D 65 -21.66 -43.27 -3.56
C VAL D 65 -22.23 -44.29 -4.52
N GLY D 66 -22.59 -45.47 -4.00
CA GLY D 66 -23.28 -46.45 -4.85
C GLY D 66 -24.79 -46.12 -5.05
N VAL D 67 -25.13 -45.24 -5.94
CA VAL D 67 -26.53 -44.74 -5.96
C VAL D 67 -27.50 -45.56 -6.83
N PRO D 68 -28.82 -45.54 -6.50
CA PRO D 68 -29.76 -46.32 -7.34
C PRO D 68 -30.00 -45.75 -8.76
N HIS D 69 -29.99 -44.43 -8.94
CA HIS D 69 -30.12 -43.84 -10.26
C HIS D 69 -29.02 -42.86 -10.61
N ALA D 70 -28.84 -42.71 -11.91
CA ALA D 70 -28.06 -41.75 -12.51
C ALA D 70 -28.94 -40.56 -12.94
N LEU D 71 -29.20 -39.69 -11.99
CA LEU D 71 -30.13 -38.59 -12.17
C LEU D 71 -29.87 -37.62 -13.27
N HIS D 72 -28.61 -37.44 -13.66
CA HIS D 72 -28.29 -36.44 -14.64
C HIS D 72 -28.26 -37.00 -16.04
N THR D 73 -28.67 -38.25 -16.26
CA THR D 73 -28.73 -38.80 -17.62
C THR D 73 -30.17 -38.88 -18.05
N GLN D 74 -30.33 -39.06 -19.36
CA GLN D 74 -31.63 -39.25 -19.99
C GLN D 74 -32.41 -40.45 -19.43
N ASP D 75 -31.80 -41.62 -19.40
CA ASP D 75 -32.56 -42.81 -18.97
C ASP D 75 -32.46 -43.17 -17.49
N GLY D 76 -31.62 -42.49 -16.73
CA GLY D 76 -31.49 -42.79 -15.31
C GLY D 76 -30.72 -44.06 -14.96
N VAL D 77 -30.14 -44.73 -15.95
CA VAL D 77 -29.54 -46.06 -15.72
C VAL D 77 -28.07 -45.97 -15.25
N VAL D 78 -27.77 -46.54 -14.10
CA VAL D 78 -26.43 -46.54 -13.53
C VAL D 78 -25.65 -47.60 -14.28
N THR D 79 -24.60 -47.24 -14.96
CA THR D 79 -23.88 -48.22 -15.75
C THR D 79 -22.88 -48.98 -14.93
N GLN D 80 -22.26 -49.96 -15.57
CA GLN D 80 -21.22 -50.69 -14.91
C GLN D 80 -19.99 -49.86 -14.64
N LYS D 81 -19.40 -50.11 -13.50
CA LYS D 81 -18.24 -49.28 -13.03
C LYS D 81 -16.99 -50.12 -12.84
N PRO D 82 -15.80 -49.51 -12.93
CA PRO D 82 -14.56 -50.23 -12.69
C PRO D 82 -14.43 -50.60 -11.26
N GLY D 83 -13.45 -51.46 -10.95
CA GLY D 83 -13.33 -52.10 -9.64
C GLY D 83 -12.31 -51.38 -8.72
N ARG D 84 -11.70 -52.12 -7.82
CA ARG D 84 -10.84 -51.59 -6.80
C ARG D 84 -9.71 -50.81 -7.28
N GLY D 85 -9.49 -49.67 -6.63
CA GLY D 85 -8.50 -48.72 -7.11
C GLY D 85 -9.07 -47.58 -7.91
N SER D 86 -10.32 -47.70 -8.42
CA SER D 86 -10.94 -46.55 -9.13
C SER D 86 -11.55 -45.48 -8.25
N LEU D 87 -11.85 -45.81 -7.01
CA LEU D 87 -12.27 -44.91 -5.94
C LEU D 87 -13.68 -44.32 -6.06
N LEU D 88 -14.02 -43.80 -7.21
CA LEU D 88 -15.16 -42.87 -7.31
C LEU D 88 -16.45 -43.54 -6.90
N TRP D 89 -16.54 -44.84 -7.03
CA TRP D 89 -17.79 -45.57 -6.80
C TRP D 89 -17.59 -46.57 -5.71
N GLN D 90 -16.53 -46.47 -4.90
CA GLN D 90 -16.34 -47.43 -3.81
C GLN D 90 -16.76 -46.81 -2.50
N ASP D 91 -17.10 -47.62 -1.55
CA ASP D 91 -17.46 -47.13 -0.23
C ASP D 91 -16.50 -47.77 0.76
N ALA D 92 -16.52 -47.30 1.99
CA ALA D 92 -15.76 -47.86 3.06
C ALA D 92 -16.22 -49.29 3.34
N PRO D 93 -15.30 -50.14 3.83
CA PRO D 93 -13.88 -49.90 4.14
C PRO D 93 -12.93 -49.96 2.97
N GLU D 94 -13.37 -50.53 1.85
CA GLU D 94 -12.45 -50.66 0.77
C GLU D 94 -12.00 -49.36 0.17
N HIS D 95 -12.89 -48.36 0.11
CA HIS D 95 -12.52 -47.07 -0.45
C HIS D 95 -11.45 -46.46 0.43
N THR D 96 -11.55 -46.61 1.76
CA THR D 96 -10.62 -46.03 2.69
C THR D 96 -9.23 -46.63 2.52
N ASP D 97 -9.16 -47.95 2.52
CA ASP D 97 -7.91 -48.68 2.30
C ASP D 97 -7.34 -48.44 0.93
N ASP D 98 -8.11 -48.46 -0.12
CA ASP D 98 -7.52 -48.22 -1.46
C ASP D 98 -7.04 -46.79 -1.68
N ARG D 99 -7.75 -45.83 -1.10
CA ARG D 99 -7.36 -44.46 -1.21
C ARG D 99 -6.04 -44.19 -0.44
N LYS D 100 -5.90 -44.78 0.73
CA LYS D 100 -4.71 -44.58 1.56
C LYS D 100 -3.49 -45.17 0.87
N LEU D 101 -3.66 -46.29 0.17
CA LEU D 101 -2.58 -46.87 -0.62
C LEU D 101 -2.15 -45.98 -1.75
N LEU D 102 -3.12 -45.46 -2.48
CA LEU D 102 -2.80 -44.53 -3.56
C LEU D 102 -2.15 -43.26 -3.04
N ALA D 103 -2.65 -42.74 -1.92
CA ALA D 103 -2.18 -41.51 -1.36
C ALA D 103 -0.74 -41.63 -0.80
N LYS D 104 -0.30 -42.86 -0.61
CA LYS D 104 1.02 -43.13 -0.10
C LYS D 104 2.06 -42.76 -1.11
N GLU D 105 1.81 -42.94 -2.41
CA GLU D 105 2.70 -42.51 -3.45
C GLU D 105 2.26 -41.23 -4.15
N PHE D 106 0.94 -41.03 -4.26
CA PHE D 106 0.43 -39.81 -4.86
C PHE D 106 0.28 -38.72 -3.82
N THR D 107 1.40 -38.13 -3.43
CA THR D 107 1.46 -37.26 -2.24
C THR D 107 1.45 -35.86 -2.72
N VAL D 108 1.15 -34.93 -1.82
CA VAL D 108 1.28 -33.52 -2.14
C VAL D 108 2.72 -33.15 -2.55
N ARG D 109 3.67 -33.77 -1.89
CA ARG D 109 5.09 -33.55 -2.22
C ARG D 109 5.38 -33.98 -3.67
N ARG D 110 4.94 -35.15 -4.10
CA ARG D 110 5.11 -35.51 -5.51
C ARG D 110 4.40 -34.50 -6.46
N MET D 111 3.26 -33.96 -6.04
CA MET D 111 2.54 -33.02 -6.90
C MET D 111 3.31 -31.72 -7.01
N GLN D 112 3.74 -31.20 -5.87
CA GLN D 112 4.61 -29.95 -5.91
C GLN D 112 5.88 -30.18 -6.73
N ALA D 113 6.51 -31.35 -6.59
CA ALA D 113 7.66 -31.71 -7.42
C ALA D 113 7.44 -31.58 -8.91
N LEU D 114 6.22 -31.65 -9.40
CA LEU D 114 5.94 -31.58 -10.83
C LEU D 114 5.86 -30.18 -11.36
N ARG D 115 6.00 -29.16 -10.51
CA ARG D 115 5.98 -27.78 -11.01
C ARG D 115 6.84 -27.46 -12.22
N PRO D 116 8.16 -27.78 -12.17
CA PRO D 116 8.96 -27.46 -13.34
C PRO D 116 8.49 -28.16 -14.59
N ASN D 117 8.08 -29.43 -14.46
CA ASN D 117 7.46 -30.19 -15.61
C ASN D 117 6.22 -29.50 -16.18
N ILE D 118 5.41 -29.01 -15.28
CA ILE D 118 4.20 -28.33 -15.74
C ILE D 118 4.55 -27.04 -16.48
N GLN D 119 5.55 -26.36 -15.94
CA GLN D 119 5.92 -25.07 -16.53
C GLN D 119 6.42 -25.30 -17.96
N ARG D 120 7.21 -26.34 -18.13
CA ARG D 120 7.72 -26.67 -19.48
C ARG D 120 6.58 -27.03 -20.41
N ILE D 121 5.69 -27.93 -20.00
CA ILE D 121 4.53 -28.27 -20.87
C ILE D 121 3.73 -27.06 -21.28
N VAL D 122 3.39 -26.22 -20.30
CA VAL D 122 2.70 -24.99 -20.57
C VAL D 122 3.41 -24.03 -21.53
N ASP D 123 4.71 -23.84 -21.26
CA ASP D 123 5.53 -23.03 -22.16
C ASP D 123 5.64 -23.57 -23.59
N GLU D 124 5.89 -24.87 -23.81
CA GLU D 124 5.88 -25.46 -25.20
C GLU D 124 4.55 -25.21 -25.92
N HIS D 125 3.40 -25.36 -25.23
CA HIS D 125 2.13 -25.20 -25.96
C HIS D 125 1.89 -23.75 -26.34
N LEU D 126 2.30 -22.83 -25.47
CA LEU D 126 2.24 -21.43 -25.86
C LEU D 126 3.29 -21.01 -26.91
N ASP D 127 4.51 -21.60 -26.91
CA ASP D 127 5.46 -21.28 -27.98
C ASP D 127 4.88 -21.65 -29.36
N ALA D 128 4.20 -22.78 -29.45
CA ALA D 128 3.51 -23.17 -30.70
C ALA D 128 2.35 -22.22 -31.11
N ILE D 129 1.59 -21.71 -30.13
CA ILE D 129 0.50 -20.81 -30.46
C ILE D 129 1.11 -19.49 -30.93
N GLU D 130 2.23 -19.11 -30.32
CA GLU D 130 2.87 -17.84 -30.61
C GLU D 130 3.48 -17.85 -32.02
N ALA D 131 4.20 -18.92 -32.35
CA ALA D 131 4.78 -19.10 -33.66
C ALA D 131 3.74 -18.91 -34.77
N ARG D 132 2.53 -19.41 -34.57
CA ARG D 132 1.48 -19.26 -35.58
C ARG D 132 0.73 -17.94 -35.51
N GLY D 133 0.63 -17.31 -34.34
CA GLY D 133 -0.09 -16.02 -34.23
C GLY D 133 -1.62 -16.13 -34.25
N GLY D 134 -2.28 -15.05 -33.82
CA GLY D 134 -3.73 -15.04 -33.66
C GLY D 134 -4.52 -15.14 -34.96
N PRO D 135 -5.83 -15.49 -34.89
CA PRO D 135 -6.52 -16.06 -33.74
C PRO D 135 -6.37 -17.56 -33.72
N VAL D 136 -6.65 -18.14 -32.55
CA VAL D 136 -6.54 -19.55 -32.33
C VAL D 136 -7.63 -19.95 -31.35
N ASP D 137 -8.07 -21.20 -31.44
CA ASP D 137 -8.94 -21.75 -30.44
C ASP D 137 -8.08 -22.20 -29.27
N LEU D 138 -8.22 -21.52 -28.15
CA LEU D 138 -7.41 -21.89 -26.97
C LEU D 138 -7.83 -23.23 -26.42
N VAL D 139 -9.09 -23.65 -26.67
CA VAL D 139 -9.54 -24.95 -26.22
C VAL D 139 -8.73 -26.05 -26.84
N LYS D 140 -8.61 -26.04 -28.16
CA LYS D 140 -7.93 -27.15 -28.85
C LYS D 140 -6.41 -27.07 -28.68
N THR D 141 -5.84 -25.88 -28.65
CA THR D 141 -4.39 -25.75 -28.70
C THR D 141 -3.76 -25.77 -27.31
N PHE D 142 -4.57 -25.74 -26.28
CA PHE D 142 -3.99 -25.48 -24.97
C PHE D 142 -4.82 -26.10 -23.83
N ALA D 143 -6.06 -25.69 -23.71
CA ALA D 143 -6.91 -26.24 -22.62
C ALA D 143 -6.99 -27.77 -22.55
N ASN D 144 -7.17 -28.40 -23.69
CA ASN D 144 -7.32 -29.85 -23.76
C ASN D 144 -5.98 -30.62 -23.69
N PRO D 145 -4.98 -30.25 -24.49
CA PRO D 145 -3.76 -31.02 -24.38
C PRO D 145 -2.93 -30.85 -23.11
N VAL D 146 -2.97 -29.71 -22.45
CA VAL D 146 -2.02 -29.53 -21.31
C VAL D 146 -2.27 -30.52 -20.15
N PRO D 147 -3.51 -30.69 -19.73
CA PRO D 147 -3.72 -31.52 -18.54
C PRO D 147 -3.44 -32.99 -18.75
N SER D 148 -3.58 -33.50 -19.96
CA SER D 148 -3.24 -34.91 -20.14
C SER D 148 -1.75 -35.05 -20.24
N MET D 149 -1.07 -34.04 -20.75
CA MET D 149 0.38 -34.13 -20.81
C MET D 149 0.95 -34.07 -19.38
N VAL D 150 0.27 -33.39 -18.48
CA VAL D 150 0.74 -33.32 -17.14
C VAL D 150 0.68 -34.69 -16.55
N ILE D 151 -0.45 -35.37 -16.81
CA ILE D 151 -0.63 -36.65 -16.24
C ILE D 151 0.33 -37.64 -16.85
N SER D 152 0.55 -37.49 -18.13
CA SER D 152 1.49 -38.38 -18.79
C SER D 152 2.93 -38.25 -18.21
N ASP D 153 3.31 -37.05 -17.79
CA ASP D 153 4.56 -36.87 -16.99
C ASP D 153 4.43 -37.50 -15.64
N LEU D 154 3.31 -37.29 -14.98
CA LEU D 154 3.11 -37.98 -13.70
C LEU D 154 3.29 -39.51 -13.83
N PHE D 155 2.91 -40.06 -15.00
CA PHE D 155 3.00 -41.53 -15.22
C PHE D 155 4.33 -41.97 -15.84
N GLY D 156 5.24 -41.02 -16.04
CA GLY D 156 6.54 -41.33 -16.64
C GLY D 156 6.50 -41.62 -18.10
N VAL D 157 5.49 -41.16 -18.81
CA VAL D 157 5.45 -41.50 -20.22
C VAL D 157 6.58 -40.83 -20.97
N PRO D 158 7.40 -41.58 -21.71
CA PRO D 158 8.49 -40.91 -22.39
C PRO D 158 8.07 -40.22 -23.68
N ALA D 159 8.95 -39.37 -24.17
CA ALA D 159 8.69 -38.48 -25.30
C ALA D 159 8.21 -39.18 -26.57
N GLU D 160 8.74 -40.36 -26.87
CA GLU D 160 8.34 -41.08 -28.07
C GLU D 160 6.91 -41.65 -27.97
N ARG D 161 6.40 -41.76 -26.75
CA ARG D 161 5.05 -42.28 -26.51
C ARG D 161 3.97 -41.24 -26.20
N ARG D 162 4.30 -39.96 -26.23
CA ARG D 162 3.35 -38.90 -25.90
C ARG D 162 2.23 -38.75 -26.90
N ALA D 163 2.51 -38.81 -28.20
CA ALA D 163 1.49 -38.46 -29.16
C ALA D 163 0.36 -39.47 -29.00
N GLU D 164 0.71 -40.72 -28.80
CA GLU D 164 -0.28 -41.75 -28.70
C GLU D 164 -1.05 -41.62 -27.38
N PHE D 165 -0.37 -41.27 -26.28
CA PHE D 165 -1.07 -41.09 -24.99
C PHE D 165 -2.09 -39.97 -25.11
N GLN D 166 -1.64 -38.88 -25.68
CA GLN D 166 -2.49 -37.68 -25.86
C GLN D 166 -3.71 -37.99 -26.68
N GLU D 167 -3.56 -38.78 -27.75
CA GLU D 167 -4.68 -39.08 -28.66
C GLU D 167 -5.71 -39.94 -27.92
N ILE D 168 -5.24 -40.96 -27.25
CA ILE D 168 -6.14 -41.80 -26.46
C ILE D 168 -6.79 -41.01 -25.33
N ALA D 169 -6.06 -40.11 -24.72
CA ALA D 169 -6.67 -39.41 -23.57
C ALA D 169 -7.77 -38.50 -24.09
N GLU D 170 -7.51 -37.93 -25.24
CA GLU D 170 -8.40 -37.03 -25.89
C GLU D 170 -9.70 -37.72 -26.25
N ALA D 171 -9.65 -38.88 -26.86
CA ALA D 171 -10.88 -39.66 -27.08
C ALA D 171 -11.62 -39.98 -25.79
N MET D 172 -10.92 -40.28 -24.71
CA MET D 172 -11.62 -40.48 -23.45
C MET D 172 -12.27 -39.21 -22.89
N MET D 173 -11.66 -38.07 -23.13
CA MET D 173 -12.18 -36.82 -22.59
C MET D 173 -13.62 -36.53 -23.04
N ARG D 174 -13.94 -37.05 -24.23
CA ARG D 174 -15.27 -36.90 -24.81
C ARG D 174 -16.32 -37.80 -24.22
N VAL D 175 -15.93 -38.75 -23.38
CA VAL D 175 -16.81 -39.75 -22.83
C VAL D 175 -17.00 -39.36 -21.37
N ASP D 176 -18.17 -39.54 -20.80
CA ASP D 176 -18.30 -39.30 -19.33
C ASP D 176 -17.56 -40.32 -18.50
N GLN D 177 -17.09 -39.85 -17.36
CA GLN D 177 -16.35 -40.72 -16.45
C GLN D 177 -17.24 -41.92 -16.11
N ASP D 178 -18.52 -41.68 -15.81
CA ASP D 178 -19.50 -42.77 -15.45
C ASP D 178 -19.64 -43.90 -16.52
N ALA D 179 -19.48 -43.49 -17.77
CA ALA D 179 -19.63 -44.34 -18.96
C ALA D 179 -18.33 -45.04 -19.42
N ALA D 180 -17.16 -44.66 -18.85
CA ALA D 180 -15.84 -45.08 -19.38
C ALA D 180 -15.67 -46.59 -19.45
N ALA D 181 -16.03 -47.24 -18.36
CA ALA D 181 -15.92 -48.68 -18.26
C ALA D 181 -16.85 -49.47 -19.26
N THR D 182 -17.79 -48.79 -19.94
CA THR D 182 -18.67 -49.48 -20.89
C THR D 182 -18.65 -48.82 -22.31
N GLU D 183 -17.60 -48.04 -22.61
CA GLU D 183 -17.46 -47.38 -23.93
C GLU D 183 -16.24 -47.88 -24.65
N ALA D 184 -16.22 -47.80 -25.99
CA ALA D 184 -15.11 -48.34 -26.72
C ALA D 184 -13.81 -47.59 -26.37
N ALA D 185 -13.91 -46.31 -26.12
CA ALA D 185 -12.67 -45.56 -25.91
C ALA D 185 -12.04 -46.08 -24.63
N GLY D 186 -12.87 -46.52 -23.69
CA GLY D 186 -12.36 -47.14 -22.47
C GLY D 186 -11.48 -48.36 -22.74
N MET D 187 -11.82 -49.11 -23.78
CA MET D 187 -11.09 -50.33 -24.08
C MET D 187 -9.72 -49.97 -24.61
N ARG D 188 -9.70 -48.96 -25.47
CA ARG D 188 -8.47 -48.47 -26.05
C ARG D 188 -7.48 -47.94 -24.95
N LEU D 189 -8.02 -47.18 -24.02
CA LEU D 189 -7.28 -46.77 -22.79
C LEU D 189 -6.84 -47.94 -21.90
N GLY D 190 -7.70 -48.91 -21.63
CA GLY D 190 -7.28 -50.06 -20.88
C GLY D 190 -6.06 -50.77 -21.49
N GLY D 191 -6.03 -50.82 -22.83
CA GLY D 191 -4.94 -51.50 -23.53
C GLY D 191 -3.64 -50.72 -23.31
N LEU D 192 -3.68 -49.42 -23.53
CA LEU D 192 -2.56 -48.53 -23.29
C LEU D 192 -2.12 -48.68 -21.83
N LEU D 193 -3.04 -48.67 -20.86
CA LEU D 193 -2.62 -48.73 -19.48
C LEU D 193 -1.99 -50.05 -19.13
N TYR D 194 -2.50 -51.12 -19.73
CA TYR D 194 -1.92 -52.45 -19.46
C TYR D 194 -0.46 -52.45 -19.84
N GLN D 195 -0.19 -51.90 -21.00
CA GLN D 195 1.16 -51.92 -21.58
C GLN D 195 2.15 -51.02 -20.79
N LEU D 196 1.65 -49.84 -20.41
CA LEU D 196 2.29 -48.88 -19.54
C LEU D 196 2.71 -49.58 -18.28
N VAL D 197 1.79 -50.29 -17.66
CA VAL D 197 2.13 -50.94 -16.40
C VAL D 197 3.26 -51.98 -16.62
N GLN D 198 3.23 -52.69 -17.74
CA GLN D 198 4.21 -53.74 -17.95
C GLN D 198 5.59 -53.11 -18.15
N GLU D 199 5.65 -52.06 -18.98
CA GLU D 199 6.85 -51.25 -19.18
C GLU D 199 7.44 -50.83 -17.84
N ARG D 200 6.66 -50.24 -16.95
CA ARG D 200 7.21 -49.72 -15.68
C ARG D 200 7.72 -50.82 -14.80
N ARG D 201 7.08 -51.97 -14.93
CA ARG D 201 7.47 -53.13 -14.14
C ARG D 201 8.85 -53.60 -14.58
N ALA D 202 9.06 -53.65 -15.90
CA ALA D 202 10.30 -54.07 -16.50
C ALA D 202 11.38 -53.04 -16.22
N ASN D 203 11.13 -51.76 -16.54
CA ASN D 203 12.04 -50.61 -16.30
C ASN D 203 11.57 -49.54 -15.28
N PRO D 204 11.72 -49.79 -13.99
CA PRO D 204 11.17 -48.86 -13.01
C PRO D 204 11.82 -47.49 -13.07
N GLY D 205 11.06 -46.45 -12.74
CA GLY D 205 11.40 -45.06 -12.86
C GLY D 205 11.07 -44.34 -11.56
N ASP D 206 11.12 -43.02 -11.58
CA ASP D 206 10.78 -42.10 -10.47
C ASP D 206 9.31 -41.67 -10.50
N ASP D 207 8.53 -42.21 -11.43
CA ASP D 207 7.14 -41.79 -11.66
C ASP D 207 6.18 -42.42 -10.64
N LEU D 208 4.88 -42.05 -10.71
CA LEU D 208 3.88 -42.58 -9.83
C LEU D 208 3.62 -44.08 -9.99
N ILE D 209 3.63 -44.59 -11.22
CA ILE D 209 3.22 -45.96 -11.43
C ILE D 209 4.31 -46.91 -10.93
N SER D 210 5.59 -46.55 -11.16
CA SER D 210 6.70 -47.30 -10.54
C SER D 210 6.59 -47.33 -9.01
N ALA D 211 6.26 -46.18 -8.41
CA ALA D 211 6.18 -46.17 -6.94
C ALA D 211 5.08 -47.04 -6.44
N LEU D 212 3.93 -47.06 -7.13
CA LEU D 212 2.82 -47.90 -6.65
C LEU D 212 3.25 -49.33 -6.83
N ILE D 213 3.93 -49.62 -7.94
CA ILE D 213 4.40 -51.00 -8.12
C ILE D 213 5.15 -51.54 -6.89
N THR D 214 6.00 -50.72 -6.28
CA THR D 214 6.91 -51.21 -5.25
C THR D 214 6.49 -50.74 -3.87
N THR D 215 5.30 -50.18 -3.72
CA THR D 215 4.89 -49.62 -2.43
C THR D 215 4.55 -50.73 -1.43
N GLU D 216 4.51 -50.36 -0.17
CA GLU D 216 4.21 -51.27 0.93
C GLU D 216 2.74 -51.64 0.83
N ASP D 217 2.48 -52.93 0.71
CA ASP D 217 1.14 -53.45 0.41
C ASP D 217 0.79 -54.59 1.37
N PRO D 218 0.59 -54.29 2.68
CA PRO D 218 0.41 -55.37 3.66
C PRO D 218 -0.71 -56.36 3.29
N ASP D 219 -1.84 -55.87 2.77
CA ASP D 219 -2.98 -56.76 2.43
C ASP D 219 -2.93 -57.42 1.04
N GLY D 220 -1.82 -57.30 0.32
CA GLY D 220 -1.70 -57.85 -1.03
C GLY D 220 -2.82 -57.48 -1.97
N VAL D 221 -3.14 -56.19 -2.14
CA VAL D 221 -4.19 -55.80 -3.09
C VAL D 221 -3.71 -55.19 -4.39
N ILE D 222 -2.45 -54.79 -4.43
CA ILE D 222 -1.88 -54.15 -5.61
C ILE D 222 -1.58 -55.23 -6.62
N ASP D 223 -2.37 -55.29 -7.69
CA ASP D 223 -2.09 -56.16 -8.84
C ASP D 223 -2.29 -55.30 -10.09
N ASP D 224 -2.12 -55.85 -11.28
CA ASP D 224 -2.16 -55.03 -12.48
C ASP D 224 -3.49 -54.28 -12.66
N MET D 225 -4.58 -54.94 -12.31
CA MET D 225 -5.91 -54.40 -12.49
C MET D 225 -6.08 -53.22 -11.52
N PHE D 226 -5.62 -53.37 -10.26
CA PHE D 226 -5.61 -52.22 -9.36
C PHE D 226 -4.87 -51.02 -9.91
N LEU D 227 -3.67 -51.26 -10.44
CA LEU D 227 -2.88 -50.20 -11.02
C LEU D 227 -3.57 -49.54 -12.20
N MET D 228 -4.24 -50.34 -13.01
CA MET D 228 -4.87 -49.81 -14.22
C MET D 228 -6.11 -48.96 -13.83
N ASN D 229 -6.84 -49.43 -12.86
CA ASN D 229 -7.98 -48.69 -12.32
C ASN D 229 -7.58 -47.38 -11.68
N ALA D 230 -6.45 -47.36 -10.97
CA ALA D 230 -6.00 -46.15 -10.30
C ALA D 230 -5.50 -45.19 -11.31
N ALA D 231 -4.75 -45.66 -12.26
CA ALA D 231 -4.25 -44.76 -13.27
C ALA D 231 -5.28 -44.25 -14.17
N GLY D 232 -6.19 -45.11 -14.60
CA GLY D 232 -7.25 -44.61 -15.44
C GLY D 232 -8.07 -43.59 -14.73
N THR D 233 -8.35 -43.84 -13.46
CA THR D 233 -9.20 -42.90 -12.76
C THR D 233 -8.50 -41.55 -12.64
N LEU D 234 -7.16 -41.53 -12.35
CA LEU D 234 -6.47 -40.30 -12.25
C LEU D 234 -6.57 -39.57 -13.54
N LEU D 235 -6.30 -40.24 -14.63
CA LEU D 235 -6.29 -39.54 -15.91
C LEU D 235 -7.62 -38.95 -16.24
N ILE D 236 -8.65 -39.77 -16.18
CA ILE D 236 -9.97 -39.31 -16.56
C ILE D 236 -10.50 -38.23 -15.65
N ALA D 237 -10.37 -38.38 -14.33
CA ALA D 237 -10.78 -37.30 -13.38
C ALA D 237 -10.00 -35.97 -13.51
N ALA D 238 -8.76 -36.03 -14.01
CA ALA D 238 -7.94 -34.86 -14.15
C ALA D 238 -8.11 -34.09 -15.45
N HIS D 239 -8.59 -34.73 -16.50
CA HIS D 239 -8.34 -34.19 -17.83
C HIS D 239 -9.47 -33.21 -18.16
N ASP D 240 -10.71 -33.72 -18.26
CA ASP D 240 -11.84 -32.86 -18.67
C ASP D 240 -12.08 -31.70 -17.70
N THR D 241 -12.03 -31.98 -16.41
CA THR D 241 -12.24 -30.96 -15.39
C THR D 241 -11.23 -29.83 -15.44
N THR D 242 -9.93 -30.13 -15.42
CA THR D 242 -8.93 -29.09 -15.56
C THR D 242 -9.02 -28.43 -16.91
N ALA D 243 -9.19 -29.17 -18.00
CA ALA D 243 -9.39 -28.46 -19.28
C ALA D 243 -10.55 -27.50 -19.22
N CYS D 244 -11.62 -27.86 -18.53
CA CYS D 244 -12.79 -26.98 -18.53
C CYS D 244 -12.41 -25.73 -17.77
N MET D 245 -11.72 -25.88 -16.65
CA MET D 245 -11.35 -24.68 -15.89
C MET D 245 -10.43 -23.72 -16.67
N ILE D 246 -9.54 -24.26 -17.48
CA ILE D 246 -8.64 -23.40 -18.22
C ILE D 246 -9.43 -22.55 -19.23
N GLY D 247 -10.34 -23.19 -19.95
CA GLY D 247 -11.14 -22.50 -20.97
C GLY D 247 -12.11 -21.55 -20.34
N LEU D 248 -12.75 -21.96 -19.27
CA LEU D 248 -13.76 -21.10 -18.64
C LEU D 248 -13.16 -19.98 -17.79
N GLY D 249 -12.07 -20.29 -17.09
CA GLY D 249 -11.32 -19.28 -16.38
C GLY D 249 -10.77 -18.23 -17.30
N THR D 250 -10.19 -18.66 -18.41
CA THR D 250 -9.67 -17.72 -19.36
C THR D 250 -10.80 -16.81 -19.89
N ALA D 251 -11.90 -17.40 -20.32
CA ALA D 251 -13.04 -16.61 -20.81
C ALA D 251 -13.55 -15.65 -19.76
N LEU D 252 -13.62 -16.08 -18.50
CA LEU D 252 -14.12 -15.20 -17.49
C LEU D 252 -13.17 -14.03 -17.32
N LEU D 253 -11.87 -14.28 -17.12
CA LEU D 253 -10.91 -13.18 -16.96
C LEU D 253 -10.90 -12.25 -18.16
N LEU D 254 -10.98 -12.75 -19.37
CA LEU D 254 -11.11 -11.87 -20.53
C LEU D 254 -12.42 -11.09 -20.54
N ASP D 255 -13.36 -11.41 -19.67
CA ASP D 255 -14.62 -10.69 -19.66
C ASP D 255 -14.65 -9.84 -18.42
N ARG D 256 -13.56 -9.81 -17.67
CA ARG D 256 -13.51 -9.05 -16.43
C ARG D 256 -12.19 -8.28 -16.30
N PRO D 257 -11.88 -7.42 -17.30
CA PRO D 257 -10.56 -6.76 -17.51
C PRO D 257 -10.09 -6.09 -16.22
N ASP D 258 -11.08 -5.68 -15.47
CA ASP D 258 -10.99 -5.20 -14.15
C ASP D 258 -10.18 -6.11 -13.17
N GLN D 259 -10.57 -7.39 -13.07
CA GLN D 259 -9.90 -8.36 -12.19
C GLN D 259 -8.65 -8.79 -12.84
N LEU D 260 -8.67 -8.90 -14.17
CA LEU D 260 -7.43 -9.18 -14.85
C LEU D 260 -6.32 -8.09 -14.66
N ALA D 261 -6.71 -6.81 -14.75
CA ALA D 261 -5.78 -5.73 -14.48
C ALA D 261 -5.16 -5.86 -13.08
N LEU D 262 -5.93 -6.29 -12.08
CA LEU D 262 -5.36 -6.43 -10.74
C LEU D 262 -4.25 -7.50 -10.69
N LEU D 263 -4.49 -8.59 -11.40
CA LEU D 263 -3.50 -9.65 -11.49
C LEU D 263 -2.22 -9.25 -12.23
N GLN D 264 -2.38 -8.44 -13.26
CA GLN D 264 -1.26 -7.94 -14.04
C GLN D 264 -0.43 -6.95 -13.22
N LYS D 265 -1.08 -6.11 -12.43
CA LYS D 265 -0.37 -5.20 -11.51
C LYS D 265 0.31 -5.95 -10.34
N ASP D 266 -0.40 -6.90 -9.71
CA ASP D 266 0.23 -7.73 -8.65
C ASP D 266 0.13 -9.26 -8.91
N PRO D 267 1.14 -9.83 -9.62
CA PRO D 267 0.99 -11.20 -9.98
C PRO D 267 1.11 -12.12 -8.85
N SER D 268 1.47 -11.64 -7.65
CA SER D 268 1.47 -12.53 -6.55
C SER D 268 0.04 -12.86 -6.14
N LEU D 269 -0.94 -12.21 -6.71
CA LEU D 269 -2.36 -12.60 -6.45
C LEU D 269 -2.77 -13.92 -7.11
N ILE D 270 -1.87 -14.57 -7.86
CA ILE D 270 -2.21 -15.74 -8.64
C ILE D 270 -2.88 -16.85 -7.83
N GLY D 271 -2.36 -17.16 -6.65
CA GLY D 271 -2.98 -18.14 -5.76
C GLY D 271 -4.42 -17.83 -5.39
N ASN D 272 -4.63 -16.62 -4.90
CA ASN D 272 -5.90 -16.08 -4.55
C ASN D 272 -6.84 -16.04 -5.73
N ALA D 273 -6.35 -15.69 -6.90
CA ALA D 273 -7.16 -15.62 -8.08
C ALA D 273 -7.65 -17.03 -8.46
N VAL D 274 -6.76 -18.01 -8.40
CA VAL D 274 -7.14 -19.36 -8.73
C VAL D 274 -8.18 -19.88 -7.75
N GLU D 275 -8.04 -19.61 -6.45
CA GLU D 275 -9.13 -19.97 -5.54
C GLU D 275 -10.46 -19.30 -5.86
N GLU D 276 -10.46 -18.04 -6.26
CA GLU D 276 -11.72 -17.40 -6.59
C GLU D 276 -12.25 -17.90 -7.93
N LEU D 277 -11.40 -18.17 -8.91
CA LEU D 277 -11.91 -18.83 -10.10
C LEU D 277 -12.61 -20.18 -9.86
N LEU D 278 -11.99 -21.08 -9.07
CA LEU D 278 -12.64 -22.31 -8.68
C LEU D 278 -14.02 -22.09 -8.05
N ARG D 279 -14.10 -21.21 -7.05
CA ARG D 279 -15.36 -20.93 -6.39
C ARG D 279 -16.37 -20.40 -7.39
N TYR D 280 -16.01 -19.33 -8.07
CA TYR D 280 -16.94 -18.65 -8.88
C TYR D 280 -17.39 -19.58 -9.98
N LEU D 281 -16.50 -20.41 -10.49
CA LEU D 281 -16.92 -21.20 -11.67
C LEU D 281 -17.53 -22.62 -11.42
N THR D 282 -17.36 -23.17 -10.20
CA THR D 282 -17.66 -24.56 -9.74
C THR D 282 -18.20 -25.49 -10.81
N ILE D 283 -17.28 -26.05 -11.57
CA ILE D 283 -17.64 -26.60 -12.87
C ILE D 283 -18.53 -27.86 -12.90
N GLY D 284 -18.61 -28.59 -11.79
CA GLY D 284 -19.45 -29.81 -11.66
C GLY D 284 -20.89 -29.38 -11.41
N GLN D 285 -21.56 -29.08 -12.51
CA GLN D 285 -22.65 -28.11 -12.47
C GLN D 285 -23.94 -28.63 -11.94
N PHE D 286 -24.25 -29.88 -12.18
CA PHE D 286 -25.60 -30.44 -11.85
C PHE D 286 -25.74 -31.00 -10.46
N GLY D 287 -24.61 -31.26 -9.80
CA GLY D 287 -24.55 -31.62 -8.38
C GLY D 287 -24.00 -33.04 -8.20
N ALA D 288 -23.23 -33.28 -7.15
CA ALA D 288 -22.74 -34.63 -6.82
C ALA D 288 -23.84 -35.53 -6.19
N GLU D 289 -23.81 -36.83 -6.47
CA GLU D 289 -24.83 -37.79 -5.96
C GLU D 289 -24.40 -38.73 -4.86
N ARG D 290 -25.27 -38.88 -3.86
CA ARG D 290 -25.11 -39.81 -2.73
C ARG D 290 -26.44 -40.51 -2.41
N VAL D 291 -26.40 -41.63 -1.73
CA VAL D 291 -27.60 -42.29 -1.26
C VAL D 291 -27.45 -42.51 0.17
N ALA D 292 -28.48 -42.27 0.92
CA ALA D 292 -28.41 -42.56 2.37
C ALA D 292 -28.49 -44.06 2.69
N THR D 293 -27.74 -44.51 3.70
CA THR D 293 -27.69 -45.90 4.11
C THR D 293 -28.27 -46.06 5.51
N GLN D 294 -28.60 -44.96 6.17
CA GLN D 294 -29.39 -45.02 7.39
C GLN D 294 -30.26 -43.76 7.52
N ASP D 295 -31.22 -43.79 8.44
CA ASP D 295 -32.10 -42.64 8.64
C ASP D 295 -31.26 -41.52 9.22
N GLY D 296 -31.55 -40.30 8.82
CA GLY D 296 -30.80 -39.12 9.24
C GLY D 296 -31.58 -37.82 9.04
N GLU D 297 -30.86 -36.73 9.22
CA GLU D 297 -31.42 -35.39 9.26
C GLU D 297 -30.41 -34.41 8.73
N ILE D 298 -30.84 -33.53 7.84
CA ILE D 298 -29.97 -32.51 7.30
C ILE D 298 -30.78 -31.23 7.29
N GLY D 299 -30.29 -30.14 7.88
CA GLY D 299 -31.06 -28.83 7.85
C GLY D 299 -32.49 -28.91 8.40
N GLY D 300 -32.64 -29.79 9.40
CA GLY D 300 -33.90 -30.14 10.09
C GLY D 300 -34.95 -30.96 9.31
N VAL D 301 -34.57 -31.42 8.10
CA VAL D 301 -35.36 -32.28 7.26
C VAL D 301 -34.93 -33.73 7.40
N ARG D 302 -35.87 -34.65 7.56
CA ARG D 302 -35.54 -36.05 7.77
C ARG D 302 -35.27 -36.72 6.41
N ILE D 303 -34.19 -37.51 6.40
CA ILE D 303 -33.71 -38.19 5.17
C ILE D 303 -33.79 -39.63 5.55
N ALA D 304 -34.46 -40.39 4.70
CA ALA D 304 -34.67 -41.75 4.97
C ALA D 304 -33.61 -42.63 4.30
N LYS D 305 -33.36 -43.77 4.93
CA LYS D 305 -32.61 -44.85 4.31
C LYS D 305 -33.05 -45.17 2.89
N GLY D 306 -32.10 -45.13 1.95
CA GLY D 306 -32.35 -45.44 0.54
C GLY D 306 -32.71 -44.22 -0.29
N GLU D 307 -32.86 -43.07 0.32
CA GLU D 307 -33.08 -41.89 -0.52
C GLU D 307 -31.84 -41.24 -1.07
N GLN D 308 -31.91 -40.83 -2.32
CA GLN D 308 -30.84 -40.24 -3.03
C GLN D 308 -30.80 -38.74 -2.71
N VAL D 309 -29.59 -38.21 -2.60
CA VAL D 309 -29.33 -36.79 -2.38
C VAL D 309 -28.41 -36.19 -3.42
N VAL D 310 -28.75 -35.02 -3.93
CA VAL D 310 -27.91 -34.30 -4.84
C VAL D 310 -27.37 -33.07 -4.13
N THR D 311 -26.04 -33.03 -3.90
CA THR D 311 -25.35 -31.84 -3.31
C THR D 311 -24.89 -30.93 -4.37
N HIS D 312 -25.57 -29.78 -4.47
CA HIS D 312 -25.36 -28.81 -5.51
C HIS D 312 -24.17 -27.85 -5.14
N LEU D 313 -22.97 -28.22 -5.60
CA LEU D 313 -21.71 -27.57 -5.17
C LEU D 313 -21.67 -26.16 -5.64
N LEU D 314 -22.09 -25.92 -6.88
CA LEU D 314 -22.20 -24.57 -7.42
C LEU D 314 -23.05 -23.65 -6.60
N SER D 315 -24.33 -23.97 -6.45
CA SER D 315 -25.16 -23.26 -5.52
C SER D 315 -24.51 -23.00 -4.17
N ALA D 316 -23.84 -23.96 -3.62
CA ALA D 316 -23.37 -23.78 -2.26
C ALA D 316 -22.18 -22.79 -2.25
N ASP D 317 -21.49 -22.73 -3.36
CA ASP D 317 -20.34 -21.81 -3.49
C ASP D 317 -20.81 -20.41 -3.73
N PHE D 318 -22.13 -20.21 -3.99
CA PHE D 318 -22.69 -18.87 -4.08
C PHE D 318 -23.60 -18.56 -2.92
N ASP D 319 -23.51 -19.32 -1.83
CA ASP D 319 -24.37 -19.10 -0.70
C ASP D 319 -23.90 -17.84 0.04
N PRO D 320 -24.80 -16.84 0.17
CA PRO D 320 -24.40 -15.67 0.95
C PRO D 320 -24.04 -15.97 2.39
N ALA D 321 -24.31 -17.13 2.95
CA ALA D 321 -23.83 -17.31 4.32
C ALA D 321 -22.39 -17.83 4.35
N PHE D 322 -21.81 -18.04 3.17
CA PHE D 322 -20.47 -18.64 3.03
C PHE D 322 -19.49 -17.49 2.86
N VAL D 323 -19.73 -16.67 1.84
CA VAL D 323 -18.95 -15.48 1.60
C VAL D 323 -19.88 -14.31 1.27
N GLU D 324 -19.40 -13.08 1.48
CA GLU D 324 -20.16 -11.84 1.16
C GLU D 324 -20.19 -11.58 -0.30
N ASP D 325 -21.34 -11.08 -0.74
CA ASP D 325 -21.49 -10.62 -2.08
C ASP D 325 -21.04 -11.68 -3.14
N PRO D 326 -21.52 -12.93 -2.94
CA PRO D 326 -21.07 -14.10 -3.69
C PRO D 326 -21.07 -13.91 -5.19
N GLU D 327 -21.98 -13.10 -5.71
CA GLU D 327 -22.02 -12.89 -7.16
C GLU D 327 -20.95 -11.98 -7.67
N ARG D 328 -20.19 -11.38 -6.77
CA ARG D 328 -19.05 -10.58 -7.25
C ARG D 328 -17.80 -11.46 -7.40
N PHE D 329 -17.25 -11.50 -8.59
CA PHE D 329 -15.96 -12.09 -8.83
C PHE D 329 -14.84 -11.15 -8.33
N ASP D 330 -14.14 -11.55 -7.29
CA ASP D 330 -13.12 -10.67 -6.65
C ASP D 330 -11.91 -11.46 -6.28
N ILE D 331 -10.88 -11.37 -7.08
CA ILE D 331 -9.69 -12.13 -6.82
C ILE D 331 -8.88 -11.71 -5.62
N THR D 332 -9.28 -10.65 -4.97
CA THR D 332 -8.55 -10.21 -3.79
C THR D 332 -9.16 -10.79 -2.53
N ARG D 333 -10.27 -11.54 -2.62
CA ARG D 333 -10.78 -12.16 -1.38
C ARG D 333 -9.69 -13.02 -0.74
N ARG D 334 -9.79 -13.11 0.55
CA ARG D 334 -9.04 -14.06 1.33
C ARG D 334 -9.68 -15.44 1.10
N PRO D 335 -8.90 -16.43 0.63
CA PRO D 335 -9.51 -17.74 0.30
C PRO D 335 -10.29 -18.35 1.47
N ALA D 336 -11.52 -18.74 1.20
CA ALA D 336 -12.33 -19.49 2.15
C ALA D 336 -12.58 -20.88 1.50
N PRO D 337 -12.99 -21.86 2.32
CA PRO D 337 -13.07 -23.25 1.83
C PRO D 337 -14.27 -23.56 0.95
N HIS D 338 -14.11 -23.30 -0.33
CA HIS D 338 -15.14 -23.57 -1.29
C HIS D 338 -15.28 -25.09 -1.52
N LEU D 339 -16.26 -25.49 -2.34
CA LEU D 339 -16.64 -26.90 -2.56
C LEU D 339 -16.35 -27.32 -3.98
N ALA D 340 -15.58 -26.52 -4.72
CA ALA D 340 -15.25 -26.96 -6.09
C ALA D 340 -14.55 -28.30 -6.25
N PHE D 341 -13.94 -28.77 -5.17
CA PHE D 341 -13.24 -30.05 -5.13
C PHE D 341 -14.01 -31.01 -4.27
N GLY D 342 -15.21 -30.69 -3.88
CA GLY D 342 -15.95 -31.51 -2.91
C GLY D 342 -15.49 -31.39 -1.48
N PHE D 343 -15.85 -32.38 -0.65
CA PHE D 343 -15.62 -32.35 0.77
C PHE D 343 -15.71 -33.75 1.29
N GLY D 344 -15.18 -33.96 2.47
CA GLY D 344 -15.21 -35.26 3.11
C GLY D 344 -14.32 -36.30 2.44
N ALA D 345 -14.63 -37.56 2.66
CA ALA D 345 -13.79 -38.71 2.32
C ALA D 345 -13.55 -38.91 0.83
N HIS D 346 -14.46 -38.46 -0.03
CA HIS D 346 -14.28 -38.55 -1.51
C HIS D 346 -13.81 -37.29 -2.19
N GLN D 347 -13.55 -36.29 -1.37
CA GLN D 347 -12.85 -35.07 -1.85
C GLN D 347 -11.79 -35.30 -2.89
N CYS D 348 -11.63 -34.40 -3.88
CA CYS D 348 -10.72 -34.54 -4.99
C CYS D 348 -9.32 -34.90 -4.46
N ILE D 349 -8.75 -35.98 -4.96
CA ILE D 349 -7.44 -36.44 -4.48
C ILE D 349 -6.28 -35.66 -5.14
N GLY D 350 -6.58 -35.02 -6.25
CA GLY D 350 -5.59 -34.29 -7.05
C GLY D 350 -5.71 -32.79 -7.02
N GLN D 351 -6.43 -32.36 -6.00
CA GLN D 351 -6.77 -30.95 -5.67
C GLN D 351 -5.46 -30.09 -5.78
N GLN D 352 -4.43 -30.51 -5.07
CA GLN D 352 -3.18 -29.71 -5.05
C GLN D 352 -2.57 -29.69 -6.41
N LEU D 353 -2.58 -30.82 -7.12
CA LEU D 353 -2.05 -30.78 -8.53
C LEU D 353 -2.88 -29.88 -9.41
N ALA D 354 -4.20 -29.90 -9.25
CA ALA D 354 -5.03 -29.02 -10.06
C ALA D 354 -4.75 -27.55 -9.79
N ARG D 355 -4.60 -27.18 -8.52
CA ARG D 355 -4.25 -25.81 -8.18
C ARG D 355 -2.93 -25.36 -8.82
N ILE D 356 -1.89 -26.16 -8.69
CA ILE D 356 -0.64 -25.87 -9.39
C ILE D 356 -0.79 -25.74 -10.86
N GLU D 357 -1.55 -26.60 -11.52
CA GLU D 357 -1.67 -26.52 -12.96
C GLU D 357 -2.33 -25.20 -13.30
N LEU D 358 -3.34 -24.81 -12.54
CA LEU D 358 -4.07 -23.60 -12.92
C LEU D 358 -3.21 -22.31 -12.58
N GLN D 359 -2.52 -22.37 -11.47
CA GLN D 359 -1.61 -21.26 -11.07
C GLN D 359 -0.58 -21.04 -12.17
N ILE D 360 0.02 -22.10 -12.65
CA ILE D 360 1.00 -21.99 -13.78
C ILE D 360 0.36 -21.59 -15.09
N VAL D 361 -0.79 -22.17 -15.46
CA VAL D 361 -1.46 -21.80 -16.72
C VAL D 361 -1.81 -20.34 -16.74
N PHE D 362 -2.50 -19.84 -15.73
CA PHE D 362 -2.92 -18.46 -15.76
C PHE D 362 -1.77 -17.47 -15.46
N GLY D 363 -0.94 -17.77 -14.50
CA GLY D 363 0.32 -16.98 -14.29
C GLY D 363 1.04 -16.79 -15.62
N THR D 364 1.37 -17.88 -16.29
CA THR D 364 2.11 -17.79 -17.53
C THR D 364 1.30 -17.24 -18.71
N LEU D 365 0.03 -17.59 -18.83
CA LEU D 365 -0.73 -17.14 -19.98
C LEU D 365 -0.80 -15.64 -19.99
N PHE D 366 -1.13 -15.03 -18.86
CA PHE D 366 -1.26 -13.57 -18.83
C PHE D 366 0.05 -12.77 -18.74
N ARG D 367 1.12 -13.38 -18.25
CA ARG D 367 2.46 -12.76 -18.28
C ARG D 367 2.96 -12.77 -19.73
N ARG D 368 2.80 -13.84 -20.48
CA ARG D 368 3.31 -13.89 -21.87
C ARG D 368 2.45 -13.19 -22.92
N PHE D 369 1.16 -13.07 -22.64
CA PHE D 369 0.18 -12.48 -23.57
C PHE D 369 -0.70 -11.40 -22.88
N PRO D 370 -0.08 -10.30 -22.43
CA PRO D 370 -0.83 -9.21 -21.80
C PRO D 370 -1.89 -8.61 -22.71
N THR D 371 -1.70 -8.64 -24.03
CA THR D 371 -2.72 -8.08 -24.93
C THR D 371 -3.85 -9.08 -25.24
N LEU D 372 -3.86 -10.25 -24.60
CA LEU D 372 -4.81 -11.31 -25.02
C LEU D 372 -6.25 -10.81 -25.00
N ARG D 373 -7.05 -11.16 -25.98
CA ARG D 373 -8.48 -10.81 -25.90
C ARG D 373 -9.33 -11.78 -26.73
N LEU D 374 -10.64 -11.76 -26.54
CA LEU D 374 -11.51 -12.60 -27.36
C LEU D 374 -11.48 -12.09 -28.80
N ALA D 375 -11.68 -12.97 -29.77
CA ALA D 375 -11.86 -12.53 -31.14
C ALA D 375 -13.34 -12.68 -31.50
N LYS D 376 -14.19 -12.59 -30.48
CA LYS D 376 -15.55 -13.10 -30.52
C LYS D 376 -16.23 -12.76 -29.19
N PRO D 377 -17.33 -11.98 -29.22
CA PRO D 377 -17.95 -11.57 -27.94
C PRO D 377 -18.49 -12.71 -27.15
N VAL D 378 -18.55 -12.53 -25.84
CA VAL D 378 -19.11 -13.52 -24.91
C VAL D 378 -20.52 -13.99 -25.31
N GLU D 379 -21.24 -13.18 -26.05
CA GLU D 379 -22.59 -13.51 -26.50
C GLU D 379 -22.55 -14.56 -27.60
N GLU D 380 -21.49 -14.55 -28.41
CA GLU D 380 -21.29 -15.56 -29.45
C GLU D 380 -20.61 -16.86 -28.95
N LEU D 381 -20.13 -16.91 -27.72
CA LEU D 381 -19.49 -18.13 -27.26
C LEU D 381 -20.54 -19.20 -27.03
N ARG D 382 -20.14 -20.44 -27.21
CA ARG D 382 -21.03 -21.56 -26.92
C ARG D 382 -20.57 -22.30 -25.69
N PHE D 383 -21.43 -22.24 -24.68
CA PHE D 383 -21.14 -22.82 -23.41
C PHE D 383 -21.56 -24.27 -23.37
N ARG D 384 -21.00 -25.04 -22.43
CA ARG D 384 -21.23 -26.47 -22.29
C ARG D 384 -22.45 -26.72 -21.44
N ASN D 385 -23.60 -26.27 -21.92
CA ASN D 385 -24.79 -26.23 -21.07
C ASN D 385 -25.31 -27.59 -20.70
N ASP D 386 -25.15 -28.56 -21.56
CA ASP D 386 -25.68 -29.91 -21.22
C ASP D 386 -24.62 -30.89 -20.67
N MET D 387 -23.36 -30.49 -20.59
CA MET D 387 -22.33 -31.46 -20.17
C MET D 387 -22.18 -31.63 -18.60
N VAL D 388 -21.59 -32.74 -18.15
CA VAL D 388 -21.36 -32.97 -16.74
C VAL D 388 -20.47 -31.76 -16.19
N PHE D 389 -19.46 -31.40 -16.96
CA PHE D 389 -18.59 -30.28 -16.56
C PHE D 389 -18.82 -29.14 -17.52
N TYR D 390 -19.20 -28.04 -16.90
CA TYR D 390 -19.41 -26.78 -17.58
C TYR D 390 -18.10 -26.17 -18.04
N GLY D 391 -18.19 -25.30 -19.05
CA GLY D 391 -17.04 -24.73 -19.78
C GLY D 391 -17.48 -24.10 -21.10
N VAL D 392 -16.53 -23.88 -22.00
CA VAL D 392 -16.82 -23.47 -23.35
C VAL D 392 -16.42 -24.51 -24.37
N HIS D 393 -17.16 -24.58 -25.48
CA HIS D 393 -16.88 -25.58 -26.51
C HIS D 393 -15.66 -25.12 -27.26
N GLU D 394 -15.54 -23.81 -27.48
CA GLU D 394 -14.30 -23.23 -27.97
C GLU D 394 -14.15 -21.82 -27.50
N LEU D 395 -12.92 -21.32 -27.59
CA LEU D 395 -12.52 -20.05 -27.05
C LEU D 395 -11.53 -19.41 -28.01
N PRO D 396 -12.04 -18.74 -29.03
CA PRO D 396 -11.21 -18.07 -30.04
C PRO D 396 -10.53 -16.83 -29.47
N VAL D 397 -9.21 -16.75 -29.54
CA VAL D 397 -8.50 -15.63 -28.92
C VAL D 397 -7.44 -15.05 -29.84
N THR D 398 -7.08 -13.80 -29.59
CA THR D 398 -6.02 -13.16 -30.34
C THR D 398 -5.24 -12.20 -29.44
N TRP D 399 -4.15 -11.62 -29.98
CA TRP D 399 -3.28 -10.75 -29.16
C TRP D 399 -2.50 -9.53 -29.77
CHA HEM E . -9.69 29.65 -23.58
CHB HEM E . -13.15 30.38 -20.23
CHC HEM E . -13.72 25.70 -19.71
CHD HEM E . -10.36 24.93 -23.11
C1A HEM E . -10.69 30.24 -22.77
C2A HEM E . -11.00 31.62 -22.77
C3A HEM E . -12.00 31.83 -21.86
C4A HEM E . -12.26 30.59 -21.26
CMA HEM E . -12.60 33.18 -21.55
CAA HEM E . -10.36 32.67 -23.65
CBA HEM E . -9.12 33.20 -22.95
CGA HEM E . -8.24 34.22 -23.62
O1A HEM E . -7.56 35.07 -22.96
O2A HEM E . -8.15 34.24 -24.87
C1B HEM E . -13.58 29.16 -19.71
C2B HEM E . -14.56 29.02 -18.67
C3B HEM E . -14.71 27.68 -18.55
C4B HEM E . -13.84 27.05 -19.56
CMB HEM E . -15.29 30.10 -17.83
CAB HEM E . -15.46 26.84 -17.63
CBB HEM E . -15.68 27.24 -16.41
C1C HEM E . -12.91 25.02 -20.65
C2C HEM E . -12.83 23.65 -20.82
C3C HEM E . -11.85 23.46 -21.77
C4C HEM E . -11.37 24.73 -22.19
CMC HEM E . -13.61 22.52 -20.10
CAC HEM E . -11.30 22.24 -22.37
CBC HEM E . -11.47 20.99 -21.97
C1D HEM E . -9.92 26.18 -23.49
C2D HEM E . -8.79 26.33 -24.42
C3D HEM E . -8.58 27.64 -24.52
C4D HEM E . -9.60 28.26 -23.67
CMD HEM E . -8.02 25.28 -25.18
CAD HEM E . -7.52 28.30 -25.40
CBD HEM E . -7.87 28.54 -26.86
CGD HEM E . -6.68 29.19 -27.52
O1D HEM E . -5.75 29.76 -26.89
O2D HEM E . -6.65 29.20 -28.77
NA HEM E . -11.44 29.61 -21.79
NB HEM E . -13.15 27.99 -20.16
NC HEM E . -11.97 25.66 -21.39
ND HEM E . -10.32 27.35 -22.95
FE HEM E . -11.67 27.65 -21.57
O2 2OH F . -17.22 35.73 -27.16
C13 2OH F . -18.42 36.41 -27.09
C12 2OH F . -18.69 37.39 -26.17
C11 2OH F . -19.93 38.05 -26.18
C14 2OH F . -19.39 36.14 -28.08
C15 2OH F . -20.60 36.80 -28.08
C4 2OH F . -20.90 37.76 -27.14
C2 2OH F . -22.25 38.48 -27.23
C3 2OH F . -22.38 39.49 -26.10
C5 2OH F . -23.39 37.51 -27.13
C1 2OH F . -22.41 39.29 -28.51
C10 2OH F . -21.45 40.25 -28.78
C9 2OH F . -21.49 41.08 -29.87
C6 2OH F . -23.48 39.14 -29.41
C7 2OH F . -23.52 39.97 -30.54
C8 2OH F . -22.55 40.92 -30.77
O1 2OH F . -22.59 41.71 -31.84
CHA HEM G . -2.31 17.12 21.97
CHB HEM G . -1.81 21.93 22.25
CHC HEM G . 0.50 21.51 26.53
CHD HEM G . 0.12 16.83 26.15
C1A HEM G . -2.43 18.50 21.71
C2A HEM G . -3.15 19.10 20.63
C3A HEM G . -2.98 20.42 20.70
C4A HEM G . -2.15 20.68 21.82
CMA HEM G . -3.54 21.43 19.71
CAA HEM G . -4.00 18.39 19.54
CBA HEM G . -3.22 18.07 18.27
CGA HEM G . -4.14 17.30 17.35
O1A HEM G . -3.80 17.21 16.17
O2A HEM G . -5.22 16.76 17.76
C1B HEM G . -1.12 22.22 23.42
C2B HEM G . -0.76 23.55 23.85
C3B HEM G . -0.07 23.41 25.02
C4B HEM G . -0.04 21.99 25.34
CMB HEM G . -1.00 24.89 23.15
CAB HEM G . 0.43 24.42 25.98
CBB HEM G . 0.05 25.67 26.02
C1C HEM G . 0.59 20.20 26.87
C2C HEM G . 0.92 19.68 28.15
C3C HEM G . 0.85 18.31 28.02
C4C HEM G . 0.37 18.05 26.69
CMC HEM G . 1.39 20.49 29.32
CAC HEM G . 1.09 17.17 28.93
CBC HEM G . 1.34 17.27 30.21
C1D HEM G . -0.51 16.58 24.96
C2D HEM G . -0.68 15.22 24.48
C3D HEM G . -1.40 15.28 23.34
C4D HEM G . -1.60 16.69 23.11
CMD HEM G . -0.25 13.91 25.10
CAD HEM G . -1.82 14.11 22.50
CBD HEM G . -3.26 13.72 22.77
CGD HEM G . -3.77 12.64 21.88
O1D HEM G . -3.42 12.61 20.68
O2D HEM G . -4.59 11.79 22.30
NA HEM G . -1.94 19.50 22.52
NB HEM G . -0.77 21.36 24.41
NC HEM G . 0.07 19.21 26.13
ND HEM G . -1.14 17.47 24.20
FE HEM G . -0.99 19.35 24.33
O2 2OH H . 5.97 10.89 21.13
C13 2OH H . 7.09 10.24 21.59
C12 2OH H . 7.07 9.37 22.69
C11 2OH H . 8.25 8.76 23.12
C14 2OH H . 8.29 10.42 20.92
C15 2OH H . 9.43 9.79 21.33
C4 2OH H . 9.44 8.98 22.45
C2 2OH H . 10.72 8.29 22.83
C3 2OH H . 10.59 7.45 24.10
C5 2OH H . 11.78 9.30 23.16
C1 2OH H . 11.15 7.36 21.69
C10 2OH H . 10.29 6.37 21.25
C9 2OH H . 10.63 5.45 20.26
C6 2OH H . 12.41 7.44 21.08
C7 2OH H . 12.74 6.53 20.07
C8 2OH H . 11.88 5.55 19.66
O1 2OH H . 12.24 4.70 18.68
CHA HEM I . 24.56 -10.76 8.26
CHB HEM I . 27.67 -8.68 11.40
CHC HEM I . 28.75 -12.97 13.20
CHD HEM I . 25.58 -15.00 10.16
C1A HEM I . 25.22 -9.80 9.06
C2A HEM I . 25.05 -8.40 8.97
C3A HEM I . 25.92 -7.83 9.86
C4A HEM I . 26.66 -8.86 10.46
CMA HEM I . 26.02 -6.35 10.10
CAA HEM I . 24.08 -7.68 8.05
CBA HEM I . 24.76 -7.38 6.74
CGA HEM I . 23.98 -6.70 5.66
O1A HEM I . 22.76 -6.87 5.53
O2A HEM I . 24.56 -5.97 4.81
C1B HEM I . 28.30 -9.69 12.13
C2B HEM I . 29.35 -9.44 13.11
C3B HEM I . 29.64 -10.69 13.60
C4B HEM I . 28.73 -11.63 12.94
CMB HEM I . 29.99 -8.08 13.49
CAB HEM I . 30.63 -11.17 14.55
CBB HEM I . 31.79 -10.56 14.57
C1C HEM I . 27.92 -13.93 12.60
C2C HEM I . 27.96 -15.30 12.85
C3C HEM I . 27.08 -15.85 11.94
C4C HEM I . 26.48 -14.81 11.17
CMC HEM I . 28.82 -16.10 13.85
CAC HEM I . 26.67 -17.24 11.72
CBC HEM I . 27.17 -18.33 12.26
C1D HEM I . 25.07 -13.97 9.41
C2D HEM I . 24.18 -14.24 8.26
C3D HEM I . 23.91 -13.08 7.74
C4D HEM I . 24.65 -12.11 8.55
CMD HEM I . 23.55 -15.55 7.80
CAD HEM I . 23.02 -12.83 6.52
CBD HEM I . 21.53 -12.63 6.78
CGD HEM I . 20.87 -12.41 5.40
O1D HEM I . 21.47 -12.05 4.33
O2D HEM I . 19.67 -12.57 5.39
NA HEM I . 26.25 -10.09 9.94
NB HEM I . 28.03 -10.97 12.04
NC HEM I . 27.11 -13.66 11.52
ND HEM I . 25.43 -12.68 9.47
FE HEM I . 26.70 -11.86 10.69
O2 2OH J . 19.93 -3.29 13.96
C13 2OH J . 19.87 -2.32 14.96
C12 2OH J . 18.91 -2.46 15.95
C11 2OH J . 18.78 -1.56 16.97
C14 2OH J . 20.70 -1.20 15.01
C15 2OH J . 20.60 -0.31 16.08
C4 2OH J . 19.63 -0.47 17.06
C2 2OH J . 19.41 0.48 18.22
C3 2OH J . 20.43 1.61 18.32
C5 2OH J . 19.56 -0.31 19.49
C1 2OH J . 18.05 1.14 18.07
C10 2OH J . 17.12 1.11 19.11
C9 2OH J . 15.90 1.74 18.94
C6 2OH J . 17.72 1.78 16.89
C7 2OH J . 16.51 2.42 16.71
C8 2OH J . 15.58 2.39 17.77
O1 2OH J . 14.35 2.96 17.69
CHA HEM K . -12.89 -36.30 -7.10
CHB HEM K . -13.19 -31.84 -8.89
CHC HEM K . -8.81 -32.27 -10.91
CHD HEM K . -8.58 -36.73 -9.32
C1A HEM K . -13.34 -35.00 -7.39
C2A HEM K . -14.48 -34.39 -6.83
C3A HEM K . -14.58 -33.18 -7.36
C4A HEM K . -13.47 -32.99 -8.22
CMA HEM K . -15.70 -32.21 -7.07
CAA HEM K . -15.48 -34.98 -5.83
CBA HEM K . -16.65 -35.70 -6.51
CGA HEM K . -17.53 -36.29 -5.46
O1A HEM K . -17.14 -36.46 -4.26
O2A HEM K . -18.66 -36.67 -5.84
C1B HEM K . -12.05 -31.56 -9.63
C2B HEM K . -11.80 -30.32 -10.33
C3B HEM K . -10.59 -30.50 -10.94
C4B HEM K . -10.09 -31.81 -10.56
CMB HEM K . -12.68 -29.08 -10.48
CAB HEM K . -9.76 -29.54 -11.70
CBB HEM K . -9.92 -28.24 -11.70
C1C HEM K . -8.27 -33.51 -10.65
C2C HEM K . -6.92 -33.90 -10.83
C3C HEM K . -6.88 -35.22 -10.42
C4C HEM K . -8.18 -35.54 -9.88
CMC HEM K . -5.86 -33.07 -11.51
CAC HEM K . -5.78 -36.21 -10.41
CBC HEM K . -4.54 -36.00 -10.75
C1D HEM K . -9.75 -36.96 -8.65
C2D HEM K . -10.09 -38.28 -8.10
C3D HEM K . -11.25 -38.16 -7.46
C4D HEM K . -11.67 -36.77 -7.68
CMD HEM K . -9.33 -39.60 -8.16
CAD HEM K . -11.99 -39.27 -6.75
CBD HEM K . -11.65 -39.25 -5.28
CGD HEM K . -12.37 -40.26 -4.44
O1D HEM K . -13.55 -40.55 -4.73
O2D HEM K . -11.82 -40.73 -3.41
NA HEM K . -12.63 -34.07 -8.08
NB HEM K . -10.95 -32.34 -9.67
NC HEM K . -8.93 -34.41 -9.89
ND HEM K . -10.67 -36.02 -8.29
FE HEM K . -10.78 -34.22 -8.92
O2 2OH L . -14.00 -52.38 -18.01
C13 2OH L . -13.14 -51.37 -17.82
C12 2OH L . -12.57 -51.13 -16.59
C11 2OH L . -11.68 -50.06 -16.46
C14 2OH L . -12.82 -50.56 -18.90
C15 2OH L . -11.93 -49.50 -18.76
C4 2OH L . -11.35 -49.22 -17.51
C2 2OH L . -10.34 -48.08 -17.30
C3 2OH L . -10.12 -47.38 -18.61
C5 2OH L . -9.01 -48.67 -16.91
C1 2OH L . -10.85 -47.12 -16.24
C10 2OH L . -10.23 -46.96 -14.99
C9 2OH L . -10.77 -46.13 -14.02
C6 2OH L . -12.01 -46.40 -16.47
C7 2OH L . -12.53 -45.56 -15.52
C8 2OH L . -11.90 -45.37 -14.28
O1 2OH L . -12.43 -44.53 -13.32
#